data_1JQM
# 
_entry.id   1JQM 
# 
_audit_conform.dict_name       mmcif_pdbx.dic 
_audit_conform.dict_version    5.386 
_audit_conform.dict_location   http://mmcif.pdb.org/dictionaries/ascii/mmcif_pdbx.dic 
# 
loop_
_database_2.database_id 
_database_2.database_code 
_database_2.pdbx_database_accession 
_database_2.pdbx_DOI 
PDB   1JQM         pdb_00001jqm 10.2210/pdb1jqm/pdb 
RCSB  RCSB014074   ?            ?                   
WWPDB D_1000014074 ?            ?                   
# 
loop_
_pdbx_audit_revision_history.ordinal 
_pdbx_audit_revision_history.data_content_type 
_pdbx_audit_revision_history.major_revision 
_pdbx_audit_revision_history.minor_revision 
_pdbx_audit_revision_history.revision_date 
1 'Structure model' 1 0 2001-09-07 
2 'Structure model' 1 1 2008-04-27 
3 'Structure model' 1 2 2011-07-13 
4 'Structure model' 1 3 2024-02-07 
# 
_pdbx_audit_revision_details.ordinal             1 
_pdbx_audit_revision_details.revision_ordinal    1 
_pdbx_audit_revision_details.data_content_type   'Structure model' 
_pdbx_audit_revision_details.provider            repository 
_pdbx_audit_revision_details.type                'Initial release' 
_pdbx_audit_revision_details.description         ? 
_pdbx_audit_revision_details.details             ? 
# 
loop_
_pdbx_audit_revision_group.ordinal 
_pdbx_audit_revision_group.revision_ordinal 
_pdbx_audit_revision_group.data_content_type 
_pdbx_audit_revision_group.group 
1 2 'Structure model' 'Version format compliance' 
2 3 'Structure model' 'Version format compliance' 
3 4 'Structure model' 'Data collection'           
4 4 'Structure model' 'Database references'       
# 
loop_
_pdbx_audit_revision_category.ordinal 
_pdbx_audit_revision_category.revision_ordinal 
_pdbx_audit_revision_category.data_content_type 
_pdbx_audit_revision_category.category 
1 4 'Structure model' chem_comp_atom     
2 4 'Structure model' chem_comp_bond     
3 4 'Structure model' database_2         
4 4 'Structure model' em_image_scans     
5 4 'Structure model' struct_ref_seq_dif 
# 
loop_
_pdbx_audit_revision_item.ordinal 
_pdbx_audit_revision_item.revision_ordinal 
_pdbx_audit_revision_item.data_content_type 
_pdbx_audit_revision_item.item 
1 4 'Structure model' '_database_2.pdbx_DOI'                
2 4 'Structure model' '_database_2.pdbx_database_accession' 
3 4 'Structure model' '_struct_ref_seq_dif.details'         
# 
_pdbx_database_status.status_code                     REL 
_pdbx_database_status.entry_id                        1JQM 
_pdbx_database_status.recvd_initial_deposition_date   2001-08-07 
_pdbx_database_status.deposit_site                    RCSB 
_pdbx_database_status.process_site                    RCSB 
_pdbx_database_status.SG_entry                        . 
_pdbx_database_status.status_code_sf                  ? 
_pdbx_database_status.status_code_mr                  ? 
_pdbx_database_status.pdb_format_compatible           Y 
_pdbx_database_status.status_code_cs                  ? 
_pdbx_database_status.status_code_nmr_data            ? 
_pdbx_database_status.methods_development_category    ? 
# 
_pdbx_database_related.db_name        PDB 
_pdbx_database_related.db_id          1EG0 
_pdbx_database_related.details        
;Fitting Of Components With Known Structure Into An 11.5 A Cryo-Em 
Map Of The E. Coli 70S Ribosome
;
_pdbx_database_related.content_type   unspecified 
# 
loop_
_audit_author.name 
_audit_author.pdbx_ordinal 
'Agrawal, R.K.'  1 
'Linde, J.'      2 
'Segupta, J.'    3 
'Nierhaus, K.H.' 4 
'Frank, J.'      5 
# 
loop_
_citation.id 
_citation.title 
_citation.journal_abbrev 
_citation.journal_volume 
_citation.page_first 
_citation.page_last 
_citation.year 
_citation.journal_id_ASTM 
_citation.country 
_citation.journal_id_ISSN 
_citation.journal_id_CSD 
_citation.book_publisher 
_citation.pdbx_database_id_PubMed 
_citation.pdbx_database_id_DOI 
primary 'Localization of L11 protein on the ribosome and elucidation of its involvement in EF-G-dependent translocation.'     
J.Mol.Biol.             311 777  787  2001 JMOBAK UK 0022-2836 0070 ? 11518530 10.1006/jmbi.2001.4907          
1       'A Detailed View of a Ribosomal Active Site: The Structure of the L11-RNA Complex'                                    
'Cell(Cambridge,Mass.)' 97  491  502  1999 CELLB5 US 0092-8674 0998 ? ?        '10.1016/S0092-8674(00)80759-X' 
2       'The Crystal Structure of Elongation Factor G Complexed with GDP, at 2.7A Resolution.'                                
'Embo J.'               13  3661 3668 1994 EMJODG UK 0261-4189 0897 ? ?        ?                               
3       'Three-dimensional structure of the ribosomal translocase: Elongation factor G from Thermus thermophilus'             
'Embo J.'               13  3669 3677 1994 EMJODG UK 0261-4189 0897 ? ?        ?                               
4       'Structure of a Mutant EF-G Reveals Domain III and Possibly the Fusidic Acid Binding Site'                            
J.Mol.Biol.             303 593  603  2000 JMOBAK UK 0022-2836 0070 ? ?        10.1006/jmbi.2000.4168          
5       'EF-G-dependent GTP hydrolysis induces translocation accompanied by large conformational changes in the 70S ribosome' 
Nat.Struct.Biol.        6   643  647  1999 NSBIEW US 1072-8368 2024 ? ?        10.1038/10695                   
# 
loop_
_citation_author.citation_id 
_citation_author.name 
_citation_author.ordinal 
_citation_author.identifier_ORCID 
primary 'Agrawal, R.K.'    1  ? 
primary 'Linde, J.'        2  ? 
primary 'Sengupta, J.'     3  ? 
primary 'Nierhaus, K.H.'   4  ? 
primary 'Frank, J.'        5  ? 
1       'Wimberly, B.T.'   6  ? 
1       'Guymon, R.'       7  ? 
1       'McCutcheon, J.P.' 8  ? 
1       'White, S.W.'      9  ? 
1       'Ramakrishnan, V.' 10 ? 
2       'Czworkowski, J.'  11 ? 
2       'Wang, J.'         12 ? 
2       'Steitz, T.A.'     13 ? 
2       'Moore, P.B.'      14 ? 
3       'AEvarsson, A.'    15 ? 
3       'Brazhnikov, E.'   16 ? 
3       'Garber, M.'       17 ? 
3       'Zheltonosova, J.' 18 ? 
3       'Chirgadze, Y.'    19 ? 
3       'al-Karadaghi, S.' 20 ? 
3       'Svensson, L.A.'   21 ? 
3       'Liljas, A.'       22 ? 
4       'Laurberg, M.'     23 ? 
4       'Kristensen, O.'   24 ? 
4       'Martemyanov, K.'  25 ? 
4       'Gudkov, A.T.'     26 ? 
4       'Nagaev, I.'       27 ? 
4       'Hughes, D.'       28 ? 
4       'Liljas, A.'       29 ? 
5       'Agrawal, R.K.'    30 ? 
5       'Heagle, A.B.'     31 ? 
5       'Penczek, P.'      32 ? 
5       'Grassucci, R.A.'  33 ? 
5       'Frank, J.'        34 ? 
# 
loop_
_entity.id 
_entity.type 
_entity.src_method 
_entity.pdbx_description 
_entity.formula_weight 
_entity.pdbx_number_of_molecules 
_entity.pdbx_ec 
_entity.pdbx_mutation 
_entity.pdbx_fragment 
_entity.details 
1 polymer nat '50S Ribosomal protein L11' 14865.637 1 ? ? ? 
'L11 from E. coli 70S ribosome modeled by crystal structure of L11 from Thermatogoma maritima'  
2 polymer nat 'Elongation Factor G'       76963.078 1 ? ? ? 
'EF-G from E. coli 70S ribosome modeled by crystal structure of EF-G from Thermus thermophilus' 
# 
_entity_name_com.entity_id   2 
_entity_name_com.name        'EF-G; translation elongation factor EF-G' 
# 
loop_
_entity_poly.entity_id 
_entity_poly.type 
_entity_poly.nstd_linkage 
_entity_poly.nstd_monomer 
_entity_poly.pdbx_seq_one_letter_code 
_entity_poly.pdbx_seq_one_letter_code_can 
_entity_poly.pdbx_strand_id 
_entity_poly.pdbx_target_identifier 
1 'polypeptide(L)' no no 
;AKKVAAQIKLQLPAGKATPAPPVGPALGQHGVNIMEFCKRFNAETADKAGMILPVVITVYEDKSFTFIIKTPPASFLLKK
AAGIEKGSSEPKRKIVGKVTRKQIEEIAKTKMPDLNANSLEAAMKIIEGTAKSMGIEVV
;
;AKKVAAQIKLQLPAGKATPAPPVGPALGQHGVNIMEFCKRFNAETADKAGMILPVVITVYEDKSFTFIIKTPPASFLLKK
AAGIEKGSSEPKRKIVGKVTRKQIEEIAKTKMPDLNANSLEAAMKIIEGTAKSMGIEVV
;
A ? 
2 'polypeptide(L)' no no 
;MAVKVEYDLKRLRNIGIAAHIDAGKTTTTERILYYTGRIHKIGEVHEGAATMDFMEQERERGITITAAVTTCFWKDHRIN
IIDTPGHVDFTIEVERSMRVLDGAIVVFDSSQGVEPQSETVWRQAEKYKVPRIAFANKMDKTGADLWLVIRTMQERLGAR
PVVMQLPIGREDTFSGIIDVLRMKAYTYGNDLGTDIREIPIPEEYLDNAREYHEKLVEVAADFDENIMLKYLEGEEPTEE
ELVAAIRKGTIDLKITPVFLGSALKNKGVQLLLDAVVDYLPSPLDIPPIKGTTPEGEVVEIHPDPNGPLAALAFKIMADP
YVGRLTFIRVYSGTLTSGSYVYNTTKGRKERVARLLRMHANHREEVEELKAGDLGAVVGLKETITGDTLVGEDAPRVILE
SIEVPEPVIDVAIEPKTKADQEKLSQALARLAEEDPTFRVSTHPETGQTIISGMGELHLEIIVDRLKREFKVDANVGKPQ
VAYRETITKPVDVEGKFIRQTGGRGQYGHVKIKVEPLPRGSGFEFVNAIVGGVIPKEYIPAVQKGIEEAMQSGPLIGFPV
VDIKVTLYDGSYHEVDSSEMAFKIAGSMAIKEAVQKGDPVILEPIMRVEVTTPEEYMGDVIGDLNARRGQILGMEPRGNA
QVIRAFVPLAEMFGYATDLRSKTQGRGSFVMFFDHYQEVPKQVQEKLIKGQ
;
;MAVKVEYDLKRLRNIGIAAHIDAGKTTTTERILYYTGRIHKIGEVHEGAATMDFMEQERERGITITAAVTTCFWKDHRIN
IIDTPGHVDFTIEVERSMRVLDGAIVVFDSSQGVEPQSETVWRQAEKYKVPRIAFANKMDKTGADLWLVIRTMQERLGAR
PVVMQLPIGREDTFSGIIDVLRMKAYTYGNDLGTDIREIPIPEEYLDNAREYHEKLVEVAADFDENIMLKYLEGEEPTEE
ELVAAIRKGTIDLKITPVFLGSALKNKGVQLLLDAVVDYLPSPLDIPPIKGTTPEGEVVEIHPDPNGPLAALAFKIMADP
YVGRLTFIRVYSGTLTSGSYVYNTTKGRKERVARLLRMHANHREEVEELKAGDLGAVVGLKETITGDTLVGEDAPRVILE
SIEVPEPVIDVAIEPKTKADQEKLSQALARLAEEDPTFRVSTHPETGQTIISGMGELHLEIIVDRLKREFKVDANVGKPQ
VAYRETITKPVDVEGKFIRQTGGRGQYGHVKIKVEPLPRGSGFEFVNAIVGGVIPKEYIPAVQKGIEEAMQSGPLIGFPV
VDIKVTLYDGSYHEVDSSEMAFKIAGSMAIKEAVQKGDPVILEPIMRVEVTTPEEYMGDVIGDLNARRGQILGMEPRGNA
QVIRAFVPLAEMFGYATDLRSKTQGRGSFVMFFDHYQEVPKQVQEKLIKGQ
;
B ? 
# 
loop_
_entity_poly_seq.entity_id 
_entity_poly_seq.num 
_entity_poly_seq.mon_id 
_entity_poly_seq.hetero 
1 1   ALA n 
1 2   LYS n 
1 3   LYS n 
1 4   VAL n 
1 5   ALA n 
1 6   ALA n 
1 7   GLN n 
1 8   ILE n 
1 9   LYS n 
1 10  LEU n 
1 11  GLN n 
1 12  LEU n 
1 13  PRO n 
1 14  ALA n 
1 15  GLY n 
1 16  LYS n 
1 17  ALA n 
1 18  THR n 
1 19  PRO n 
1 20  ALA n 
1 21  PRO n 
1 22  PRO n 
1 23  VAL n 
1 24  GLY n 
1 25  PRO n 
1 26  ALA n 
1 27  LEU n 
1 28  GLY n 
1 29  GLN n 
1 30  HIS n 
1 31  GLY n 
1 32  VAL n 
1 33  ASN n 
1 34  ILE n 
1 35  MET n 
1 36  GLU n 
1 37  PHE n 
1 38  CYS n 
1 39  LYS n 
1 40  ARG n 
1 41  PHE n 
1 42  ASN n 
1 43  ALA n 
1 44  GLU n 
1 45  THR n 
1 46  ALA n 
1 47  ASP n 
1 48  LYS n 
1 49  ALA n 
1 50  GLY n 
1 51  MET n 
1 52  ILE n 
1 53  LEU n 
1 54  PRO n 
1 55  VAL n 
1 56  VAL n 
1 57  ILE n 
1 58  THR n 
1 59  VAL n 
1 60  TYR n 
1 61  GLU n 
1 62  ASP n 
1 63  LYS n 
1 64  SER n 
1 65  PHE n 
1 66  THR n 
1 67  PHE n 
1 68  ILE n 
1 69  ILE n 
1 70  LYS n 
1 71  THR n 
1 72  PRO n 
1 73  PRO n 
1 74  ALA n 
1 75  SER n 
1 76  PHE n 
1 77  LEU n 
1 78  LEU n 
1 79  LYS n 
1 80  LYS n 
1 81  ALA n 
1 82  ALA n 
1 83  GLY n 
1 84  ILE n 
1 85  GLU n 
1 86  LYS n 
1 87  GLY n 
1 88  SER n 
1 89  SER n 
1 90  GLU n 
1 91  PRO n 
1 92  LYS n 
1 93  ARG n 
1 94  LYS n 
1 95  ILE n 
1 96  VAL n 
1 97  GLY n 
1 98  LYS n 
1 99  VAL n 
1 100 THR n 
1 101 ARG n 
1 102 LYS n 
1 103 GLN n 
1 104 ILE n 
1 105 GLU n 
1 106 GLU n 
1 107 ILE n 
1 108 ALA n 
1 109 LYS n 
1 110 THR n 
1 111 LYS n 
1 112 MET n 
1 113 PRO n 
1 114 ASP n 
1 115 LEU n 
1 116 ASN n 
1 117 ALA n 
1 118 ASN n 
1 119 SER n 
1 120 LEU n 
1 121 GLU n 
1 122 ALA n 
1 123 ALA n 
1 124 MET n 
1 125 LYS n 
1 126 ILE n 
1 127 ILE n 
1 128 GLU n 
1 129 GLY n 
1 130 THR n 
1 131 ALA n 
1 132 LYS n 
1 133 SER n 
1 134 MET n 
1 135 GLY n 
1 136 ILE n 
1 137 GLU n 
1 138 VAL n 
1 139 VAL n 
2 1   MET n 
2 2   ALA n 
2 3   VAL n 
2 4   LYS n 
2 5   VAL n 
2 6   GLU n 
2 7   TYR n 
2 8   ASP n 
2 9   LEU n 
2 10  LYS n 
2 11  ARG n 
2 12  LEU n 
2 13  ARG n 
2 14  ASN n 
2 15  ILE n 
2 16  GLY n 
2 17  ILE n 
2 18  ALA n 
2 19  ALA n 
2 20  HIS n 
2 21  ILE n 
2 22  ASP n 
2 23  ALA n 
2 24  GLY n 
2 25  LYS n 
2 26  THR n 
2 27  THR n 
2 28  THR n 
2 29  THR n 
2 30  GLU n 
2 31  ARG n 
2 32  ILE n 
2 33  LEU n 
2 34  TYR n 
2 35  TYR n 
2 36  THR n 
2 37  GLY n 
2 38  ARG n 
2 39  ILE n 
2 40  HIS n 
2 41  LYS n 
2 42  ILE n 
2 43  GLY n 
2 44  GLU n 
2 45  VAL n 
2 46  HIS n 
2 47  GLU n 
2 48  GLY n 
2 49  ALA n 
2 50  ALA n 
2 51  THR n 
2 52  MET n 
2 53  ASP n 
2 54  PHE n 
2 55  MET n 
2 56  GLU n 
2 57  GLN n 
2 58  GLU n 
2 59  ARG n 
2 60  GLU n 
2 61  ARG n 
2 62  GLY n 
2 63  ILE n 
2 64  THR n 
2 65  ILE n 
2 66  THR n 
2 67  ALA n 
2 68  ALA n 
2 69  VAL n 
2 70  THR n 
2 71  THR n 
2 72  CYS n 
2 73  PHE n 
2 74  TRP n 
2 75  LYS n 
2 76  ASP n 
2 77  HIS n 
2 78  ARG n 
2 79  ILE n 
2 80  ASN n 
2 81  ILE n 
2 82  ILE n 
2 83  ASP n 
2 84  THR n 
2 85  PRO n 
2 86  GLY n 
2 87  HIS n 
2 88  VAL n 
2 89  ASP n 
2 90  PHE n 
2 91  THR n 
2 92  ILE n 
2 93  GLU n 
2 94  VAL n 
2 95  GLU n 
2 96  ARG n 
2 97  SER n 
2 98  MET n 
2 99  ARG n 
2 100 VAL n 
2 101 LEU n 
2 102 ASP n 
2 103 GLY n 
2 104 ALA n 
2 105 ILE n 
2 106 VAL n 
2 107 VAL n 
2 108 PHE n 
2 109 ASP n 
2 110 SER n 
2 111 SER n 
2 112 GLN n 
2 113 GLY n 
2 114 VAL n 
2 115 GLU n 
2 116 PRO n 
2 117 GLN n 
2 118 SER n 
2 119 GLU n 
2 120 THR n 
2 121 VAL n 
2 122 TRP n 
2 123 ARG n 
2 124 GLN n 
2 125 ALA n 
2 126 GLU n 
2 127 LYS n 
2 128 TYR n 
2 129 LYS n 
2 130 VAL n 
2 131 PRO n 
2 132 ARG n 
2 133 ILE n 
2 134 ALA n 
2 135 PHE n 
2 136 ALA n 
2 137 ASN n 
2 138 LYS n 
2 139 MET n 
2 140 ASP n 
2 141 LYS n 
2 142 THR n 
2 143 GLY n 
2 144 ALA n 
2 145 ASP n 
2 146 LEU n 
2 147 TRP n 
2 148 LEU n 
2 149 VAL n 
2 150 ILE n 
2 151 ARG n 
2 152 THR n 
2 153 MET n 
2 154 GLN n 
2 155 GLU n 
2 156 ARG n 
2 157 LEU n 
2 158 GLY n 
2 159 ALA n 
2 160 ARG n 
2 161 PRO n 
2 162 VAL n 
2 163 VAL n 
2 164 MET n 
2 165 GLN n 
2 166 LEU n 
2 167 PRO n 
2 168 ILE n 
2 169 GLY n 
2 170 ARG n 
2 171 GLU n 
2 172 ASP n 
2 173 THR n 
2 174 PHE n 
2 175 SER n 
2 176 GLY n 
2 177 ILE n 
2 178 ILE n 
2 179 ASP n 
2 180 VAL n 
2 181 LEU n 
2 182 ARG n 
2 183 MET n 
2 184 LYS n 
2 185 ALA n 
2 186 TYR n 
2 187 THR n 
2 188 TYR n 
2 189 GLY n 
2 190 ASN n 
2 191 ASP n 
2 192 LEU n 
2 193 GLY n 
2 194 THR n 
2 195 ASP n 
2 196 ILE n 
2 197 ARG n 
2 198 GLU n 
2 199 ILE n 
2 200 PRO n 
2 201 ILE n 
2 202 PRO n 
2 203 GLU n 
2 204 GLU n 
2 205 TYR n 
2 206 LEU n 
2 207 ASP n 
2 208 ASN n 
2 209 ALA n 
2 210 ARG n 
2 211 GLU n 
2 212 TYR n 
2 213 HIS n 
2 214 GLU n 
2 215 LYS n 
2 216 LEU n 
2 217 VAL n 
2 218 GLU n 
2 219 VAL n 
2 220 ALA n 
2 221 ALA n 
2 222 ASP n 
2 223 PHE n 
2 224 ASP n 
2 225 GLU n 
2 226 ASN n 
2 227 ILE n 
2 228 MET n 
2 229 LEU n 
2 230 LYS n 
2 231 TYR n 
2 232 LEU n 
2 233 GLU n 
2 234 GLY n 
2 235 GLU n 
2 236 GLU n 
2 237 PRO n 
2 238 THR n 
2 239 GLU n 
2 240 GLU n 
2 241 GLU n 
2 242 LEU n 
2 243 VAL n 
2 244 ALA n 
2 245 ALA n 
2 246 ILE n 
2 247 ARG n 
2 248 LYS n 
2 249 GLY n 
2 250 THR n 
2 251 ILE n 
2 252 ASP n 
2 253 LEU n 
2 254 LYS n 
2 255 ILE n 
2 256 THR n 
2 257 PRO n 
2 258 VAL n 
2 259 PHE n 
2 260 LEU n 
2 261 GLY n 
2 262 SER n 
2 263 ALA n 
2 264 LEU n 
2 265 LYS n 
2 266 ASN n 
2 267 LYS n 
2 268 GLY n 
2 269 VAL n 
2 270 GLN n 
2 271 LEU n 
2 272 LEU n 
2 273 LEU n 
2 274 ASP n 
2 275 ALA n 
2 276 VAL n 
2 277 VAL n 
2 278 ASP n 
2 279 TYR n 
2 280 LEU n 
2 281 PRO n 
2 282 SER n 
2 283 PRO n 
2 284 LEU n 
2 285 ASP n 
2 286 ILE n 
2 287 PRO n 
2 288 PRO n 
2 289 ILE n 
2 290 LYS n 
2 291 GLY n 
2 292 THR n 
2 293 THR n 
2 294 PRO n 
2 295 GLU n 
2 296 GLY n 
2 297 GLU n 
2 298 VAL n 
2 299 VAL n 
2 300 GLU n 
2 301 ILE n 
2 302 HIS n 
2 303 PRO n 
2 304 ASP n 
2 305 PRO n 
2 306 ASN n 
2 307 GLY n 
2 308 PRO n 
2 309 LEU n 
2 310 ALA n 
2 311 ALA n 
2 312 LEU n 
2 313 ALA n 
2 314 PHE n 
2 315 LYS n 
2 316 ILE n 
2 317 MET n 
2 318 ALA n 
2 319 ASP n 
2 320 PRO n 
2 321 TYR n 
2 322 VAL n 
2 323 GLY n 
2 324 ARG n 
2 325 LEU n 
2 326 THR n 
2 327 PHE n 
2 328 ILE n 
2 329 ARG n 
2 330 VAL n 
2 331 TYR n 
2 332 SER n 
2 333 GLY n 
2 334 THR n 
2 335 LEU n 
2 336 THR n 
2 337 SER n 
2 338 GLY n 
2 339 SER n 
2 340 TYR n 
2 341 VAL n 
2 342 TYR n 
2 343 ASN n 
2 344 THR n 
2 345 THR n 
2 346 LYS n 
2 347 GLY n 
2 348 ARG n 
2 349 LYS n 
2 350 GLU n 
2 351 ARG n 
2 352 VAL n 
2 353 ALA n 
2 354 ARG n 
2 355 LEU n 
2 356 LEU n 
2 357 ARG n 
2 358 MET n 
2 359 HIS n 
2 360 ALA n 
2 361 ASN n 
2 362 HIS n 
2 363 ARG n 
2 364 GLU n 
2 365 GLU n 
2 366 VAL n 
2 367 GLU n 
2 368 GLU n 
2 369 LEU n 
2 370 LYS n 
2 371 ALA n 
2 372 GLY n 
2 373 ASP n 
2 374 LEU n 
2 375 GLY n 
2 376 ALA n 
2 377 VAL n 
2 378 VAL n 
2 379 GLY n 
2 380 LEU n 
2 381 LYS n 
2 382 GLU n 
2 383 THR n 
2 384 ILE n 
2 385 THR n 
2 386 GLY n 
2 387 ASP n 
2 388 THR n 
2 389 LEU n 
2 390 VAL n 
2 391 GLY n 
2 392 GLU n 
2 393 ASP n 
2 394 ALA n 
2 395 PRO n 
2 396 ARG n 
2 397 VAL n 
2 398 ILE n 
2 399 LEU n 
2 400 GLU n 
2 401 SER n 
2 402 ILE n 
2 403 GLU n 
2 404 VAL n 
2 405 PRO n 
2 406 GLU n 
2 407 PRO n 
2 408 VAL n 
2 409 ILE n 
2 410 ASP n 
2 411 VAL n 
2 412 ALA n 
2 413 ILE n 
2 414 GLU n 
2 415 PRO n 
2 416 LYS n 
2 417 THR n 
2 418 LYS n 
2 419 ALA n 
2 420 ASP n 
2 421 GLN n 
2 422 GLU n 
2 423 LYS n 
2 424 LEU n 
2 425 SER n 
2 426 GLN n 
2 427 ALA n 
2 428 LEU n 
2 429 ALA n 
2 430 ARG n 
2 431 LEU n 
2 432 ALA n 
2 433 GLU n 
2 434 GLU n 
2 435 ASP n 
2 436 PRO n 
2 437 THR n 
2 438 PHE n 
2 439 ARG n 
2 440 VAL n 
2 441 SER n 
2 442 THR n 
2 443 HIS n 
2 444 PRO n 
2 445 GLU n 
2 446 THR n 
2 447 GLY n 
2 448 GLN n 
2 449 THR n 
2 450 ILE n 
2 451 ILE n 
2 452 SER n 
2 453 GLY n 
2 454 MET n 
2 455 GLY n 
2 456 GLU n 
2 457 LEU n 
2 458 HIS n 
2 459 LEU n 
2 460 GLU n 
2 461 ILE n 
2 462 ILE n 
2 463 VAL n 
2 464 ASP n 
2 465 ARG n 
2 466 LEU n 
2 467 LYS n 
2 468 ARG n 
2 469 GLU n 
2 470 PHE n 
2 471 LYS n 
2 472 VAL n 
2 473 ASP n 
2 474 ALA n 
2 475 ASN n 
2 476 VAL n 
2 477 GLY n 
2 478 LYS n 
2 479 PRO n 
2 480 GLN n 
2 481 VAL n 
2 482 ALA n 
2 483 TYR n 
2 484 ARG n 
2 485 GLU n 
2 486 THR n 
2 487 ILE n 
2 488 THR n 
2 489 LYS n 
2 490 PRO n 
2 491 VAL n 
2 492 ASP n 
2 493 VAL n 
2 494 GLU n 
2 495 GLY n 
2 496 LYS n 
2 497 PHE n 
2 498 ILE n 
2 499 ARG n 
2 500 GLN n 
2 501 THR n 
2 502 GLY n 
2 503 GLY n 
2 504 ARG n 
2 505 GLY n 
2 506 GLN n 
2 507 TYR n 
2 508 GLY n 
2 509 HIS n 
2 510 VAL n 
2 511 LYS n 
2 512 ILE n 
2 513 LYS n 
2 514 VAL n 
2 515 GLU n 
2 516 PRO n 
2 517 LEU n 
2 518 PRO n 
2 519 ARG n 
2 520 GLY n 
2 521 SER n 
2 522 GLY n 
2 523 PHE n 
2 524 GLU n 
2 525 PHE n 
2 526 VAL n 
2 527 ASN n 
2 528 ALA n 
2 529 ILE n 
2 530 VAL n 
2 531 GLY n 
2 532 GLY n 
2 533 VAL n 
2 534 ILE n 
2 535 PRO n 
2 536 LYS n 
2 537 GLU n 
2 538 TYR n 
2 539 ILE n 
2 540 PRO n 
2 541 ALA n 
2 542 VAL n 
2 543 GLN n 
2 544 LYS n 
2 545 GLY n 
2 546 ILE n 
2 547 GLU n 
2 548 GLU n 
2 549 ALA n 
2 550 MET n 
2 551 GLN n 
2 552 SER n 
2 553 GLY n 
2 554 PRO n 
2 555 LEU n 
2 556 ILE n 
2 557 GLY n 
2 558 PHE n 
2 559 PRO n 
2 560 VAL n 
2 561 VAL n 
2 562 ASP n 
2 563 ILE n 
2 564 LYS n 
2 565 VAL n 
2 566 THR n 
2 567 LEU n 
2 568 TYR n 
2 569 ASP n 
2 570 GLY n 
2 571 SER n 
2 572 TYR n 
2 573 HIS n 
2 574 GLU n 
2 575 VAL n 
2 576 ASP n 
2 577 SER n 
2 578 SER n 
2 579 GLU n 
2 580 MET n 
2 581 ALA n 
2 582 PHE n 
2 583 LYS n 
2 584 ILE n 
2 585 ALA n 
2 586 GLY n 
2 587 SER n 
2 588 MET n 
2 589 ALA n 
2 590 ILE n 
2 591 LYS n 
2 592 GLU n 
2 593 ALA n 
2 594 VAL n 
2 595 GLN n 
2 596 LYS n 
2 597 GLY n 
2 598 ASP n 
2 599 PRO n 
2 600 VAL n 
2 601 ILE n 
2 602 LEU n 
2 603 GLU n 
2 604 PRO n 
2 605 ILE n 
2 606 MET n 
2 607 ARG n 
2 608 VAL n 
2 609 GLU n 
2 610 VAL n 
2 611 THR n 
2 612 THR n 
2 613 PRO n 
2 614 GLU n 
2 615 GLU n 
2 616 TYR n 
2 617 MET n 
2 618 GLY n 
2 619 ASP n 
2 620 VAL n 
2 621 ILE n 
2 622 GLY n 
2 623 ASP n 
2 624 LEU n 
2 625 ASN n 
2 626 ALA n 
2 627 ARG n 
2 628 ARG n 
2 629 GLY n 
2 630 GLN n 
2 631 ILE n 
2 632 LEU n 
2 633 GLY n 
2 634 MET n 
2 635 GLU n 
2 636 PRO n 
2 637 ARG n 
2 638 GLY n 
2 639 ASN n 
2 640 ALA n 
2 641 GLN n 
2 642 VAL n 
2 643 ILE n 
2 644 ARG n 
2 645 ALA n 
2 646 PHE n 
2 647 VAL n 
2 648 PRO n 
2 649 LEU n 
2 650 ALA n 
2 651 GLU n 
2 652 MET n 
2 653 PHE n 
2 654 GLY n 
2 655 TYR n 
2 656 ALA n 
2 657 THR n 
2 658 ASP n 
2 659 LEU n 
2 660 ARG n 
2 661 SER n 
2 662 LYS n 
2 663 THR n 
2 664 GLN n 
2 665 GLY n 
2 666 ARG n 
2 667 GLY n 
2 668 SER n 
2 669 PHE n 
2 670 VAL n 
2 671 MET n 
2 672 PHE n 
2 673 PHE n 
2 674 ASP n 
2 675 HIS n 
2 676 TYR n 
2 677 GLN n 
2 678 GLU n 
2 679 VAL n 
2 680 PRO n 
2 681 LYS n 
2 682 GLN n 
2 683 VAL n 
2 684 GLN n 
2 685 GLU n 
2 686 LYS n 
2 687 LEU n 
2 688 ILE n 
2 689 LYS n 
2 690 GLY n 
2 691 GLN n 
# 
loop_
_entity_src_nat.entity_id 
_entity_src_nat.pdbx_src_id 
_entity_src_nat.pdbx_alt_source_flag 
_entity_src_nat.pdbx_beg_seq_num 
_entity_src_nat.pdbx_end_seq_num 
_entity_src_nat.common_name 
_entity_src_nat.pdbx_organism_scientific 
_entity_src_nat.pdbx_ncbi_taxonomy_id 
_entity_src_nat.genus 
_entity_src_nat.species 
_entity_src_nat.strain 
_entity_src_nat.tissue 
_entity_src_nat.tissue_fraction 
_entity_src_nat.pdbx_secretion 
_entity_src_nat.pdbx_fragment 
_entity_src_nat.pdbx_variant 
_entity_src_nat.pdbx_cell_line 
_entity_src_nat.pdbx_atcc 
_entity_src_nat.pdbx_cellular_location 
_entity_src_nat.pdbx_organ 
_entity_src_nat.pdbx_organelle 
_entity_src_nat.pdbx_cell 
_entity_src_nat.pdbx_plasmid_name 
_entity_src_nat.pdbx_plasmid_details 
_entity_src_nat.details 
1 1 sample ? ? ? 'Escherichia coli' 562 Escherichia ? ? ? ? ? ? ? ? ? ? ? ? ? ? ? ? 
2 1 sample ? ? ? 'Escherichia coli' 562 Escherichia ? ? ? ? ? ? ? ? ? ? ? ? ? ? ? ? 
# 
loop_
_chem_comp.id 
_chem_comp.type 
_chem_comp.mon_nstd_flag 
_chem_comp.name 
_chem_comp.pdbx_synonyms 
_chem_comp.formula 
_chem_comp.formula_weight 
ALA 'L-peptide linking' y ALANINE         ? 'C3 H7 N O2'     89.093  
ARG 'L-peptide linking' y ARGININE        ? 'C6 H15 N4 O2 1' 175.209 
ASN 'L-peptide linking' y ASPARAGINE      ? 'C4 H8 N2 O3'    132.118 
ASP 'L-peptide linking' y 'ASPARTIC ACID' ? 'C4 H7 N O4'     133.103 
CYS 'L-peptide linking' y CYSTEINE        ? 'C3 H7 N O2 S'   121.158 
GLN 'L-peptide linking' y GLUTAMINE       ? 'C5 H10 N2 O3'   146.144 
GLU 'L-peptide linking' y 'GLUTAMIC ACID' ? 'C5 H9 N O4'     147.129 
GLY 'peptide linking'   y GLYCINE         ? 'C2 H5 N O2'     75.067  
HIS 'L-peptide linking' y HISTIDINE       ? 'C6 H10 N3 O2 1' 156.162 
ILE 'L-peptide linking' y ISOLEUCINE      ? 'C6 H13 N O2'    131.173 
LEU 'L-peptide linking' y LEUCINE         ? 'C6 H13 N O2'    131.173 
LYS 'L-peptide linking' y LYSINE          ? 'C6 H15 N2 O2 1' 147.195 
MET 'L-peptide linking' y METHIONINE      ? 'C5 H11 N O2 S'  149.211 
PHE 'L-peptide linking' y PHENYLALANINE   ? 'C9 H11 N O2'    165.189 
PRO 'L-peptide linking' y PROLINE         ? 'C5 H9 N O2'     115.130 
SER 'L-peptide linking' y SERINE          ? 'C3 H7 N O3'     105.093 
THR 'L-peptide linking' y THREONINE       ? 'C4 H9 N O3'     119.119 
TRP 'L-peptide linking' y TRYPTOPHAN      ? 'C11 H12 N2 O2'  204.225 
TYR 'L-peptide linking' y TYROSINE        ? 'C9 H11 N O3'    181.189 
VAL 'L-peptide linking' y VALINE          ? 'C5 H11 N O2'    117.146 
# 
loop_
_pdbx_poly_seq_scheme.asym_id 
_pdbx_poly_seq_scheme.entity_id 
_pdbx_poly_seq_scheme.seq_id 
_pdbx_poly_seq_scheme.mon_id 
_pdbx_poly_seq_scheme.ndb_seq_num 
_pdbx_poly_seq_scheme.pdb_seq_num 
_pdbx_poly_seq_scheme.auth_seq_num 
_pdbx_poly_seq_scheme.pdb_mon_id 
_pdbx_poly_seq_scheme.auth_mon_id 
_pdbx_poly_seq_scheme.pdb_strand_id 
_pdbx_poly_seq_scheme.pdb_ins_code 
_pdbx_poly_seq_scheme.hetero 
A 1 1   ALA 1   -5  ?   ?   ?   A . n 
A 1 2   LYS 2   -4  ?   ?   ?   A . n 
A 1 3   LYS 3   -3  ?   ?   ?   A . n 
A 1 4   VAL 4   -2  ?   ?   ?   A . n 
A 1 5   ALA 5   -1  ?   ?   ?   A . n 
A 1 6   ALA 6   0   ?   ?   ?   A . n 
A 1 7   GLN 7   1   1   GLN GLN A . n 
A 1 8   ILE 8   2   2   ILE ILE A . n 
A 1 9   LYS 9   3   3   LYS LYS A . n 
A 1 10  LEU 10  4   4   LEU LEU A . n 
A 1 11  GLN 11  5   5   GLN GLN A . n 
A 1 12  LEU 12  6   6   LEU LEU A . n 
A 1 13  PRO 13  7   7   PRO PRO A . n 
A 1 14  ALA 14  8   8   ALA ALA A . n 
A 1 15  GLY 15  9   9   GLY GLY A . n 
A 1 16  LYS 16  10  10  LYS LYS A . n 
A 1 17  ALA 17  11  11  ALA ALA A . n 
A 1 18  THR 18  12  12  THR THR A . n 
A 1 19  PRO 19  13  13  PRO PRO A . n 
A 1 20  ALA 20  14  14  ALA ALA A . n 
A 1 21  PRO 21  15  15  PRO PRO A . n 
A 1 22  PRO 22  16  16  PRO PRO A . n 
A 1 23  VAL 23  17  17  VAL VAL A . n 
A 1 24  GLY 24  18  18  GLY GLY A . n 
A 1 25  PRO 25  19  19  PRO PRO A . n 
A 1 26  ALA 26  20  20  ALA ALA A . n 
A 1 27  LEU 27  21  21  LEU LEU A . n 
A 1 28  GLY 28  22  22  GLY GLY A . n 
A 1 29  GLN 29  23  23  GLN GLN A . n 
A 1 30  HIS 30  24  24  HIS HIS A . n 
A 1 31  GLY 31  25  25  GLY GLY A . n 
A 1 32  VAL 32  26  26  VAL VAL A . n 
A 1 33  ASN 33  27  27  ASN ASN A . n 
A 1 34  ILE 34  28  28  ILE ILE A . n 
A 1 35  MET 35  29  29  MET MET A . n 
A 1 36  GLU 36  30  30  GLU GLU A . n 
A 1 37  PHE 37  31  31  PHE PHE A . n 
A 1 38  CYS 38  32  32  CYS CYS A . n 
A 1 39  LYS 39  33  33  LYS LYS A . n 
A 1 40  ARG 40  34  34  ARG ARG A . n 
A 1 41  PHE 41  35  35  PHE PHE A . n 
A 1 42  ASN 42  36  36  ASN ASN A . n 
A 1 43  ALA 43  37  37  ALA ALA A . n 
A 1 44  GLU 44  38  38  GLU GLU A . n 
A 1 45  THR 45  39  39  THR THR A . n 
A 1 46  ALA 46  40  40  ALA ALA A . n 
A 1 47  ASP 47  41  41  ASP ASP A . n 
A 1 48  LYS 48  42  42  LYS LYS A . n 
A 1 49  ALA 49  43  43  ALA ALA A . n 
A 1 50  GLY 50  44  44  GLY GLY A . n 
A 1 51  MET 51  45  45  MET MET A . n 
A 1 52  ILE 52  46  46  ILE ILE A . n 
A 1 53  LEU 53  47  47  LEU LEU A . n 
A 1 54  PRO 54  48  48  PRO PRO A . n 
A 1 55  VAL 55  49  49  VAL VAL A . n 
A 1 56  VAL 56  50  50  VAL VAL A . n 
A 1 57  ILE 57  51  51  ILE ILE A . n 
A 1 58  THR 58  52  52  THR THR A . n 
A 1 59  VAL 59  53  53  VAL VAL A . n 
A 1 60  TYR 60  54  54  TYR TYR A . n 
A 1 61  GLU 61  55  55  GLU GLU A . n 
A 1 62  ASP 62  56  56  ASP ASP A . n 
A 1 63  LYS 63  57  57  LYS LYS A . n 
A 1 64  SER 64  58  58  SER SER A . n 
A 1 65  PHE 65  59  59  PHE PHE A . n 
A 1 66  THR 66  60  60  THR THR A . n 
A 1 67  PHE 67  61  61  PHE PHE A . n 
A 1 68  ILE 68  62  62  ILE ILE A . n 
A 1 69  ILE 69  63  63  ILE ILE A . n 
A 1 70  LYS 70  64  64  LYS LYS A . n 
A 1 71  THR 71  65  65  THR THR A . n 
A 1 72  PRO 72  66  66  PRO PRO A . n 
A 1 73  PRO 73  67  67  PRO PRO A . n 
A 1 74  ALA 74  68  68  ALA ALA A . n 
A 1 75  SER 75  69  69  SER SER A . n 
A 1 76  PHE 76  70  70  PHE PHE A . n 
A 1 77  LEU 77  71  71  LEU LEU A . n 
A 1 78  LEU 78  72  72  LEU LEU A . n 
A 1 79  LYS 79  73  73  LYS LYS A . n 
A 1 80  LYS 80  74  74  LYS LYS A . n 
A 1 81  ALA 81  75  75  ALA ALA A . n 
A 1 82  ALA 82  76  76  ALA ALA A . n 
A 1 83  GLY 83  77  77  GLY GLY A . n 
A 1 84  ILE 84  78  78  ILE ILE A . n 
A 1 85  GLU 85  79  79  GLU GLU A . n 
A 1 86  LYS 86  80  80  LYS LYS A . n 
A 1 87  GLY 87  81  81  GLY GLY A . n 
A 1 88  SER 88  82  82  SER SER A . n 
A 1 89  SER 89  83  83  SER SER A . n 
A 1 90  GLU 90  84  84  GLU GLU A . n 
A 1 91  PRO 91  85  85  PRO PRO A . n 
A 1 92  LYS 92  86  86  LYS LYS A . n 
A 1 93  ARG 93  87  87  ARG ARG A . n 
A 1 94  LYS 94  88  88  LYS LYS A . n 
A 1 95  ILE 95  89  89  ILE ILE A . n 
A 1 96  VAL 96  90  90  VAL VAL A . n 
A 1 97  GLY 97  91  91  GLY GLY A . n 
A 1 98  LYS 98  92  92  LYS LYS A . n 
A 1 99  VAL 99  93  93  VAL VAL A . n 
A 1 100 THR 100 94  94  THR THR A . n 
A 1 101 ARG 101 95  95  ARG ARG A . n 
A 1 102 LYS 102 96  96  LYS LYS A . n 
A 1 103 GLN 103 97  97  GLN GLN A . n 
A 1 104 ILE 104 98  98  ILE ILE A . n 
A 1 105 GLU 105 99  99  GLU GLU A . n 
A 1 106 GLU 106 100 100 GLU GLU A . n 
A 1 107 ILE 107 101 101 ILE ILE A . n 
A 1 108 ALA 108 102 102 ALA ALA A . n 
A 1 109 LYS 109 103 103 LYS LYS A . n 
A 1 110 THR 110 104 104 THR THR A . n 
A 1 111 LYS 111 105 105 LYS LYS A . n 
A 1 112 MET 112 106 106 MET MET A . n 
A 1 113 PRO 113 107 107 PRO PRO A . n 
A 1 114 ASP 114 108 108 ASP ASP A . n 
A 1 115 LEU 115 109 109 LEU LEU A . n 
A 1 116 ASN 116 110 110 ASN ASN A . n 
A 1 117 ALA 117 111 111 ALA ALA A . n 
A 1 118 ASN 118 112 112 ASN ASN A . n 
A 1 119 SER 119 113 113 SER SER A . n 
A 1 120 LEU 120 114 114 LEU LEU A . n 
A 1 121 GLU 121 115 115 GLU GLU A . n 
A 1 122 ALA 122 116 116 ALA ALA A . n 
A 1 123 ALA 123 117 117 ALA ALA A . n 
A 1 124 MET 124 118 118 MET MET A . n 
A 1 125 LYS 125 119 119 LYS LYS A . n 
A 1 126 ILE 126 120 120 ILE ILE A . n 
A 1 127 ILE 127 121 121 ILE ILE A . n 
A 1 128 GLU 128 122 122 GLU GLU A . n 
A 1 129 GLY 129 123 123 GLY GLY A . n 
A 1 130 THR 130 124 124 THR THR A . n 
A 1 131 ALA 131 125 125 ALA ALA A . n 
A 1 132 LYS 132 126 126 LYS LYS A . n 
A 1 133 SER 133 127 127 SER SER A . n 
A 1 134 MET 134 128 128 MET MET A . n 
A 1 135 GLY 135 129 129 GLY GLY A . n 
A 1 136 ILE 136 130 130 ILE ILE A . n 
A 1 137 GLU 137 131 131 GLU GLU A . n 
A 1 138 VAL 138 132 132 VAL VAL A . n 
A 1 139 VAL 139 133 133 VAL VAL A . n 
B 2 1   MET 1   1   1   MET MET B . n 
B 2 2   ALA 2   2   2   ALA ALA B . n 
B 2 3   VAL 3   3   3   VAL VAL B . n 
B 2 4   LYS 4   4   4   LYS LYS B . n 
B 2 5   VAL 5   5   5   VAL VAL B . n 
B 2 6   GLU 6   6   6   GLU GLU B . n 
B 2 7   TYR 7   7   7   TYR TYR B . n 
B 2 8   ASP 8   8   8   ASP ASP B . n 
B 2 9   LEU 9   9   9   LEU LEU B . n 
B 2 10  LYS 10  10  10  LYS LYS B . n 
B 2 11  ARG 11  11  11  ARG ARG B . n 
B 2 12  LEU 12  12  12  LEU LEU B . n 
B 2 13  ARG 13  13  13  ARG ARG B . n 
B 2 14  ASN 14  14  14  ASN ASN B . n 
B 2 15  ILE 15  15  15  ILE ILE B . n 
B 2 16  GLY 16  16  16  GLY GLY B . n 
B 2 17  ILE 17  17  17  ILE ILE B . n 
B 2 18  ALA 18  18  18  ALA ALA B . n 
B 2 19  ALA 19  19  19  ALA ALA B . n 
B 2 20  HIS 20  20  20  HIS HIS B . n 
B 2 21  ILE 21  21  21  ILE ILE B . n 
B 2 22  ASP 22  22  22  ASP ASP B . n 
B 2 23  ALA 23  23  23  ALA ALA B . n 
B 2 24  GLY 24  24  24  GLY GLY B . n 
B 2 25  LYS 25  25  25  LYS LYS B . n 
B 2 26  THR 26  26  26  THR THR B . n 
B 2 27  THR 27  27  27  THR THR B . n 
B 2 28  THR 28  28  28  THR THR B . n 
B 2 29  THR 29  29  29  THR THR B . n 
B 2 30  GLU 30  30  30  GLU GLU B . n 
B 2 31  ARG 31  31  31  ARG ARG B . n 
B 2 32  ILE 32  32  32  ILE ILE B . n 
B 2 33  LEU 33  33  33  LEU LEU B . n 
B 2 34  TYR 34  34  34  TYR TYR B . n 
B 2 35  TYR 35  35  35  TYR TYR B . n 
B 2 36  THR 36  36  36  THR THR B . n 
B 2 37  GLY 37  37  37  GLY GLY B . n 
B 2 38  ARG 38  38  38  ARG ARG B . n 
B 2 39  ILE 39  39  39  ILE ILE B . n 
B 2 40  HIS 40  40  40  HIS HIS B . n 
B 2 41  LYS 41  41  41  LYS LYS B . n 
B 2 42  ILE 42  42  42  ILE ILE B . n 
B 2 43  GLY 43  43  43  GLY GLY B . n 
B 2 44  GLU 44  44  44  GLU GLU B . n 
B 2 45  VAL 45  45  45  VAL VAL B . n 
B 2 46  HIS 46  46  46  HIS HIS B . n 
B 2 47  GLU 47  47  47  GLU GLU B . n 
B 2 48  GLY 48  48  48  GLY GLY B . n 
B 2 49  ALA 49  49  49  ALA ALA B . n 
B 2 50  ALA 50  50  50  ALA ALA B . n 
B 2 51  THR 51  51  51  THR THR B . n 
B 2 52  MET 52  52  52  MET MET B . n 
B 2 53  ASP 53  53  53  ASP ASP B . n 
B 2 54  PHE 54  54  54  PHE PHE B . n 
B 2 55  MET 55  55  55  MET MET B . n 
B 2 56  GLU 56  56  56  GLU GLU B . n 
B 2 57  GLN 57  57  57  GLN GLN B . n 
B 2 58  GLU 58  58  58  GLU GLU B . n 
B 2 59  ARG 59  59  59  ARG ARG B . n 
B 2 60  GLU 60  60  60  GLU GLU B . n 
B 2 61  ARG 61  61  61  ARG ARG B . n 
B 2 62  GLY 62  62  62  GLY GLY B . n 
B 2 63  ILE 63  63  63  ILE ILE B . n 
B 2 64  THR 64  64  64  THR THR B . n 
B 2 65  ILE 65  65  65  ILE ILE B . n 
B 2 66  THR 66  66  66  THR THR B . n 
B 2 67  ALA 67  67  67  ALA ALA B . n 
B 2 68  ALA 68  68  68  ALA ALA B . n 
B 2 69  VAL 69  69  69  VAL VAL B . n 
B 2 70  THR 70  70  70  THR THR B . n 
B 2 71  THR 71  71  71  THR THR B . n 
B 2 72  CYS 72  72  72  CYS CYS B . n 
B 2 73  PHE 73  73  73  PHE PHE B . n 
B 2 74  TRP 74  74  74  TRP TRP B . n 
B 2 75  LYS 75  75  75  LYS LYS B . n 
B 2 76  ASP 76  76  76  ASP ASP B . n 
B 2 77  HIS 77  77  77  HIS HIS B . n 
B 2 78  ARG 78  78  78  ARG ARG B . n 
B 2 79  ILE 79  79  79  ILE ILE B . n 
B 2 80  ASN 80  80  80  ASN ASN B . n 
B 2 81  ILE 81  81  81  ILE ILE B . n 
B 2 82  ILE 82  82  82  ILE ILE B . n 
B 2 83  ASP 83  83  83  ASP ASP B . n 
B 2 84  THR 84  84  84  THR THR B . n 
B 2 85  PRO 85  85  85  PRO PRO B . n 
B 2 86  GLY 86  86  86  GLY GLY B . n 
B 2 87  HIS 87  87  87  HIS HIS B . n 
B 2 88  VAL 88  88  88  VAL VAL B . n 
B 2 89  ASP 89  89  89  ASP ASP B . n 
B 2 90  PHE 90  90  90  PHE PHE B . n 
B 2 91  THR 91  91  91  THR THR B . n 
B 2 92  ILE 92  92  92  ILE ILE B . n 
B 2 93  GLU 93  93  93  GLU GLU B . n 
B 2 94  VAL 94  94  94  VAL VAL B . n 
B 2 95  GLU 95  95  95  GLU GLU B . n 
B 2 96  ARG 96  96  96  ARG ARG B . n 
B 2 97  SER 97  97  97  SER SER B . n 
B 2 98  MET 98  98  98  MET MET B . n 
B 2 99  ARG 99  99  99  ARG ARG B . n 
B 2 100 VAL 100 100 100 VAL VAL B . n 
B 2 101 LEU 101 101 101 LEU LEU B . n 
B 2 102 ASP 102 102 102 ASP ASP B . n 
B 2 103 GLY 103 103 103 GLY GLY B . n 
B 2 104 ALA 104 104 104 ALA ALA B . n 
B 2 105 ILE 105 105 105 ILE ILE B . n 
B 2 106 VAL 106 106 106 VAL VAL B . n 
B 2 107 VAL 107 107 107 VAL VAL B . n 
B 2 108 PHE 108 108 108 PHE PHE B . n 
B 2 109 ASP 109 109 109 ASP ASP B . n 
B 2 110 SER 110 110 110 SER SER B . n 
B 2 111 SER 111 111 111 SER SER B . n 
B 2 112 GLN 112 112 112 GLN GLN B . n 
B 2 113 GLY 113 113 113 GLY GLY B . n 
B 2 114 VAL 114 114 114 VAL VAL B . n 
B 2 115 GLU 115 115 115 GLU GLU B . n 
B 2 116 PRO 116 116 116 PRO PRO B . n 
B 2 117 GLN 117 117 117 GLN GLN B . n 
B 2 118 SER 118 118 118 SER SER B . n 
B 2 119 GLU 119 119 119 GLU GLU B . n 
B 2 120 THR 120 120 120 THR THR B . n 
B 2 121 VAL 121 121 121 VAL VAL B . n 
B 2 122 TRP 122 122 122 TRP TRP B . n 
B 2 123 ARG 123 123 123 ARG ARG B . n 
B 2 124 GLN 124 124 124 GLN GLN B . n 
B 2 125 ALA 125 125 125 ALA ALA B . n 
B 2 126 GLU 126 126 126 GLU GLU B . n 
B 2 127 LYS 127 127 127 LYS LYS B . n 
B 2 128 TYR 128 128 128 TYR TYR B . n 
B 2 129 LYS 129 129 129 LYS LYS B . n 
B 2 130 VAL 130 130 130 VAL VAL B . n 
B 2 131 PRO 131 131 131 PRO PRO B . n 
B 2 132 ARG 132 132 132 ARG ARG B . n 
B 2 133 ILE 133 133 133 ILE ILE B . n 
B 2 134 ALA 134 134 134 ALA ALA B . n 
B 2 135 PHE 135 135 135 PHE PHE B . n 
B 2 136 ALA 136 136 136 ALA ALA B . n 
B 2 137 ASN 137 137 137 ASN ASN B . n 
B 2 138 LYS 138 138 138 LYS LYS B . n 
B 2 139 MET 139 139 139 MET MET B . n 
B 2 140 ASP 140 140 140 ASP ASP B . n 
B 2 141 LYS 141 141 141 LYS LYS B . n 
B 2 142 THR 142 142 142 THR THR B . n 
B 2 143 GLY 143 143 143 GLY GLY B . n 
B 2 144 ALA 144 144 144 ALA ALA B . n 
B 2 145 ASP 145 145 145 ASP ASP B . n 
B 2 146 LEU 146 146 146 LEU LEU B . n 
B 2 147 TRP 147 147 147 TRP TRP B . n 
B 2 148 LEU 148 148 148 LEU LEU B . n 
B 2 149 VAL 149 149 149 VAL VAL B . n 
B 2 150 ILE 150 150 150 ILE ILE B . n 
B 2 151 ARG 151 151 151 ARG ARG B . n 
B 2 152 THR 152 152 152 THR THR B . n 
B 2 153 MET 153 153 153 MET MET B . n 
B 2 154 GLN 154 154 154 GLN GLN B . n 
B 2 155 GLU 155 155 155 GLU GLU B . n 
B 2 156 ARG 156 156 156 ARG ARG B . n 
B 2 157 LEU 157 157 157 LEU LEU B . n 
B 2 158 GLY 158 158 158 GLY GLY B . n 
B 2 159 ALA 159 159 159 ALA ALA B . n 
B 2 160 ARG 160 160 160 ARG ARG B . n 
B 2 161 PRO 161 161 161 PRO PRO B . n 
B 2 162 VAL 162 162 162 VAL VAL B . n 
B 2 163 VAL 163 163 163 VAL VAL B . n 
B 2 164 MET 164 164 164 MET MET B . n 
B 2 165 GLN 165 165 165 GLN GLN B . n 
B 2 166 LEU 166 166 166 LEU LEU B . n 
B 2 167 PRO 167 167 167 PRO PRO B . n 
B 2 168 ILE 168 168 168 ILE ILE B . n 
B 2 169 GLY 169 169 169 GLY GLY B . n 
B 2 170 ARG 170 170 170 ARG ARG B . n 
B 2 171 GLU 171 171 171 GLU GLU B . n 
B 2 172 ASP 172 172 172 ASP ASP B . n 
B 2 173 THR 173 173 173 THR THR B . n 
B 2 174 PHE 174 174 174 PHE PHE B . n 
B 2 175 SER 175 175 175 SER SER B . n 
B 2 176 GLY 176 176 176 GLY GLY B . n 
B 2 177 ILE 177 177 177 ILE ILE B . n 
B 2 178 ILE 178 178 178 ILE ILE B . n 
B 2 179 ASP 179 179 179 ASP ASP B . n 
B 2 180 VAL 180 180 180 VAL VAL B . n 
B 2 181 LEU 181 181 181 LEU LEU B . n 
B 2 182 ARG 182 182 182 ARG ARG B . n 
B 2 183 MET 183 183 183 MET MET B . n 
B 2 184 LYS 184 184 184 LYS LYS B . n 
B 2 185 ALA 185 185 185 ALA ALA B . n 
B 2 186 TYR 186 186 186 TYR TYR B . n 
B 2 187 THR 187 187 187 THR THR B . n 
B 2 188 TYR 188 188 188 TYR TYR B . n 
B 2 189 GLY 189 189 189 GLY GLY B . n 
B 2 190 ASN 190 190 190 ASN ASN B . n 
B 2 191 ASP 191 191 191 ASP ASP B . n 
B 2 192 LEU 192 192 192 LEU LEU B . n 
B 2 193 GLY 193 193 193 GLY GLY B . n 
B 2 194 THR 194 194 194 THR THR B . n 
B 2 195 ASP 195 195 195 ASP ASP B . n 
B 2 196 ILE 196 196 196 ILE ILE B . n 
B 2 197 ARG 197 197 197 ARG ARG B . n 
B 2 198 GLU 198 198 198 GLU GLU B . n 
B 2 199 ILE 199 199 199 ILE ILE B . n 
B 2 200 PRO 200 200 200 PRO PRO B . n 
B 2 201 ILE 201 201 201 ILE ILE B . n 
B 2 202 PRO 202 202 202 PRO PRO B . n 
B 2 203 GLU 203 203 203 GLU GLU B . n 
B 2 204 GLU 204 204 204 GLU GLU B . n 
B 2 205 TYR 205 205 205 TYR TYR B . n 
B 2 206 LEU 206 206 206 LEU LEU B . n 
B 2 207 ASP 207 207 207 ASP ASP B . n 
B 2 208 ASN 208 208 208 ASN ASN B . n 
B 2 209 ALA 209 209 209 ALA ALA B . n 
B 2 210 ARG 210 210 210 ARG ARG B . n 
B 2 211 GLU 211 211 211 GLU GLU B . n 
B 2 212 TYR 212 212 212 TYR TYR B . n 
B 2 213 HIS 213 213 213 HIS HIS B . n 
B 2 214 GLU 214 214 214 GLU GLU B . n 
B 2 215 LYS 215 215 215 LYS LYS B . n 
B 2 216 LEU 216 216 216 LEU LEU B . n 
B 2 217 VAL 217 217 217 VAL VAL B . n 
B 2 218 GLU 218 218 218 GLU GLU B . n 
B 2 219 VAL 219 219 219 VAL VAL B . n 
B 2 220 ALA 220 220 220 ALA ALA B . n 
B 2 221 ALA 221 221 221 ALA ALA B . n 
B 2 222 ASP 222 222 222 ASP ASP B . n 
B 2 223 PHE 223 223 223 PHE PHE B . n 
B 2 224 ASP 224 224 224 ASP ASP B . n 
B 2 225 GLU 225 225 225 GLU GLU B . n 
B 2 226 ASN 226 226 226 ASN ASN B . n 
B 2 227 ILE 227 227 227 ILE ILE B . n 
B 2 228 MET 228 228 228 MET MET B . n 
B 2 229 LEU 229 229 229 LEU LEU B . n 
B 2 230 LYS 230 230 230 LYS LYS B . n 
B 2 231 TYR 231 231 231 TYR TYR B . n 
B 2 232 LEU 232 232 232 LEU LEU B . n 
B 2 233 GLU 233 233 233 GLU GLU B . n 
B 2 234 GLY 234 234 234 GLY GLY B . n 
B 2 235 GLU 235 235 235 GLU GLU B . n 
B 2 236 GLU 236 236 236 GLU GLU B . n 
B 2 237 PRO 237 237 237 PRO PRO B . n 
B 2 238 THR 238 238 238 THR THR B . n 
B 2 239 GLU 239 239 239 GLU GLU B . n 
B 2 240 GLU 240 240 240 GLU GLU B . n 
B 2 241 GLU 241 241 241 GLU GLU B . n 
B 2 242 LEU 242 242 242 LEU LEU B . n 
B 2 243 VAL 243 243 243 VAL VAL B . n 
B 2 244 ALA 244 244 244 ALA ALA B . n 
B 2 245 ALA 245 245 245 ALA ALA B . n 
B 2 246 ILE 246 246 246 ILE ILE B . n 
B 2 247 ARG 247 247 247 ARG ARG B . n 
B 2 248 LYS 248 248 248 LYS LYS B . n 
B 2 249 GLY 249 249 249 GLY GLY B . n 
B 2 250 THR 250 250 250 THR THR B . n 
B 2 251 ILE 251 251 251 ILE ILE B . n 
B 2 252 ASP 252 252 252 ASP ASP B . n 
B 2 253 LEU 253 253 253 LEU LEU B . n 
B 2 254 LYS 254 254 254 LYS LYS B . n 
B 2 255 ILE 255 255 255 ILE ILE B . n 
B 2 256 THR 256 256 256 THR THR B . n 
B 2 257 PRO 257 257 257 PRO PRO B . n 
B 2 258 VAL 258 258 258 VAL VAL B . n 
B 2 259 PHE 259 259 259 PHE PHE B . n 
B 2 260 LEU 260 260 260 LEU LEU B . n 
B 2 261 GLY 261 261 261 GLY GLY B . n 
B 2 262 SER 262 262 262 SER SER B . n 
B 2 263 ALA 263 263 263 ALA ALA B . n 
B 2 264 LEU 264 264 264 LEU LEU B . n 
B 2 265 LYS 265 265 265 LYS LYS B . n 
B 2 266 ASN 266 266 266 ASN ASN B . n 
B 2 267 LYS 267 267 267 LYS LYS B . n 
B 2 268 GLY 268 268 268 GLY GLY B . n 
B 2 269 VAL 269 269 269 VAL VAL B . n 
B 2 270 GLN 270 270 270 GLN GLN B . n 
B 2 271 LEU 271 271 271 LEU LEU B . n 
B 2 272 LEU 272 272 272 LEU LEU B . n 
B 2 273 LEU 273 273 273 LEU LEU B . n 
B 2 274 ASP 274 274 274 ASP ASP B . n 
B 2 275 ALA 275 275 275 ALA ALA B . n 
B 2 276 VAL 276 276 276 VAL VAL B . n 
B 2 277 VAL 277 277 277 VAL VAL B . n 
B 2 278 ASP 278 278 278 ASP ASP B . n 
B 2 279 TYR 279 279 279 TYR TYR B . n 
B 2 280 LEU 280 280 280 LEU LEU B . n 
B 2 281 PRO 281 281 281 PRO PRO B . n 
B 2 282 SER 282 282 282 SER SER B . n 
B 2 283 PRO 283 283 283 PRO PRO B . n 
B 2 284 LEU 284 284 284 LEU LEU B . n 
B 2 285 ASP 285 285 285 ASP ASP B . n 
B 2 286 ILE 286 286 286 ILE ILE B . n 
B 2 287 PRO 287 287 287 PRO PRO B . n 
B 2 288 PRO 288 288 288 PRO PRO B . n 
B 2 289 ILE 289 289 289 ILE ILE B . n 
B 2 290 LYS 290 290 290 LYS LYS B . n 
B 2 291 GLY 291 291 291 GLY GLY B . n 
B 2 292 THR 292 292 292 THR THR B . n 
B 2 293 THR 293 293 293 THR THR B . n 
B 2 294 PRO 294 294 294 PRO PRO B . n 
B 2 295 GLU 295 295 295 GLU GLU B . n 
B 2 296 GLY 296 296 296 GLY GLY B . n 
B 2 297 GLU 297 297 297 GLU GLU B . n 
B 2 298 VAL 298 298 298 VAL VAL B . n 
B 2 299 VAL 299 299 299 VAL VAL B . n 
B 2 300 GLU 300 300 300 GLU GLU B . n 
B 2 301 ILE 301 301 301 ILE ILE B . n 
B 2 302 HIS 302 302 302 HIS HIS B . n 
B 2 303 PRO 303 303 303 PRO PRO B . n 
B 2 304 ASP 304 304 304 ASP ASP B . n 
B 2 305 PRO 305 305 305 PRO PRO B . n 
B 2 306 ASN 306 306 306 ASN ASN B . n 
B 2 307 GLY 307 307 307 GLY GLY B . n 
B 2 308 PRO 308 308 308 PRO PRO B . n 
B 2 309 LEU 309 309 309 LEU LEU B . n 
B 2 310 ALA 310 310 310 ALA ALA B . n 
B 2 311 ALA 311 311 311 ALA ALA B . n 
B 2 312 LEU 312 312 312 LEU LEU B . n 
B 2 313 ALA 313 313 313 ALA ALA B . n 
B 2 314 PHE 314 314 314 PHE PHE B . n 
B 2 315 LYS 315 315 315 LYS LYS B . n 
B 2 316 ILE 316 316 316 ILE ILE B . n 
B 2 317 MET 317 317 317 MET MET B . n 
B 2 318 ALA 318 318 318 ALA ALA B . n 
B 2 319 ASP 319 319 319 ASP ASP B . n 
B 2 320 PRO 320 320 320 PRO PRO B . n 
B 2 321 TYR 321 321 321 TYR TYR B . n 
B 2 322 VAL 322 322 322 VAL VAL B . n 
B 2 323 GLY 323 323 323 GLY GLY B . n 
B 2 324 ARG 324 324 324 ARG ARG B . n 
B 2 325 LEU 325 325 325 LEU LEU B . n 
B 2 326 THR 326 326 326 THR THR B . n 
B 2 327 PHE 327 327 327 PHE PHE B . n 
B 2 328 ILE 328 328 328 ILE ILE B . n 
B 2 329 ARG 329 329 329 ARG ARG B . n 
B 2 330 VAL 330 330 330 VAL VAL B . n 
B 2 331 TYR 331 331 331 TYR TYR B . n 
B 2 332 SER 332 332 332 SER SER B . n 
B 2 333 GLY 333 333 333 GLY GLY B . n 
B 2 334 THR 334 334 334 THR THR B . n 
B 2 335 LEU 335 335 335 LEU LEU B . n 
B 2 336 THR 336 336 336 THR THR B . n 
B 2 337 SER 337 337 337 SER SER B . n 
B 2 338 GLY 338 338 338 GLY GLY B . n 
B 2 339 SER 339 339 339 SER SER B . n 
B 2 340 TYR 340 340 340 TYR TYR B . n 
B 2 341 VAL 341 341 341 VAL VAL B . n 
B 2 342 TYR 342 342 342 TYR TYR B . n 
B 2 343 ASN 343 343 343 ASN ASN B . n 
B 2 344 THR 344 344 344 THR THR B . n 
B 2 345 THR 345 345 345 THR THR B . n 
B 2 346 LYS 346 346 346 LYS LYS B . n 
B 2 347 GLY 347 347 347 GLY GLY B . n 
B 2 348 ARG 348 348 348 ARG ARG B . n 
B 2 349 LYS 349 349 349 LYS LYS B . n 
B 2 350 GLU 350 350 350 GLU GLU B . n 
B 2 351 ARG 351 351 351 ARG ARG B . n 
B 2 352 VAL 352 352 352 VAL VAL B . n 
B 2 353 ALA 353 353 353 ALA ALA B . n 
B 2 354 ARG 354 354 354 ARG ARG B . n 
B 2 355 LEU 355 355 355 LEU LEU B . n 
B 2 356 LEU 356 356 356 LEU LEU B . n 
B 2 357 ARG 357 357 357 ARG ARG B . n 
B 2 358 MET 358 358 358 MET MET B . n 
B 2 359 HIS 359 359 359 HIS HIS B . n 
B 2 360 ALA 360 360 360 ALA ALA B . n 
B 2 361 ASN 361 361 361 ASN ASN B . n 
B 2 362 HIS 362 362 362 HIS HIS B . n 
B 2 363 ARG 363 363 363 ARG ARG B . n 
B 2 364 GLU 364 364 364 GLU GLU B . n 
B 2 365 GLU 365 365 365 GLU GLU B . n 
B 2 366 VAL 366 366 366 VAL VAL B . n 
B 2 367 GLU 367 367 367 GLU GLU B . n 
B 2 368 GLU 368 368 368 GLU GLU B . n 
B 2 369 LEU 369 369 369 LEU LEU B . n 
B 2 370 LYS 370 370 370 LYS LYS B . n 
B 2 371 ALA 371 371 371 ALA ALA B . n 
B 2 372 GLY 372 372 372 GLY GLY B . n 
B 2 373 ASP 373 373 373 ASP ASP B . n 
B 2 374 LEU 374 374 374 LEU LEU B . n 
B 2 375 GLY 375 375 375 GLY GLY B . n 
B 2 376 ALA 376 376 376 ALA ALA B . n 
B 2 377 VAL 377 377 377 VAL VAL B . n 
B 2 378 VAL 378 378 378 VAL VAL B . n 
B 2 379 GLY 379 379 379 GLY GLY B . n 
B 2 380 LEU 380 380 380 LEU LEU B . n 
B 2 381 LYS 381 381 381 LYS LYS B . n 
B 2 382 GLU 382 382 382 GLU GLU B . n 
B 2 383 THR 383 383 383 THR THR B . n 
B 2 384 ILE 384 384 384 ILE ILE B . n 
B 2 385 THR 385 385 385 THR THR B . n 
B 2 386 GLY 386 386 386 GLY GLY B . n 
B 2 387 ASP 387 387 387 ASP ASP B . n 
B 2 388 THR 388 388 388 THR THR B . n 
B 2 389 LEU 389 389 389 LEU LEU B . n 
B 2 390 VAL 390 390 390 VAL VAL B . n 
B 2 391 GLY 391 391 391 GLY GLY B . n 
B 2 392 GLU 392 392 392 GLU GLU B . n 
B 2 393 ASP 393 393 393 ASP ASP B . n 
B 2 394 ALA 394 394 394 ALA ALA B . n 
B 2 395 PRO 395 395 395 PRO PRO B . n 
B 2 396 ARG 396 396 396 ARG ARG B . n 
B 2 397 VAL 397 397 397 VAL VAL B . n 
B 2 398 ILE 398 398 398 ILE ILE B . n 
B 2 399 LEU 399 399 399 LEU LEU B . n 
B 2 400 GLU 400 400 400 GLU GLU B . n 
B 2 401 SER 401 401 401 SER SER B . n 
B 2 402 ILE 402 402 402 ILE ILE B . n 
B 2 403 GLU 403 403 403 GLU GLU B . n 
B 2 404 VAL 404 404 404 VAL VAL B . n 
B 2 405 PRO 405 405 405 PRO PRO B . n 
B 2 406 GLU 406 406 406 GLU GLU B . n 
B 2 407 PRO 407 407 407 PRO PRO B . n 
B 2 408 VAL 408 408 408 VAL VAL B . n 
B 2 409 ILE 409 409 409 ILE ILE B . n 
B 2 410 ASP 410 410 410 ASP ASP B . n 
B 2 411 VAL 411 411 411 VAL VAL B . n 
B 2 412 ALA 412 412 412 ALA ALA B . n 
B 2 413 ILE 413 413 413 ILE ILE B . n 
B 2 414 GLU 414 414 414 GLU GLU B . n 
B 2 415 PRO 415 415 415 PRO PRO B . n 
B 2 416 LYS 416 416 416 LYS LYS B . n 
B 2 417 THR 417 417 417 THR THR B . n 
B 2 418 LYS 418 418 418 LYS LYS B . n 
B 2 419 ALA 419 419 419 ALA ALA B . n 
B 2 420 ASP 420 420 420 ASP ASP B . n 
B 2 421 GLN 421 421 421 GLN GLN B . n 
B 2 422 GLU 422 422 422 GLU GLU B . n 
B 2 423 LYS 423 423 423 LYS LYS B . n 
B 2 424 LEU 424 424 424 LEU LEU B . n 
B 2 425 SER 425 425 425 SER SER B . n 
B 2 426 GLN 426 426 426 GLN GLN B . n 
B 2 427 ALA 427 427 427 ALA ALA B . n 
B 2 428 LEU 428 428 428 LEU LEU B . n 
B 2 429 ALA 429 429 429 ALA ALA B . n 
B 2 430 ARG 430 430 430 ARG ARG B . n 
B 2 431 LEU 431 431 431 LEU LEU B . n 
B 2 432 ALA 432 432 432 ALA ALA B . n 
B 2 433 GLU 433 433 433 GLU GLU B . n 
B 2 434 GLU 434 434 434 GLU GLU B . n 
B 2 435 ASP 435 435 435 ASP ASP B . n 
B 2 436 PRO 436 436 436 PRO PRO B . n 
B 2 437 THR 437 437 437 THR THR B . n 
B 2 438 PHE 438 438 438 PHE PHE B . n 
B 2 439 ARG 439 439 439 ARG ARG B . n 
B 2 440 VAL 440 440 440 VAL VAL B . n 
B 2 441 SER 441 441 441 SER SER B . n 
B 2 442 THR 442 442 442 THR THR B . n 
B 2 443 HIS 443 443 443 HIS HIS B . n 
B 2 444 PRO 444 444 444 PRO PRO B . n 
B 2 445 GLU 445 445 445 GLU GLU B . n 
B 2 446 THR 446 446 446 THR THR B . n 
B 2 447 GLY 447 447 447 GLY GLY B . n 
B 2 448 GLN 448 448 448 GLN GLN B . n 
B 2 449 THR 449 449 449 THR THR B . n 
B 2 450 ILE 450 450 450 ILE ILE B . n 
B 2 451 ILE 451 451 451 ILE ILE B . n 
B 2 452 SER 452 452 452 SER SER B . n 
B 2 453 GLY 453 453 453 GLY GLY B . n 
B 2 454 MET 454 454 454 MET MET B . n 
B 2 455 GLY 455 455 455 GLY GLY B . n 
B 2 456 GLU 456 456 456 GLU GLU B . n 
B 2 457 LEU 457 457 457 LEU LEU B . n 
B 2 458 HIS 458 458 458 HIS HIS B . n 
B 2 459 LEU 459 459 459 LEU LEU B . n 
B 2 460 GLU 460 460 460 GLU GLU B . n 
B 2 461 ILE 461 461 461 ILE ILE B . n 
B 2 462 ILE 462 462 462 ILE ILE B . n 
B 2 463 VAL 463 463 463 VAL VAL B . n 
B 2 464 ASP 464 464 464 ASP ASP B . n 
B 2 465 ARG 465 465 465 ARG ARG B . n 
B 2 466 LEU 466 466 466 LEU LEU B . n 
B 2 467 LYS 467 467 467 LYS LYS B . n 
B 2 468 ARG 468 468 468 ARG ARG B . n 
B 2 469 GLU 469 469 469 GLU GLU B . n 
B 2 470 PHE 470 470 470 PHE PHE B . n 
B 2 471 LYS 471 471 471 LYS LYS B . n 
B 2 472 VAL 472 472 472 VAL VAL B . n 
B 2 473 ASP 473 473 473 ASP ASP B . n 
B 2 474 ALA 474 474 474 ALA ALA B . n 
B 2 475 ASN 475 475 475 ASN ASN B . n 
B 2 476 VAL 476 476 476 VAL VAL B . n 
B 2 477 GLY 477 477 477 GLY GLY B . n 
B 2 478 LYS 478 478 478 LYS LYS B . n 
B 2 479 PRO 479 479 479 PRO PRO B . n 
B 2 480 GLN 480 480 480 GLN GLN B . n 
B 2 481 VAL 481 481 481 VAL VAL B . n 
B 2 482 ALA 482 482 482 ALA ALA B . n 
B 2 483 TYR 483 483 483 TYR TYR B . n 
B 2 484 ARG 484 484 484 ARG ARG B . n 
B 2 485 GLU 485 485 485 GLU GLU B . n 
B 2 486 THR 486 486 486 THR THR B . n 
B 2 487 ILE 487 487 487 ILE ILE B . n 
B 2 488 THR 488 488 488 THR THR B . n 
B 2 489 LYS 489 489 489 LYS LYS B . n 
B 2 490 PRO 490 490 490 PRO PRO B . n 
B 2 491 VAL 491 491 491 VAL VAL B . n 
B 2 492 ASP 492 492 492 ASP ASP B . n 
B 2 493 VAL 493 493 493 VAL VAL B . n 
B 2 494 GLU 494 494 494 GLU GLU B . n 
B 2 495 GLY 495 495 495 GLY GLY B . n 
B 2 496 LYS 496 496 496 LYS LYS B . n 
B 2 497 PHE 497 497 497 PHE PHE B . n 
B 2 498 ILE 498 498 498 ILE ILE B . n 
B 2 499 ARG 499 499 499 ARG ARG B . n 
B 2 500 GLN 500 500 500 GLN GLN B . n 
B 2 501 THR 501 501 501 THR THR B . n 
B 2 502 GLY 502 502 502 GLY GLY B . n 
B 2 503 GLY 503 503 503 GLY GLY B . n 
B 2 504 ARG 504 504 504 ARG ARG B . n 
B 2 505 GLY 505 505 505 GLY GLY B . n 
B 2 506 GLN 506 506 506 GLN GLN B . n 
B 2 507 TYR 507 507 507 TYR TYR B . n 
B 2 508 GLY 508 508 508 GLY GLY B . n 
B 2 509 HIS 509 509 509 HIS HIS B . n 
B 2 510 VAL 510 510 510 VAL VAL B . n 
B 2 511 LYS 511 511 511 LYS LYS B . n 
B 2 512 ILE 512 512 512 ILE ILE B . n 
B 2 513 LYS 513 513 513 LYS LYS B . n 
B 2 514 VAL 514 514 514 VAL VAL B . n 
B 2 515 GLU 515 515 515 GLU GLU B . n 
B 2 516 PRO 516 516 516 PRO PRO B . n 
B 2 517 LEU 517 517 517 LEU LEU B . n 
B 2 518 PRO 518 518 518 PRO PRO B . n 
B 2 519 ARG 519 519 519 ARG ARG B . n 
B 2 520 GLY 520 520 520 GLY GLY B . n 
B 2 521 SER 521 521 521 SER SER B . n 
B 2 522 GLY 522 522 522 GLY GLY B . n 
B 2 523 PHE 523 523 523 PHE PHE B . n 
B 2 524 GLU 524 524 524 GLU GLU B . n 
B 2 525 PHE 525 525 525 PHE PHE B . n 
B 2 526 VAL 526 526 526 VAL VAL B . n 
B 2 527 ASN 527 527 527 ASN ASN B . n 
B 2 528 ALA 528 528 528 ALA ALA B . n 
B 2 529 ILE 529 529 529 ILE ILE B . n 
B 2 530 VAL 530 530 530 VAL VAL B . n 
B 2 531 GLY 531 531 531 GLY GLY B . n 
B 2 532 GLY 532 532 532 GLY GLY B . n 
B 2 533 VAL 533 533 533 VAL VAL B . n 
B 2 534 ILE 534 534 534 ILE ILE B . n 
B 2 535 PRO 535 535 535 PRO PRO B . n 
B 2 536 LYS 536 536 536 LYS LYS B . n 
B 2 537 GLU 537 537 537 GLU GLU B . n 
B 2 538 TYR 538 538 538 TYR TYR B . n 
B 2 539 ILE 539 539 539 ILE ILE B . n 
B 2 540 PRO 540 540 540 PRO PRO B . n 
B 2 541 ALA 541 541 541 ALA ALA B . n 
B 2 542 VAL 542 542 542 VAL VAL B . n 
B 2 543 GLN 543 543 543 GLN GLN B . n 
B 2 544 LYS 544 544 544 LYS LYS B . n 
B 2 545 GLY 545 545 545 GLY GLY B . n 
B 2 546 ILE 546 546 546 ILE ILE B . n 
B 2 547 GLU 547 547 547 GLU GLU B . n 
B 2 548 GLU 548 548 548 GLU GLU B . n 
B 2 549 ALA 549 549 549 ALA ALA B . n 
B 2 550 MET 550 550 550 MET MET B . n 
B 2 551 GLN 551 551 551 GLN GLN B . n 
B 2 552 SER 552 552 552 SER SER B . n 
B 2 553 GLY 553 553 553 GLY GLY B . n 
B 2 554 PRO 554 554 554 PRO PRO B . n 
B 2 555 LEU 555 555 555 LEU LEU B . n 
B 2 556 ILE 556 556 556 ILE ILE B . n 
B 2 557 GLY 557 557 557 GLY GLY B . n 
B 2 558 PHE 558 558 558 PHE PHE B . n 
B 2 559 PRO 559 559 559 PRO PRO B . n 
B 2 560 VAL 560 560 560 VAL VAL B . n 
B 2 561 VAL 561 561 561 VAL VAL B . n 
B 2 562 ASP 562 562 562 ASP ASP B . n 
B 2 563 ILE 563 563 563 ILE ILE B . n 
B 2 564 LYS 564 564 564 LYS LYS B . n 
B 2 565 VAL 565 565 565 VAL VAL B . n 
B 2 566 THR 566 566 566 THR THR B . n 
B 2 567 LEU 567 567 567 LEU LEU B . n 
B 2 568 TYR 568 568 568 TYR TYR B . n 
B 2 569 ASP 569 569 569 ASP ASP B . n 
B 2 570 GLY 570 570 570 GLY GLY B . n 
B 2 571 SER 571 571 571 SER SER B . n 
B 2 572 TYR 572 572 572 TYR TYR B . n 
B 2 573 HIS 573 573 573 HIS HIS B . n 
B 2 574 GLU 574 574 574 GLU GLU B . n 
B 2 575 VAL 575 575 575 VAL VAL B . n 
B 2 576 ASP 576 576 576 ASP ASP B . n 
B 2 577 SER 577 577 577 SER SER B . n 
B 2 578 SER 578 578 578 SER SER B . n 
B 2 579 GLU 579 579 579 GLU GLU B . n 
B 2 580 MET 580 580 580 MET MET B . n 
B 2 581 ALA 581 581 581 ALA ALA B . n 
B 2 582 PHE 582 582 582 PHE PHE B . n 
B 2 583 LYS 583 583 583 LYS LYS B . n 
B 2 584 ILE 584 584 584 ILE ILE B . n 
B 2 585 ALA 585 585 585 ALA ALA B . n 
B 2 586 GLY 586 586 586 GLY GLY B . n 
B 2 587 SER 587 587 587 SER SER B . n 
B 2 588 MET 588 588 588 MET MET B . n 
B 2 589 ALA 589 589 589 ALA ALA B . n 
B 2 590 ILE 590 590 590 ILE ILE B . n 
B 2 591 LYS 591 591 591 LYS LYS B . n 
B 2 592 GLU 592 592 592 GLU GLU B . n 
B 2 593 ALA 593 593 593 ALA ALA B . n 
B 2 594 VAL 594 594 594 VAL VAL B . n 
B 2 595 GLN 595 595 595 GLN GLN B . n 
B 2 596 LYS 596 596 596 LYS LYS B . n 
B 2 597 GLY 597 597 597 GLY GLY B . n 
B 2 598 ASP 598 598 598 ASP ASP B . n 
B 2 599 PRO 599 599 599 PRO PRO B . n 
B 2 600 VAL 600 600 600 VAL VAL B . n 
B 2 601 ILE 601 601 601 ILE ILE B . n 
B 2 602 LEU 602 602 602 LEU LEU B . n 
B 2 603 GLU 603 603 603 GLU GLU B . n 
B 2 604 PRO 604 604 604 PRO PRO B . n 
B 2 605 ILE 605 605 605 ILE ILE B . n 
B 2 606 MET 606 606 606 MET MET B . n 
B 2 607 ARG 607 607 607 ARG ARG B . n 
B 2 608 VAL 608 608 608 VAL VAL B . n 
B 2 609 GLU 609 609 609 GLU GLU B . n 
B 2 610 VAL 610 610 610 VAL VAL B . n 
B 2 611 THR 611 611 611 THR THR B . n 
B 2 612 THR 612 612 612 THR THR B . n 
B 2 613 PRO 613 613 613 PRO PRO B . n 
B 2 614 GLU 614 614 614 GLU GLU B . n 
B 2 615 GLU 615 615 615 GLU GLU B . n 
B 2 616 TYR 616 616 616 TYR TYR B . n 
B 2 617 MET 617 617 617 MET MET B . n 
B 2 618 GLY 618 618 618 GLY GLY B . n 
B 2 619 ASP 619 619 619 ASP ASP B . n 
B 2 620 VAL 620 620 620 VAL VAL B . n 
B 2 621 ILE 621 621 621 ILE ILE B . n 
B 2 622 GLY 622 622 622 GLY GLY B . n 
B 2 623 ASP 623 623 623 ASP ASP B . n 
B 2 624 LEU 624 624 624 LEU LEU B . n 
B 2 625 ASN 625 625 625 ASN ASN B . n 
B 2 626 ALA 626 626 626 ALA ALA B . n 
B 2 627 ARG 627 627 627 ARG ARG B . n 
B 2 628 ARG 628 628 628 ARG ARG B . n 
B 2 629 GLY 629 629 629 GLY GLY B . n 
B 2 630 GLN 630 630 630 GLN GLN B . n 
B 2 631 ILE 631 631 631 ILE ILE B . n 
B 2 632 LEU 632 632 632 LEU LEU B . n 
B 2 633 GLY 633 633 633 GLY GLY B . n 
B 2 634 MET 634 634 634 MET MET B . n 
B 2 635 GLU 635 635 635 GLU GLU B . n 
B 2 636 PRO 636 636 636 PRO PRO B . n 
B 2 637 ARG 637 637 637 ARG ARG B . n 
B 2 638 GLY 638 638 638 GLY GLY B . n 
B 2 639 ASN 639 639 639 ASN ASN B . n 
B 2 640 ALA 640 640 640 ALA ALA B . n 
B 2 641 GLN 641 641 641 GLN GLN B . n 
B 2 642 VAL 642 642 642 VAL VAL B . n 
B 2 643 ILE 643 643 643 ILE ILE B . n 
B 2 644 ARG 644 644 644 ARG ARG B . n 
B 2 645 ALA 645 645 645 ALA ALA B . n 
B 2 646 PHE 646 646 646 PHE PHE B . n 
B 2 647 VAL 647 647 647 VAL VAL B . n 
B 2 648 PRO 648 648 648 PRO PRO B . n 
B 2 649 LEU 649 649 649 LEU LEU B . n 
B 2 650 ALA 650 650 650 ALA ALA B . n 
B 2 651 GLU 651 651 651 GLU GLU B . n 
B 2 652 MET 652 652 652 MET MET B . n 
B 2 653 PHE 653 653 653 PHE PHE B . n 
B 2 654 GLY 654 654 654 GLY GLY B . n 
B 2 655 TYR 655 655 655 TYR TYR B . n 
B 2 656 ALA 656 656 656 ALA ALA B . n 
B 2 657 THR 657 657 657 THR THR B . n 
B 2 658 ASP 658 658 658 ASP ASP B . n 
B 2 659 LEU 659 659 659 LEU LEU B . n 
B 2 660 ARG 660 660 660 ARG ARG B . n 
B 2 661 SER 661 661 661 SER SER B . n 
B 2 662 LYS 662 662 662 LYS LYS B . n 
B 2 663 THR 663 663 663 THR THR B . n 
B 2 664 GLN 664 664 664 GLN GLN B . n 
B 2 665 GLY 665 665 665 GLY GLY B . n 
B 2 666 ARG 666 666 666 ARG ARG B . n 
B 2 667 GLY 667 667 667 GLY GLY B . n 
B 2 668 SER 668 668 668 SER SER B . n 
B 2 669 PHE 669 669 669 PHE PHE B . n 
B 2 670 VAL 670 670 670 VAL VAL B . n 
B 2 671 MET 671 671 671 MET MET B . n 
B 2 672 PHE 672 672 672 PHE PHE B . n 
B 2 673 PHE 673 673 673 PHE PHE B . n 
B 2 674 ASP 674 674 674 ASP ASP B . n 
B 2 675 HIS 675 675 675 HIS HIS B . n 
B 2 676 TYR 676 676 676 TYR TYR B . n 
B 2 677 GLN 677 677 677 GLN GLN B . n 
B 2 678 GLU 678 678 678 GLU GLU B . n 
B 2 679 VAL 679 679 679 VAL VAL B . n 
B 2 680 PRO 680 680 680 PRO PRO B . n 
B 2 681 LYS 681 681 681 LYS LYS B . n 
B 2 682 GLN 682 682 682 GLN GLN B . n 
B 2 683 VAL 683 683 683 VAL VAL B . n 
B 2 684 GLN 684 684 684 GLN GLN B . n 
B 2 685 GLU 685 685 685 GLU GLU B . n 
B 2 686 LYS 686 686 686 LYS LYS B . n 
B 2 687 LEU 687 687 687 LEU LEU B . n 
B 2 688 ILE 688 688 688 ILE ILE B . n 
B 2 689 LYS 689 689 689 LYS LYS B . n 
B 2 690 GLY 690 690 690 GLY GLY B . n 
B 2 691 GLN 691 691 691 GLN GLN B . n 
# 
_exptl.entry_id          1JQM 
_exptl.method            'ELECTRON MICROSCOPY' 
_exptl.crystals_number   ? 
# 
_refine_hist.pdbx_refine_id                   'ELECTRON MICROSCOPY' 
_refine_hist.cycle_id                         LAST 
_refine_hist.pdbx_number_atoms_protein        824 
_refine_hist.pdbx_number_atoms_nucleic_acid   0 
_refine_hist.pdbx_number_atoms_ligand         0 
_refine_hist.number_atoms_solvent             0 
_refine_hist.number_atoms_total               824 
_refine_hist.d_res_high                       . 
_refine_hist.d_res_low                        . 
# 
_struct.entry_id                  1JQM 
_struct.title                     
;Fitting of L11 protein and elongation factor G (EF-G) in the cryo-em map of e. coli 70S ribosome bound with EF-G, GDP and fusidic acid
;
_struct.pdbx_model_details        
;This structure was generated by fitting the X-ray crystal structure of L11 and EF-G into the 70S E. coli EF-G- (GDP form) bound ribosome map. L11 (linker region between N and C terminal) and EF-G positions of domains G' and V were modeled to accommodate the conformational changes. The structure is modeled as a C-alpha trace. Conformational changes occur in protein L11 and EF-G in two stpes due to the binding of EF-G to the 70S ribosome, and subsequent GTP hydrolysis. These changed conformations were modeled based on the fitting of the crystal coordinates to the low resolution ribosome map (factor-bound) and energy minimizing the fitted structures.
;
_struct.pdbx_CASP_flag            ? 
_struct.pdbx_model_type_details   ? 
# 
_struct_keywords.entry_id        1JQM 
_struct_keywords.pdbx_keywords   RIBOSOME 
_struct_keywords.text            'L11, EF-G, cryo-EM, 70s E.coli ribosome, GDP state, RIBOSOME' 
# 
loop_
_struct_asym.id 
_struct_asym.pdbx_blank_PDB_chainid_flag 
_struct_asym.pdbx_modified 
_struct_asym.entity_id 
_struct_asym.details 
A N N 1 ? 
B N N 2 ? 
# 
loop_
_struct_ref.id 
_struct_ref.entity_id 
_struct_ref.db_name 
_struct_ref.db_code 
_struct_ref.pdbx_db_accession 
_struct_ref.pdbx_align_begin 
_struct_ref.pdbx_seq_one_letter_code 
_struct_ref.pdbx_db_isoform 
1 1 UNP RL11_THEMA P29395 1 
;AKKVAAQIKLQLPAGKATPAPPVGPALGQHGVNIMEFCKRFNAETADKAGMILPVVITVYEDKSFTFIIKTPPASFLLKK
AAGIEKGSSEPKRKIVGKVTRKQIEEIAKTKMPDLNANSLEAAMKIIEGTAKSMGIEVV
;
? 
2 2 UNP EFG_THETH  P13551 1 
;MAVKVEYDLKRLRNIGIAAHIDAGKTTTTERILYYTGRIHKIGEVHEGAATMDFMEQERERGITITAAVTTCFWKDHRIN
IIDTPGHVDFTIEVERSMRVLDGAIVVFDSSQGVEPQSETVWRQAEKYKVPRIAFANKMDKTGADLWLVIRTMQERLGAR
PVVMQLPIGREDTFSGIIDVLRMKAYTYGNDLGTDIREIPIPEEYLDQAREYHEKLVEVAADFDENIMLKYLEGEEPTEE
ELVAAIRKGTIDLKITPVFLGSALKNKGVQLLLDAVVDYLPSPLDIPPIKGTTPEGEVVEIHPDPNGPLAALAFKIMADP
YVGRLTFIRVYSGTLTSGSYVYNTTKGRKERVARLLRMHANHREEVEELKAGDLGAVVGLKETITGDTLVGEDAPRVILE
SIEVPEPVIDVAIEPKTKADQEKLSQALARLAEEDPTFRVSTHPETGQTIISGMGELHLEIIVDRLKREFKVDANVGKPQ
VAYRETITKPVDVEGKFIRQTGGRGQYGHVKIKVEPLPRGSGFEFVNAIVGGVIPKEYIPAVQKGIEEAMQSGPLIGFPV
VDIKVTLYDGSYHEVDSSEMAFKIAGSMAIKEAVQKGDPVILEPIMRVEVTTPEEYMGDVIGDLNARRGQILGMEPRGNA
QVIRAFVPLAEMFGYATDLRSKTQGRGSFVMFFDHYQEVPKQVQEKLIKGQ
;
? 
# 
loop_
_struct_ref_seq.align_id 
_struct_ref_seq.ref_id 
_struct_ref_seq.pdbx_PDB_id_code 
_struct_ref_seq.pdbx_strand_id 
_struct_ref_seq.seq_align_beg 
_struct_ref_seq.pdbx_seq_align_beg_ins_code 
_struct_ref_seq.seq_align_end 
_struct_ref_seq.pdbx_seq_align_end_ins_code 
_struct_ref_seq.pdbx_db_accession 
_struct_ref_seq.db_align_beg 
_struct_ref_seq.pdbx_db_align_beg_ins_code 
_struct_ref_seq.db_align_end 
_struct_ref_seq.pdbx_db_align_end_ins_code 
_struct_ref_seq.pdbx_auth_seq_align_beg 
_struct_ref_seq.pdbx_auth_seq_align_end 
1 1 1JQM A 1 ? 139 ? P29395 1 ? 139 ? -5 133 
2 2 1JQM B 1 ? 691 ? P13551 1 ? 691 ? 1  691 
# 
_struct_ref_seq_dif.align_id                     2 
_struct_ref_seq_dif.pdbx_pdb_id_code             1JQM 
_struct_ref_seq_dif.mon_id                       ASN 
_struct_ref_seq_dif.pdbx_pdb_strand_id           B 
_struct_ref_seq_dif.seq_num                      208 
_struct_ref_seq_dif.pdbx_pdb_ins_code            ? 
_struct_ref_seq_dif.pdbx_seq_db_name             UNP 
_struct_ref_seq_dif.pdbx_seq_db_accession_code   P13551 
_struct_ref_seq_dif.db_mon_id                    GLN 
_struct_ref_seq_dif.pdbx_seq_db_seq_num          208 
_struct_ref_seq_dif.details                      conflict 
_struct_ref_seq_dif.pdbx_auth_seq_num            208 
_struct_ref_seq_dif.pdbx_ordinal                 1 
# 
_pdbx_struct_assembly.id                   1 
_pdbx_struct_assembly.details              author_defined_assembly 
_pdbx_struct_assembly.method_details       ? 
_pdbx_struct_assembly.oligomeric_details   dimeric 
_pdbx_struct_assembly.oligomeric_count     2 
# 
_pdbx_struct_assembly_gen.assembly_id       1 
_pdbx_struct_assembly_gen.oper_expression   1 
_pdbx_struct_assembly_gen.asym_id_list      A,B 
# 
_pdbx_struct_oper_list.id                   1 
_pdbx_struct_oper_list.type                 'identity operation' 
_pdbx_struct_oper_list.name                 1_555 
_pdbx_struct_oper_list.symmetry_operation   x,y,z 
_pdbx_struct_oper_list.matrix[1][1]         1.0000000000 
_pdbx_struct_oper_list.matrix[1][2]         0.0000000000 
_pdbx_struct_oper_list.matrix[1][3]         0.0000000000 
_pdbx_struct_oper_list.vector[1]            0.0000000000 
_pdbx_struct_oper_list.matrix[2][1]         0.0000000000 
_pdbx_struct_oper_list.matrix[2][2]         1.0000000000 
_pdbx_struct_oper_list.matrix[2][3]         0.0000000000 
_pdbx_struct_oper_list.vector[2]            0.0000000000 
_pdbx_struct_oper_list.matrix[3][1]         0.0000000000 
_pdbx_struct_oper_list.matrix[3][2]         0.0000000000 
_pdbx_struct_oper_list.matrix[3][3]         1.0000000000 
_pdbx_struct_oper_list.vector[3]            0.0000000000 
# 
_pdbx_nmr_details.entry_id   1JQM 
_pdbx_nmr_details.text       
;This structure was generated by fitting the X-ray crystal structure of
L11 and EF-G into the 70S E. coli EF-G (GDP form) bound ribosome
map. L11 (linker region between N and C terminal) and EF-G positions
of domains G' and V were modeled to accommodate the conformational
changes.
;
# 
_pdbx_nmr_refine.entry_id           1JQM 
_pdbx_nmr_refine.method             'Molecular Modeling based on crystal structures' 
_pdbx_nmr_refine.details            
;Conformational changes occur in protein L11 and EF-G in two stpes due
to the binding of EF-G to the 70S ribosome, and subsequent GTP
hydrolysis. These changed conformations were modeled based on the
fitting of the crystal coordinates to the low resolution ribosome map
(factor-bound) and energy minimizing the fitted structures.
;
_pdbx_nmr_refine.software_ordinal   1 
# 
loop_
_pdbx_nmr_software.name 
_pdbx_nmr_software.version 
_pdbx_nmr_software.classification 
_pdbx_nmr_software.authors 
_pdbx_nmr_software.ordinal 
'IRIS Explorer' 3.5  'data analysis' 'Numerical Algorithms Group, Inc.' 1 
O               5.10 'data analysis' 'Jones, Zou, Cowan, Kjeldgaard'    2 
SPIDER          4.48 processing      Frank                              3 
'Insight II'    1998 'data analysis' 'Biosym/MSI Inc.'                  4 
# 
_em_3d_fitting.id                1 
_em_3d_fitting.entry_id          1JQM 
_em_3d_fitting.ref_protocol      OTHER 
_em_3d_fitting.ref_space         REAL 
_em_3d_fitting.overall_b_value   ? 
_em_3d_fitting.target_criteria   'VISUAL AGREEMENT' 
_em_3d_fitting.details           
;REFINEMENT PROTOCOL--MANUAL DETAILS--This structure was generated by fitting 
the X-ray crystal structure of L11 and EF-G into the 70S E. coli EF-G (GDP 
form) bound ribosome electron microscopy map. L11 (linker region between N and 
C terminal) and EF-G positions of domains G and V were modeled to accommodate 
the conformational changes. Conformational changes occur in protein L11 and 
EF-G in two steps due to the binding of EF-G to the 70S ribosome, and 
subsequent GTP hydrolysis. These changed conformations were modeled based on 
the fitting of the crystal coordinates to the low resolution ribosome map 
(factor-bound) and energy minimizing the fitted structures.
;
_em_3d_fitting.method            ? 
# 
_em_3d_reconstruction.entry_id                    1JQM 
_em_3d_reconstruction.id                          1 
_em_3d_reconstruction.symmetry_type               POINT 
_em_3d_reconstruction.image_processing_id         1 
_em_3d_reconstruction.method                      ? 
_em_3d_reconstruction.nominal_pixel_size          ? 
_em_3d_reconstruction.actual_pixel_size           ? 
_em_3d_reconstruction.resolution                  18 
_em_3d_reconstruction.magnification_calibration   ? 
_em_3d_reconstruction.details                     ? 
_em_3d_reconstruction.resolution_method           'FSC 0.5 CUT-OFF' 
_em_3d_reconstruction.num_class_averages          ? 
_em_3d_reconstruction.num_particles               36113 
_em_3d_reconstruction.algorithm                   ? 
# 
_em_buffer.id            1 
_em_buffer.specimen_id   1 
_em_buffer.name          ? 
_em_buffer.details       ? 
_em_buffer.pH            7.6 
# 
_em_entity_assembly.id                   1 
_em_entity_assembly.name                 'e. coli 70S ribosome bound with EF-G, GDP and fusidic acid' 
_em_entity_assembly.type                 RIBOSOME 
_em_entity_assembly.parent_id            0 
_em_entity_assembly.synonym              ? 
_em_entity_assembly.details              ? 
_em_entity_assembly.entity_id_list       ? 
_em_entity_assembly.source               ? 
_em_entity_assembly.oligomeric_details   ? 
# 
_em_imaging.entry_id                        1JQM 
_em_imaging.id                              1 
_em_imaging.specimen_id                     1 
_em_imaging.date                            ? 
_em_imaging.temperature                     ? 
_em_imaging.microscope_model                'FEI/PHILIPS EM420' 
_em_imaging.nominal_defocus_min             ? 
_em_imaging.nominal_defocus_max             ? 
_em_imaging.tilt_angle_min                  ? 
_em_imaging.tilt_angle_max                  ? 
_em_imaging.nominal_cs                      ? 
_em_imaging.mode                            'BRIGHT FIELD' 
_em_imaging.illumination_mode               'FLOOD BEAM' 
_em_imaging.nominal_magnification           52000 
_em_imaging.calibrated_magnification        ? 
_em_imaging.electron_source                 OTHER 
_em_imaging.accelerating_voltage            . 
_em_imaging.details                         ? 
_em_imaging.specimen_holder_type            . 
_em_imaging.specimen_holder_model           'GATAN LIQUID NITROGEN' 
_em_imaging.citation_id                     ? 
_em_imaging.detector_distance               ? 
_em_imaging.recording_temperature_maximum   ? 
_em_imaging.recording_temperature_minimum   ? 
_em_imaging.astigmatism                     ? 
_em_imaging.electron_beam_tilt_params       ? 
_em_imaging.calibrated_defocus_max          ? 
_em_imaging.alignment_procedure             ? 
_em_imaging.c2_aperture_diameter            ? 
_em_imaging.calibrated_defocus_min          ? 
_em_imaging.cryogen                         ? 
_em_imaging.residual_tilt                   ? 
# 
_em_experiment.reconstruction_method   'SINGLE PARTICLE' 
_em_experiment.entry_id                1JQM 
_em_experiment.id                      1 
_em_experiment.aggregation_state       PARTICLE 
_em_experiment.entity_assembly_id      1 
# 
_em_single_particle_entity.entry_id              1JQM 
_em_single_particle_entity.id                    1 
_em_single_particle_entity.point_symmetry        C1 
_em_single_particle_entity.image_processing_id   1 
# 
loop_
_pdbx_unobs_or_zero_occ_residues.id 
_pdbx_unobs_or_zero_occ_residues.PDB_model_num 
_pdbx_unobs_or_zero_occ_residues.polymer_flag 
_pdbx_unobs_or_zero_occ_residues.occupancy_flag 
_pdbx_unobs_or_zero_occ_residues.auth_asym_id 
_pdbx_unobs_or_zero_occ_residues.auth_comp_id 
_pdbx_unobs_or_zero_occ_residues.auth_seq_id 
_pdbx_unobs_or_zero_occ_residues.PDB_ins_code 
_pdbx_unobs_or_zero_occ_residues.label_asym_id 
_pdbx_unobs_or_zero_occ_residues.label_comp_id 
_pdbx_unobs_or_zero_occ_residues.label_seq_id 
1 1 Y 1 A ALA -5 ? A ALA 1 
2 1 Y 1 A LYS -4 ? A LYS 2 
3 1 Y 1 A LYS -3 ? A LYS 3 
4 1 Y 1 A VAL -2 ? A VAL 4 
5 1 Y 1 A ALA -1 ? A ALA 5 
6 1 Y 1 A ALA 0  ? A ALA 6 
# 
loop_
_chem_comp_atom.comp_id 
_chem_comp_atom.atom_id 
_chem_comp_atom.type_symbol 
_chem_comp_atom.pdbx_aromatic_flag 
_chem_comp_atom.pdbx_stereo_config 
_chem_comp_atom.pdbx_ordinal 
ALA N    N N N 1   
ALA CA   C N S 2   
ALA C    C N N 3   
ALA O    O N N 4   
ALA CB   C N N 5   
ALA OXT  O N N 6   
ALA H    H N N 7   
ALA H2   H N N 8   
ALA HA   H N N 9   
ALA HB1  H N N 10  
ALA HB2  H N N 11  
ALA HB3  H N N 12  
ALA HXT  H N N 13  
ARG N    N N N 14  
ARG CA   C N S 15  
ARG C    C N N 16  
ARG O    O N N 17  
ARG CB   C N N 18  
ARG CG   C N N 19  
ARG CD   C N N 20  
ARG NE   N N N 21  
ARG CZ   C N N 22  
ARG NH1  N N N 23  
ARG NH2  N N N 24  
ARG OXT  O N N 25  
ARG H    H N N 26  
ARG H2   H N N 27  
ARG HA   H N N 28  
ARG HB2  H N N 29  
ARG HB3  H N N 30  
ARG HG2  H N N 31  
ARG HG3  H N N 32  
ARG HD2  H N N 33  
ARG HD3  H N N 34  
ARG HE   H N N 35  
ARG HH11 H N N 36  
ARG HH12 H N N 37  
ARG HH21 H N N 38  
ARG HH22 H N N 39  
ARG HXT  H N N 40  
ASN N    N N N 41  
ASN CA   C N S 42  
ASN C    C N N 43  
ASN O    O N N 44  
ASN CB   C N N 45  
ASN CG   C N N 46  
ASN OD1  O N N 47  
ASN ND2  N N N 48  
ASN OXT  O N N 49  
ASN H    H N N 50  
ASN H2   H N N 51  
ASN HA   H N N 52  
ASN HB2  H N N 53  
ASN HB3  H N N 54  
ASN HD21 H N N 55  
ASN HD22 H N N 56  
ASN HXT  H N N 57  
ASP N    N N N 58  
ASP CA   C N S 59  
ASP C    C N N 60  
ASP O    O N N 61  
ASP CB   C N N 62  
ASP CG   C N N 63  
ASP OD1  O N N 64  
ASP OD2  O N N 65  
ASP OXT  O N N 66  
ASP H    H N N 67  
ASP H2   H N N 68  
ASP HA   H N N 69  
ASP HB2  H N N 70  
ASP HB3  H N N 71  
ASP HD2  H N N 72  
ASP HXT  H N N 73  
CYS N    N N N 74  
CYS CA   C N R 75  
CYS C    C N N 76  
CYS O    O N N 77  
CYS CB   C N N 78  
CYS SG   S N N 79  
CYS OXT  O N N 80  
CYS H    H N N 81  
CYS H2   H N N 82  
CYS HA   H N N 83  
CYS HB2  H N N 84  
CYS HB3  H N N 85  
CYS HG   H N N 86  
CYS HXT  H N N 87  
GLN N    N N N 88  
GLN CA   C N S 89  
GLN C    C N N 90  
GLN O    O N N 91  
GLN CB   C N N 92  
GLN CG   C N N 93  
GLN CD   C N N 94  
GLN OE1  O N N 95  
GLN NE2  N N N 96  
GLN OXT  O N N 97  
GLN H    H N N 98  
GLN H2   H N N 99  
GLN HA   H N N 100 
GLN HB2  H N N 101 
GLN HB3  H N N 102 
GLN HG2  H N N 103 
GLN HG3  H N N 104 
GLN HE21 H N N 105 
GLN HE22 H N N 106 
GLN HXT  H N N 107 
GLU N    N N N 108 
GLU CA   C N S 109 
GLU C    C N N 110 
GLU O    O N N 111 
GLU CB   C N N 112 
GLU CG   C N N 113 
GLU CD   C N N 114 
GLU OE1  O N N 115 
GLU OE2  O N N 116 
GLU OXT  O N N 117 
GLU H    H N N 118 
GLU H2   H N N 119 
GLU HA   H N N 120 
GLU HB2  H N N 121 
GLU HB3  H N N 122 
GLU HG2  H N N 123 
GLU HG3  H N N 124 
GLU HE2  H N N 125 
GLU HXT  H N N 126 
GLY N    N N N 127 
GLY CA   C N N 128 
GLY C    C N N 129 
GLY O    O N N 130 
GLY OXT  O N N 131 
GLY H    H N N 132 
GLY H2   H N N 133 
GLY HA2  H N N 134 
GLY HA3  H N N 135 
GLY HXT  H N N 136 
HIS N    N N N 137 
HIS CA   C N S 138 
HIS C    C N N 139 
HIS O    O N N 140 
HIS CB   C N N 141 
HIS CG   C Y N 142 
HIS ND1  N Y N 143 
HIS CD2  C Y N 144 
HIS CE1  C Y N 145 
HIS NE2  N Y N 146 
HIS OXT  O N N 147 
HIS H    H N N 148 
HIS H2   H N N 149 
HIS HA   H N N 150 
HIS HB2  H N N 151 
HIS HB3  H N N 152 
HIS HD1  H N N 153 
HIS HD2  H N N 154 
HIS HE1  H N N 155 
HIS HE2  H N N 156 
HIS HXT  H N N 157 
ILE N    N N N 158 
ILE CA   C N S 159 
ILE C    C N N 160 
ILE O    O N N 161 
ILE CB   C N S 162 
ILE CG1  C N N 163 
ILE CG2  C N N 164 
ILE CD1  C N N 165 
ILE OXT  O N N 166 
ILE H    H N N 167 
ILE H2   H N N 168 
ILE HA   H N N 169 
ILE HB   H N N 170 
ILE HG12 H N N 171 
ILE HG13 H N N 172 
ILE HG21 H N N 173 
ILE HG22 H N N 174 
ILE HG23 H N N 175 
ILE HD11 H N N 176 
ILE HD12 H N N 177 
ILE HD13 H N N 178 
ILE HXT  H N N 179 
LEU N    N N N 180 
LEU CA   C N S 181 
LEU C    C N N 182 
LEU O    O N N 183 
LEU CB   C N N 184 
LEU CG   C N N 185 
LEU CD1  C N N 186 
LEU CD2  C N N 187 
LEU OXT  O N N 188 
LEU H    H N N 189 
LEU H2   H N N 190 
LEU HA   H N N 191 
LEU HB2  H N N 192 
LEU HB3  H N N 193 
LEU HG   H N N 194 
LEU HD11 H N N 195 
LEU HD12 H N N 196 
LEU HD13 H N N 197 
LEU HD21 H N N 198 
LEU HD22 H N N 199 
LEU HD23 H N N 200 
LEU HXT  H N N 201 
LYS N    N N N 202 
LYS CA   C N S 203 
LYS C    C N N 204 
LYS O    O N N 205 
LYS CB   C N N 206 
LYS CG   C N N 207 
LYS CD   C N N 208 
LYS CE   C N N 209 
LYS NZ   N N N 210 
LYS OXT  O N N 211 
LYS H    H N N 212 
LYS H2   H N N 213 
LYS HA   H N N 214 
LYS HB2  H N N 215 
LYS HB3  H N N 216 
LYS HG2  H N N 217 
LYS HG3  H N N 218 
LYS HD2  H N N 219 
LYS HD3  H N N 220 
LYS HE2  H N N 221 
LYS HE3  H N N 222 
LYS HZ1  H N N 223 
LYS HZ2  H N N 224 
LYS HZ3  H N N 225 
LYS HXT  H N N 226 
MET N    N N N 227 
MET CA   C N S 228 
MET C    C N N 229 
MET O    O N N 230 
MET CB   C N N 231 
MET CG   C N N 232 
MET SD   S N N 233 
MET CE   C N N 234 
MET OXT  O N N 235 
MET H    H N N 236 
MET H2   H N N 237 
MET HA   H N N 238 
MET HB2  H N N 239 
MET HB3  H N N 240 
MET HG2  H N N 241 
MET HG3  H N N 242 
MET HE1  H N N 243 
MET HE2  H N N 244 
MET HE3  H N N 245 
MET HXT  H N N 246 
PHE N    N N N 247 
PHE CA   C N S 248 
PHE C    C N N 249 
PHE O    O N N 250 
PHE CB   C N N 251 
PHE CG   C Y N 252 
PHE CD1  C Y N 253 
PHE CD2  C Y N 254 
PHE CE1  C Y N 255 
PHE CE2  C Y N 256 
PHE CZ   C Y N 257 
PHE OXT  O N N 258 
PHE H    H N N 259 
PHE H2   H N N 260 
PHE HA   H N N 261 
PHE HB2  H N N 262 
PHE HB3  H N N 263 
PHE HD1  H N N 264 
PHE HD2  H N N 265 
PHE HE1  H N N 266 
PHE HE2  H N N 267 
PHE HZ   H N N 268 
PHE HXT  H N N 269 
PRO N    N N N 270 
PRO CA   C N S 271 
PRO C    C N N 272 
PRO O    O N N 273 
PRO CB   C N N 274 
PRO CG   C N N 275 
PRO CD   C N N 276 
PRO OXT  O N N 277 
PRO H    H N N 278 
PRO HA   H N N 279 
PRO HB2  H N N 280 
PRO HB3  H N N 281 
PRO HG2  H N N 282 
PRO HG3  H N N 283 
PRO HD2  H N N 284 
PRO HD3  H N N 285 
PRO HXT  H N N 286 
SER N    N N N 287 
SER CA   C N S 288 
SER C    C N N 289 
SER O    O N N 290 
SER CB   C N N 291 
SER OG   O N N 292 
SER OXT  O N N 293 
SER H    H N N 294 
SER H2   H N N 295 
SER HA   H N N 296 
SER HB2  H N N 297 
SER HB3  H N N 298 
SER HG   H N N 299 
SER HXT  H N N 300 
THR N    N N N 301 
THR CA   C N S 302 
THR C    C N N 303 
THR O    O N N 304 
THR CB   C N R 305 
THR OG1  O N N 306 
THR CG2  C N N 307 
THR OXT  O N N 308 
THR H    H N N 309 
THR H2   H N N 310 
THR HA   H N N 311 
THR HB   H N N 312 
THR HG1  H N N 313 
THR HG21 H N N 314 
THR HG22 H N N 315 
THR HG23 H N N 316 
THR HXT  H N N 317 
TRP N    N N N 318 
TRP CA   C N S 319 
TRP C    C N N 320 
TRP O    O N N 321 
TRP CB   C N N 322 
TRP CG   C Y N 323 
TRP CD1  C Y N 324 
TRP CD2  C Y N 325 
TRP NE1  N Y N 326 
TRP CE2  C Y N 327 
TRP CE3  C Y N 328 
TRP CZ2  C Y N 329 
TRP CZ3  C Y N 330 
TRP CH2  C Y N 331 
TRP OXT  O N N 332 
TRP H    H N N 333 
TRP H2   H N N 334 
TRP HA   H N N 335 
TRP HB2  H N N 336 
TRP HB3  H N N 337 
TRP HD1  H N N 338 
TRP HE1  H N N 339 
TRP HE3  H N N 340 
TRP HZ2  H N N 341 
TRP HZ3  H N N 342 
TRP HH2  H N N 343 
TRP HXT  H N N 344 
TYR N    N N N 345 
TYR CA   C N S 346 
TYR C    C N N 347 
TYR O    O N N 348 
TYR CB   C N N 349 
TYR CG   C Y N 350 
TYR CD1  C Y N 351 
TYR CD2  C Y N 352 
TYR CE1  C Y N 353 
TYR CE2  C Y N 354 
TYR CZ   C Y N 355 
TYR OH   O N N 356 
TYR OXT  O N N 357 
TYR H    H N N 358 
TYR H2   H N N 359 
TYR HA   H N N 360 
TYR HB2  H N N 361 
TYR HB3  H N N 362 
TYR HD1  H N N 363 
TYR HD2  H N N 364 
TYR HE1  H N N 365 
TYR HE2  H N N 366 
TYR HH   H N N 367 
TYR HXT  H N N 368 
VAL N    N N N 369 
VAL CA   C N S 370 
VAL C    C N N 371 
VAL O    O N N 372 
VAL CB   C N N 373 
VAL CG1  C N N 374 
VAL CG2  C N N 375 
VAL OXT  O N N 376 
VAL H    H N N 377 
VAL H2   H N N 378 
VAL HA   H N N 379 
VAL HB   H N N 380 
VAL HG11 H N N 381 
VAL HG12 H N N 382 
VAL HG13 H N N 383 
VAL HG21 H N N 384 
VAL HG22 H N N 385 
VAL HG23 H N N 386 
VAL HXT  H N N 387 
# 
loop_
_chem_comp_bond.comp_id 
_chem_comp_bond.atom_id_1 
_chem_comp_bond.atom_id_2 
_chem_comp_bond.value_order 
_chem_comp_bond.pdbx_aromatic_flag 
_chem_comp_bond.pdbx_stereo_config 
_chem_comp_bond.pdbx_ordinal 
ALA N   CA   sing N N 1   
ALA N   H    sing N N 2   
ALA N   H2   sing N N 3   
ALA CA  C    sing N N 4   
ALA CA  CB   sing N N 5   
ALA CA  HA   sing N N 6   
ALA C   O    doub N N 7   
ALA C   OXT  sing N N 8   
ALA CB  HB1  sing N N 9   
ALA CB  HB2  sing N N 10  
ALA CB  HB3  sing N N 11  
ALA OXT HXT  sing N N 12  
ARG N   CA   sing N N 13  
ARG N   H    sing N N 14  
ARG N   H2   sing N N 15  
ARG CA  C    sing N N 16  
ARG CA  CB   sing N N 17  
ARG CA  HA   sing N N 18  
ARG C   O    doub N N 19  
ARG C   OXT  sing N N 20  
ARG CB  CG   sing N N 21  
ARG CB  HB2  sing N N 22  
ARG CB  HB3  sing N N 23  
ARG CG  CD   sing N N 24  
ARG CG  HG2  sing N N 25  
ARG CG  HG3  sing N N 26  
ARG CD  NE   sing N N 27  
ARG CD  HD2  sing N N 28  
ARG CD  HD3  sing N N 29  
ARG NE  CZ   sing N N 30  
ARG NE  HE   sing N N 31  
ARG CZ  NH1  sing N N 32  
ARG CZ  NH2  doub N N 33  
ARG NH1 HH11 sing N N 34  
ARG NH1 HH12 sing N N 35  
ARG NH2 HH21 sing N N 36  
ARG NH2 HH22 sing N N 37  
ARG OXT HXT  sing N N 38  
ASN N   CA   sing N N 39  
ASN N   H    sing N N 40  
ASN N   H2   sing N N 41  
ASN CA  C    sing N N 42  
ASN CA  CB   sing N N 43  
ASN CA  HA   sing N N 44  
ASN C   O    doub N N 45  
ASN C   OXT  sing N N 46  
ASN CB  CG   sing N N 47  
ASN CB  HB2  sing N N 48  
ASN CB  HB3  sing N N 49  
ASN CG  OD1  doub N N 50  
ASN CG  ND2  sing N N 51  
ASN ND2 HD21 sing N N 52  
ASN ND2 HD22 sing N N 53  
ASN OXT HXT  sing N N 54  
ASP N   CA   sing N N 55  
ASP N   H    sing N N 56  
ASP N   H2   sing N N 57  
ASP CA  C    sing N N 58  
ASP CA  CB   sing N N 59  
ASP CA  HA   sing N N 60  
ASP C   O    doub N N 61  
ASP C   OXT  sing N N 62  
ASP CB  CG   sing N N 63  
ASP CB  HB2  sing N N 64  
ASP CB  HB3  sing N N 65  
ASP CG  OD1  doub N N 66  
ASP CG  OD2  sing N N 67  
ASP OD2 HD2  sing N N 68  
ASP OXT HXT  sing N N 69  
CYS N   CA   sing N N 70  
CYS N   H    sing N N 71  
CYS N   H2   sing N N 72  
CYS CA  C    sing N N 73  
CYS CA  CB   sing N N 74  
CYS CA  HA   sing N N 75  
CYS C   O    doub N N 76  
CYS C   OXT  sing N N 77  
CYS CB  SG   sing N N 78  
CYS CB  HB2  sing N N 79  
CYS CB  HB3  sing N N 80  
CYS SG  HG   sing N N 81  
CYS OXT HXT  sing N N 82  
GLN N   CA   sing N N 83  
GLN N   H    sing N N 84  
GLN N   H2   sing N N 85  
GLN CA  C    sing N N 86  
GLN CA  CB   sing N N 87  
GLN CA  HA   sing N N 88  
GLN C   O    doub N N 89  
GLN C   OXT  sing N N 90  
GLN CB  CG   sing N N 91  
GLN CB  HB2  sing N N 92  
GLN CB  HB3  sing N N 93  
GLN CG  CD   sing N N 94  
GLN CG  HG2  sing N N 95  
GLN CG  HG3  sing N N 96  
GLN CD  OE1  doub N N 97  
GLN CD  NE2  sing N N 98  
GLN NE2 HE21 sing N N 99  
GLN NE2 HE22 sing N N 100 
GLN OXT HXT  sing N N 101 
GLU N   CA   sing N N 102 
GLU N   H    sing N N 103 
GLU N   H2   sing N N 104 
GLU CA  C    sing N N 105 
GLU CA  CB   sing N N 106 
GLU CA  HA   sing N N 107 
GLU C   O    doub N N 108 
GLU C   OXT  sing N N 109 
GLU CB  CG   sing N N 110 
GLU CB  HB2  sing N N 111 
GLU CB  HB3  sing N N 112 
GLU CG  CD   sing N N 113 
GLU CG  HG2  sing N N 114 
GLU CG  HG3  sing N N 115 
GLU CD  OE1  doub N N 116 
GLU CD  OE2  sing N N 117 
GLU OE2 HE2  sing N N 118 
GLU OXT HXT  sing N N 119 
GLY N   CA   sing N N 120 
GLY N   H    sing N N 121 
GLY N   H2   sing N N 122 
GLY CA  C    sing N N 123 
GLY CA  HA2  sing N N 124 
GLY CA  HA3  sing N N 125 
GLY C   O    doub N N 126 
GLY C   OXT  sing N N 127 
GLY OXT HXT  sing N N 128 
HIS N   CA   sing N N 129 
HIS N   H    sing N N 130 
HIS N   H2   sing N N 131 
HIS CA  C    sing N N 132 
HIS CA  CB   sing N N 133 
HIS CA  HA   sing N N 134 
HIS C   O    doub N N 135 
HIS C   OXT  sing N N 136 
HIS CB  CG   sing N N 137 
HIS CB  HB2  sing N N 138 
HIS CB  HB3  sing N N 139 
HIS CG  ND1  sing Y N 140 
HIS CG  CD2  doub Y N 141 
HIS ND1 CE1  doub Y N 142 
HIS ND1 HD1  sing N N 143 
HIS CD2 NE2  sing Y N 144 
HIS CD2 HD2  sing N N 145 
HIS CE1 NE2  sing Y N 146 
HIS CE1 HE1  sing N N 147 
HIS NE2 HE2  sing N N 148 
HIS OXT HXT  sing N N 149 
ILE N   CA   sing N N 150 
ILE N   H    sing N N 151 
ILE N   H2   sing N N 152 
ILE CA  C    sing N N 153 
ILE CA  CB   sing N N 154 
ILE CA  HA   sing N N 155 
ILE C   O    doub N N 156 
ILE C   OXT  sing N N 157 
ILE CB  CG1  sing N N 158 
ILE CB  CG2  sing N N 159 
ILE CB  HB   sing N N 160 
ILE CG1 CD1  sing N N 161 
ILE CG1 HG12 sing N N 162 
ILE CG1 HG13 sing N N 163 
ILE CG2 HG21 sing N N 164 
ILE CG2 HG22 sing N N 165 
ILE CG2 HG23 sing N N 166 
ILE CD1 HD11 sing N N 167 
ILE CD1 HD12 sing N N 168 
ILE CD1 HD13 sing N N 169 
ILE OXT HXT  sing N N 170 
LEU N   CA   sing N N 171 
LEU N   H    sing N N 172 
LEU N   H2   sing N N 173 
LEU CA  C    sing N N 174 
LEU CA  CB   sing N N 175 
LEU CA  HA   sing N N 176 
LEU C   O    doub N N 177 
LEU C   OXT  sing N N 178 
LEU CB  CG   sing N N 179 
LEU CB  HB2  sing N N 180 
LEU CB  HB3  sing N N 181 
LEU CG  CD1  sing N N 182 
LEU CG  CD2  sing N N 183 
LEU CG  HG   sing N N 184 
LEU CD1 HD11 sing N N 185 
LEU CD1 HD12 sing N N 186 
LEU CD1 HD13 sing N N 187 
LEU CD2 HD21 sing N N 188 
LEU CD2 HD22 sing N N 189 
LEU CD2 HD23 sing N N 190 
LEU OXT HXT  sing N N 191 
LYS N   CA   sing N N 192 
LYS N   H    sing N N 193 
LYS N   H2   sing N N 194 
LYS CA  C    sing N N 195 
LYS CA  CB   sing N N 196 
LYS CA  HA   sing N N 197 
LYS C   O    doub N N 198 
LYS C   OXT  sing N N 199 
LYS CB  CG   sing N N 200 
LYS CB  HB2  sing N N 201 
LYS CB  HB3  sing N N 202 
LYS CG  CD   sing N N 203 
LYS CG  HG2  sing N N 204 
LYS CG  HG3  sing N N 205 
LYS CD  CE   sing N N 206 
LYS CD  HD2  sing N N 207 
LYS CD  HD3  sing N N 208 
LYS CE  NZ   sing N N 209 
LYS CE  HE2  sing N N 210 
LYS CE  HE3  sing N N 211 
LYS NZ  HZ1  sing N N 212 
LYS NZ  HZ2  sing N N 213 
LYS NZ  HZ3  sing N N 214 
LYS OXT HXT  sing N N 215 
MET N   CA   sing N N 216 
MET N   H    sing N N 217 
MET N   H2   sing N N 218 
MET CA  C    sing N N 219 
MET CA  CB   sing N N 220 
MET CA  HA   sing N N 221 
MET C   O    doub N N 222 
MET C   OXT  sing N N 223 
MET CB  CG   sing N N 224 
MET CB  HB2  sing N N 225 
MET CB  HB3  sing N N 226 
MET CG  SD   sing N N 227 
MET CG  HG2  sing N N 228 
MET CG  HG3  sing N N 229 
MET SD  CE   sing N N 230 
MET CE  HE1  sing N N 231 
MET CE  HE2  sing N N 232 
MET CE  HE3  sing N N 233 
MET OXT HXT  sing N N 234 
PHE N   CA   sing N N 235 
PHE N   H    sing N N 236 
PHE N   H2   sing N N 237 
PHE CA  C    sing N N 238 
PHE CA  CB   sing N N 239 
PHE CA  HA   sing N N 240 
PHE C   O    doub N N 241 
PHE C   OXT  sing N N 242 
PHE CB  CG   sing N N 243 
PHE CB  HB2  sing N N 244 
PHE CB  HB3  sing N N 245 
PHE CG  CD1  doub Y N 246 
PHE CG  CD2  sing Y N 247 
PHE CD1 CE1  sing Y N 248 
PHE CD1 HD1  sing N N 249 
PHE CD2 CE2  doub Y N 250 
PHE CD2 HD2  sing N N 251 
PHE CE1 CZ   doub Y N 252 
PHE CE1 HE1  sing N N 253 
PHE CE2 CZ   sing Y N 254 
PHE CE2 HE2  sing N N 255 
PHE CZ  HZ   sing N N 256 
PHE OXT HXT  sing N N 257 
PRO N   CA   sing N N 258 
PRO N   CD   sing N N 259 
PRO N   H    sing N N 260 
PRO CA  C    sing N N 261 
PRO CA  CB   sing N N 262 
PRO CA  HA   sing N N 263 
PRO C   O    doub N N 264 
PRO C   OXT  sing N N 265 
PRO CB  CG   sing N N 266 
PRO CB  HB2  sing N N 267 
PRO CB  HB3  sing N N 268 
PRO CG  CD   sing N N 269 
PRO CG  HG2  sing N N 270 
PRO CG  HG3  sing N N 271 
PRO CD  HD2  sing N N 272 
PRO CD  HD3  sing N N 273 
PRO OXT HXT  sing N N 274 
SER N   CA   sing N N 275 
SER N   H    sing N N 276 
SER N   H2   sing N N 277 
SER CA  C    sing N N 278 
SER CA  CB   sing N N 279 
SER CA  HA   sing N N 280 
SER C   O    doub N N 281 
SER C   OXT  sing N N 282 
SER CB  OG   sing N N 283 
SER CB  HB2  sing N N 284 
SER CB  HB3  sing N N 285 
SER OG  HG   sing N N 286 
SER OXT HXT  sing N N 287 
THR N   CA   sing N N 288 
THR N   H    sing N N 289 
THR N   H2   sing N N 290 
THR CA  C    sing N N 291 
THR CA  CB   sing N N 292 
THR CA  HA   sing N N 293 
THR C   O    doub N N 294 
THR C   OXT  sing N N 295 
THR CB  OG1  sing N N 296 
THR CB  CG2  sing N N 297 
THR CB  HB   sing N N 298 
THR OG1 HG1  sing N N 299 
THR CG2 HG21 sing N N 300 
THR CG2 HG22 sing N N 301 
THR CG2 HG23 sing N N 302 
THR OXT HXT  sing N N 303 
TRP N   CA   sing N N 304 
TRP N   H    sing N N 305 
TRP N   H2   sing N N 306 
TRP CA  C    sing N N 307 
TRP CA  CB   sing N N 308 
TRP CA  HA   sing N N 309 
TRP C   O    doub N N 310 
TRP C   OXT  sing N N 311 
TRP CB  CG   sing N N 312 
TRP CB  HB2  sing N N 313 
TRP CB  HB3  sing N N 314 
TRP CG  CD1  doub Y N 315 
TRP CG  CD2  sing Y N 316 
TRP CD1 NE1  sing Y N 317 
TRP CD1 HD1  sing N N 318 
TRP CD2 CE2  doub Y N 319 
TRP CD2 CE3  sing Y N 320 
TRP NE1 CE2  sing Y N 321 
TRP NE1 HE1  sing N N 322 
TRP CE2 CZ2  sing Y N 323 
TRP CE3 CZ3  doub Y N 324 
TRP CE3 HE3  sing N N 325 
TRP CZ2 CH2  doub Y N 326 
TRP CZ2 HZ2  sing N N 327 
TRP CZ3 CH2  sing Y N 328 
TRP CZ3 HZ3  sing N N 329 
TRP CH2 HH2  sing N N 330 
TRP OXT HXT  sing N N 331 
TYR N   CA   sing N N 332 
TYR N   H    sing N N 333 
TYR N   H2   sing N N 334 
TYR CA  C    sing N N 335 
TYR CA  CB   sing N N 336 
TYR CA  HA   sing N N 337 
TYR C   O    doub N N 338 
TYR C   OXT  sing N N 339 
TYR CB  CG   sing N N 340 
TYR CB  HB2  sing N N 341 
TYR CB  HB3  sing N N 342 
TYR CG  CD1  doub Y N 343 
TYR CG  CD2  sing Y N 344 
TYR CD1 CE1  sing Y N 345 
TYR CD1 HD1  sing N N 346 
TYR CD2 CE2  doub Y N 347 
TYR CD2 HD2  sing N N 348 
TYR CE1 CZ   doub Y N 349 
TYR CE1 HE1  sing N N 350 
TYR CE2 CZ   sing Y N 351 
TYR CE2 HE2  sing N N 352 
TYR CZ  OH   sing N N 353 
TYR OH  HH   sing N N 354 
TYR OXT HXT  sing N N 355 
VAL N   CA   sing N N 356 
VAL N   H    sing N N 357 
VAL N   H2   sing N N 358 
VAL CA  C    sing N N 359 
VAL CA  CB   sing N N 360 
VAL CA  HA   sing N N 361 
VAL C   O    doub N N 362 
VAL C   OXT  sing N N 363 
VAL CB  CG1  sing N N 364 
VAL CB  CG2  sing N N 365 
VAL CB  HB   sing N N 366 
VAL CG1 HG11 sing N N 367 
VAL CG1 HG12 sing N N 368 
VAL CG1 HG13 sing N N 369 
VAL CG2 HG21 sing N N 370 
VAL CG2 HG22 sing N N 371 
VAL CG2 HG23 sing N N 372 
VAL OXT HXT  sing N N 373 
# 
_em_image_processing.id                   1 
_em_image_processing.image_recording_id   1 
_em_image_processing.details              ? 
# 
_em_image_recording.id                            1 
_em_image_recording.imaging_id                    1 
_em_image_recording.film_or_detector_model        'GENERIC FILM' 
_em_image_recording.avg_electron_dose_per_image   10 
_em_image_recording.average_exposure_time         ? 
_em_image_recording.details                       ? 
_em_image_recording.num_grids_imaged              ? 
_em_image_recording.num_diffraction_images        ? 
_em_image_recording.num_real_images               ? 
_em_image_recording.detector_mode                 ? 
# 
_em_particle_selection.details                  ? 
_em_particle_selection.id                       1 
_em_particle_selection.image_processing_id      1 
_em_particle_selection.method                   ? 
_em_particle_selection.num_particles_selected   36113 
_em_particle_selection.reference_model          ? 
# 
_em_specimen.experiment_id           1 
_em_specimen.id                      1 
_em_specimen.concentration           ? 
_em_specimen.vitrification_applied   YES 
_em_specimen.staining_applied        NO 
_em_specimen.embedding_applied       NO 
_em_specimen.shadowing_applied       NO 
_em_specimen.details                 ? 
# 
loop_
_pdbx_coordinate_model.asym_id 
_pdbx_coordinate_model.type 
A 'CA ATOMS ONLY' 
B 'CA ATOMS ONLY' 
# 
_atom_sites.entry_id                    1JQM 
_atom_sites.fract_transf_matrix[1][1]   1.000000 
_atom_sites.fract_transf_matrix[1][2]   0.000000 
_atom_sites.fract_transf_matrix[1][3]   0.000000 
_atom_sites.fract_transf_matrix[2][1]   0.000000 
_atom_sites.fract_transf_matrix[2][2]   1.000000 
_atom_sites.fract_transf_matrix[2][3]   0.000000 
_atom_sites.fract_transf_matrix[3][1]   0.000000 
_atom_sites.fract_transf_matrix[3][2]   0.000000 
_atom_sites.fract_transf_matrix[3][3]   1.000000 
_atom_sites.fract_transf_vector[1]      0.00000 
_atom_sites.fract_transf_vector[2]      0.00000 
_atom_sites.fract_transf_vector[3]      0.00000 
# 
_atom_type.symbol   C 
# 
loop_
_atom_site.group_PDB 
_atom_site.id 
_atom_site.type_symbol 
_atom_site.label_atom_id 
_atom_site.label_alt_id 
_atom_site.label_comp_id 
_atom_site.label_asym_id 
_atom_site.label_entity_id 
_atom_site.label_seq_id 
_atom_site.pdbx_PDB_ins_code 
_atom_site.Cartn_x 
_atom_site.Cartn_y 
_atom_site.Cartn_z 
_atom_site.occupancy 
_atom_site.B_iso_or_equiv 
_atom_site.pdbx_formal_charge 
_atom_site.auth_seq_id 
_atom_site.auth_comp_id 
_atom_site.auth_asym_id 
_atom_site.auth_atom_id 
_atom_site.pdbx_PDB_model_num 
ATOM 1   C CA . GLN A 1 7   ? 19.640  16.085  38.214  1.00 79.42  ? 1   GLN A CA 1 
ATOM 2   C CA . ILE A 1 8   ? 19.188  12.471  36.992  1.00 80.39  ? 2   ILE A CA 1 
ATOM 3   C CA . LYS A 1 9   ? 21.316  9.806   35.247  1.00 77.55  ? 3   LYS A CA 1 
ATOM 4   C CA . LEU A 1 10  ? 20.642  6.965   32.773  1.00 77.13  ? 4   LEU A CA 1 
ATOM 5   C CA . GLN A 1 11  ? 22.412  5.031   29.968  1.00 82.10  ? 5   GLN A CA 1 
ATOM 6   C CA . LEU A 1 12  ? 21.114  5.393   26.385  1.00 79.90  ? 6   LEU A CA 1 
ATOM 7   C CA . PRO A 1 13  ? 21.941  4.033   22.913  1.00 76.54  ? 7   PRO A CA 1 
ATOM 8   C CA . ALA A 1 14  ? 23.769  6.694   20.851  1.00 82.83  ? 8   ALA A CA 1 
ATOM 9   C CA . GLY A 1 15  ? 22.206  8.323   17.729  1.00 98.24  ? 9   GLY A CA 1 
ATOM 10  C CA . LYS A 1 16  ? 18.816  6.937   18.780  1.00 98.41  ? 10  LYS A CA 1 
ATOM 11  C CA . ALA A 1 17  ? 16.214  7.783   21.477  1.00 96.77  ? 11  ALA A CA 1 
ATOM 12  C CA . THR A 1 18  ? 12.429  8.380   22.050  1.00 98.62  ? 12  THR A CA 1 
ATOM 13  C CA . PRO A 1 19  ? 10.806  5.055   23.213  1.00 100.00 ? 13  PRO A CA 1 
ATOM 14  C CA . ALA A 1 20  ? 8.927   5.213   26.520  1.00 100.00 ? 14  ALA A CA 1 
ATOM 15  C CA . PRO A 1 21  ? 10.219  2.272   28.678  1.00 100.00 ? 15  PRO A CA 1 
ATOM 16  C CA . PRO A 1 22  ? 13.935  3.252   28.259  1.00 100.00 ? 16  PRO A CA 1 
ATOM 17  C CA . VAL A 1 23  ? 13.500  7.059   27.992  1.00 95.98  ? 17  VAL A CA 1 
ATOM 18  C CA . GLY A 1 24  ? 10.096  8.743   28.410  1.00 94.07  ? 18  GLY A CA 1 
ATOM 19  C CA . PRO A 1 25  ? 8.657   8.480   31.993  1.00 93.06  ? 19  PRO A CA 1 
ATOM 20  C CA . ALA A 1 26  ? 12.055  7.850   33.682  1.00 96.04  ? 20  ALA A CA 1 
ATOM 21  C CA . LEU A 1 27  ? 13.222  11.488  33.328  1.00 92.03  ? 21  LEU A CA 1 
ATOM 22  C CA . GLY A 1 28  ? 9.895   12.862  31.969  1.00 88.78  ? 22  GLY A CA 1 
ATOM 23  C CA . GLN A 1 29  ? 8.419   12.679  35.507  1.00 91.11  ? 23  GLN A CA 1 
ATOM 24  C CA . HIS A 1 30  ? 10.987  15.305  36.663  1.00 94.53  ? 24  HIS A CA 1 
ATOM 25  C CA . GLY A 1 31  ? 9.631   17.595  33.877  1.00 90.69  ? 25  GLY A CA 1 
ATOM 26  C CA . VAL A 1 32  ? 12.007  16.890  30.945  1.00 90.50  ? 26  VAL A CA 1 
ATOM 27  C CA . ASN A 1 33  ? 10.668  17.853  27.494  1.00 94.89  ? 27  ASN A CA 1 
ATOM 28  C CA . ILE A 1 34  ? 11.416  14.463  25.889  1.00 97.32  ? 28  ILE A CA 1 
ATOM 29  C CA . MET A 1 35  ? 11.437  15.610  22.223  1.00 99.82  ? 29  MET A CA 1 
ATOM 30  C CA . GLU A 1 36  ? 14.046  18.335  22.839  1.00 92.68  ? 30  GLU A CA 1 
ATOM 31  C CA . PHE A 1 37  ? 16.280  15.899  24.774  1.00 95.14  ? 31  PHE A CA 1 
ATOM 32  C CA . CYS A 1 38  ? 16.008  13.123  22.155  1.00 95.64  ? 32  CYS A CA 1 
ATOM 33  C CA . LYS A 1 39  ? 16.851  15.351  19.168  1.00 96.22  ? 33  LYS A CA 1 
ATOM 34  C CA . ARG A 1 40  ? 19.668  17.260  20.952  1.00 89.97  ? 34  ARG A CA 1 
ATOM 35  C CA . PHE A 1 41  ? 21.183  13.995  22.284  1.00 82.17  ? 35  PHE A CA 1 
ATOM 36  C CA . ASN A 1 42  ? 20.944  12.095  18.963  1.00 86.52  ? 36  ASN A CA 1 
ATOM 37  C CA . ALA A 1 43  ? 22.752  14.930  17.097  1.00 84.79  ? 37  ALA A CA 1 
ATOM 38  C CA . GLU A 1 44  ? 26.254  14.877  18.681  1.00 90.10  ? 38  GLU A CA 1 
ATOM 39  C CA . THR A 1 45  ? 26.015  11.146  19.565  1.00 91.97  ? 39  THR A CA 1 
ATOM 40  C CA . ALA A 1 46  ? 25.908  10.498  15.773  1.00 93.30  ? 40  ALA A CA 1 
ATOM 41  C CA . ASP A 1 47  ? 29.699  11.106  16.007  1.00 100.00 ? 41  ASP A CA 1 
ATOM 42  C CA . LYS A 1 48  ? 29.891  7.935   18.173  1.00 99.10  ? 42  LYS A CA 1 
ATOM 43  C CA . ALA A 1 49  ? 26.878  6.044   16.744  1.00 93.02  ? 43  ALA A CA 1 
ATOM 44  C CA . GLY A 1 50  ? 25.740  2.492   17.646  1.00 90.09  ? 44  GLY A CA 1 
ATOM 45  C CA . MET A 1 51  ? 27.228  2.706   21.191  1.00 88.05  ? 45  MET A CA 1 
ATOM 46  C CA . ILE A 1 52  ? 25.468  2.570   24.558  1.00 76.40  ? 46  ILE A CA 1 
ATOM 47  C CA . LEU A 1 53  ? 26.791  5.293   26.897  1.00 75.31  ? 47  LEU A CA 1 
ATOM 48  C CA . PRO A 1 54  ? 25.957  7.076   30.207  1.00 73.63  ? 48  PRO A CA 1 
ATOM 49  C CA . VAL A 1 55  ? 24.360  10.545  30.150  1.00 70.19  ? 49  VAL A CA 1 
ATOM 50  C CA . VAL A 1 56  ? 23.587  12.859  33.113  1.00 73.93  ? 50  VAL A CA 1 
ATOM 51  C CA . ILE A 1 57  ? 20.604  15.226  32.630  1.00 77.59  ? 51  ILE A CA 1 
ATOM 52  C CA . THR A 1 58  ? 20.890  18.375  34.795  1.00 82.77  ? 52  THR A CA 1 
ATOM 53  C CA . VAL A 1 59  ? 17.337  19.791  35.074  1.00 85.45  ? 53  VAL A CA 1 
ATOM 54  C CA . TYR A 1 60  ? 16.567  23.430  35.970  1.00 88.03  ? 54  TYR A CA 1 
ATOM 55  C CA . GLU A 1 61  ? 13.420  24.919  37.578  1.00 86.30  ? 55  GLU A CA 1 
ATOM 56  C CA . ASP A 1 62  ? 12.087  26.223  34.204  1.00 83.65  ? 56  ASP A CA 1 
ATOM 57  C CA . LYS A 1 63  ? 12.322  22.665  32.724  1.00 89.76  ? 57  LYS A CA 1 
ATOM 58  C CA . SER A 1 64  ? 15.533  23.282  30.732  1.00 87.60  ? 58  SER A CA 1 
ATOM 59  C CA . PHE A 1 65  ? 18.626  21.016  30.850  1.00 86.65  ? 59  PHE A CA 1 
ATOM 60  C CA . THR A 1 66  ? 22.144  20.054  29.626  1.00 79.66  ? 60  THR A CA 1 
ATOM 61  C CA . PHE A 1 67  ? 24.161  16.761  29.589  1.00 76.33  ? 61  PHE A CA 1 
ATOM 62  C CA . ILE A 1 68  ? 27.375  14.751  28.726  1.00 70.90  ? 62  ILE A CA 1 
ATOM 63  C CA . ILE A 1 69  ? 28.828  11.550  27.042  1.00 65.88  ? 63  ILE A CA 1 
ATOM 64  C CA . LYS A 1 70  ? 31.552  8.765   27.512  1.00 49.56  ? 64  LYS A CA 1 
ATOM 65  C CA . THR A 1 71  ? 33.633  5.829   26.216  1.00 48.54  ? 65  THR A CA 1 
ATOM 66  C CA . PRO A 1 72  ? 34.031  2.712   23.878  1.00 39.98  ? 66  PRO A CA 1 
ATOM 67  C CA . PRO A 1 73  ? 34.772  -1.137  23.548  1.00 35.21  ? 67  PRO A CA 1 
ATOM 68  C CA . ALA A 1 74  ? 37.856  -3.417  22.963  1.00 29.59  ? 68  ALA A CA 1 
ATOM 69  C CA . SER A 1 75  ? 37.505  -6.259  20.421  1.00 31.31  ? 69  SER A CA 1 
ATOM 70  C CA . PHE A 1 76  ? 36.769  -3.972  17.430  1.00 34.16  ? 70  PHE A CA 1 
ATOM 71  C CA . LEU A 1 77  ? 40.091  -2.231  18.214  1.00 42.01  ? 71  LEU A CA 1 
ATOM 72  C CA . LEU A 1 78  ? 41.988  -5.579  18.007  1.00 34.91  ? 72  LEU A CA 1 
ATOM 73  C CA . LYS A 1 79  ? 40.324  -6.523  14.669  1.00 38.30  ? 73  LYS A CA 1 
ATOM 74  C CA . LYS A 1 80  ? 41.211  -3.038  13.337  1.00 38.23  ? 74  LYS A CA 1 
ATOM 75  C CA . ALA A 1 81  ? 44.745  -2.922  14.872  1.00 43.40  ? 75  ALA A CA 1 
ATOM 76  C CA . ALA A 1 82  ? 45.753  -6.281  13.346  1.00 44.61  ? 76  ALA A CA 1 
ATOM 77  C CA . GLY A 1 83  ? 44.382  -4.881  10.047  1.00 37.87  ? 77  GLY A CA 1 
ATOM 78  C CA . ILE A 1 84  ? 41.945  -7.773  9.480   1.00 37.65  ? 78  ILE A CA 1 
ATOM 79  C CA . GLU A 1 85  ? 38.215  -7.689  8.688   1.00 47.13  ? 79  GLU A CA 1 
ATOM 80  C CA . LYS A 1 86  ? 37.322  -10.707 10.891  1.00 38.76  ? 80  LYS A CA 1 
ATOM 81  C CA . GLY A 1 87  ? 38.926  -12.926 13.574  1.00 33.53  ? 81  GLY A CA 1 
ATOM 82  C CA . SER A 1 88  ? 39.933  -16.605 13.322  1.00 31.79  ? 82  SER A CA 1 
ATOM 83  C CA . SER A 1 89  ? 37.480  -19.401 12.433  1.00 35.62  ? 83  SER A CA 1 
ATOM 84  C CA . GLU A 1 90  ? 39.518  -21.579 14.838  1.00 38.55  ? 84  GLU A CA 1 
ATOM 85  C CA . PRO A 1 91  ? 41.638  -19.375 17.198  1.00 37.71  ? 85  PRO A CA 1 
ATOM 86  C CA . LYS A 1 92  ? 45.092  -20.732 18.249  1.00 36.65  ? 86  LYS A CA 1 
ATOM 87  C CA . ARG A 1 93  ? 44.912  -23.580 15.670  1.00 29.80  ? 87  ARG A CA 1 
ATOM 88  C CA . LYS A 1 94  ? 44.697  -20.835 13.009  1.00 30.94  ? 88  LYS A CA 1 
ATOM 89  C CA . ILE A 1 95  ? 46.291  -17.389 13.503  1.00 31.34  ? 89  ILE A CA 1 
ATOM 90  C CA . VAL A 1 96  ? 44.797  -14.771 11.133  1.00 29.74  ? 90  VAL A CA 1 
ATOM 91  C CA . GLY A 1 97  ? 46.737  -11.680 12.301  1.00 35.16  ? 91  GLY A CA 1 
ATOM 92  C CA . LYS A 1 98  ? 49.063  -10.130 14.885  1.00 40.57  ? 92  LYS A CA 1 
ATOM 93  C CA . VAL A 1 99  ? 49.596  -6.851  16.782  1.00 41.33  ? 93  VAL A CA 1 
ATOM 94  C CA . THR A 1 100 ? 52.637  -5.391  18.541  1.00 42.43  ? 94  THR A CA 1 
ATOM 95  C CA . ARG A 1 101 ? 52.790  -5.452  22.360  1.00 49.44  ? 95  ARG A CA 1 
ATOM 96  C CA . LYS A 1 102 ? 52.870  -1.644  21.858  1.00 51.76  ? 96  LYS A CA 1 
ATOM 97  C CA . GLN A 1 103 ? 49.474  -1.772  20.060  1.00 44.08  ? 97  GLN A CA 1 
ATOM 98  C CA . ILE A 1 104 ? 48.257  -3.812  23.076  1.00 35.57  ? 98  ILE A CA 1 
ATOM 99  C CA . GLU A 1 105 ? 49.348  -0.812  25.236  1.00 53.52  ? 99  GLU A CA 1 
ATOM 100 C CA . GLU A 1 106 ? 47.451  1.610   22.926  1.00 52.07  ? 100 GLU A CA 1 
ATOM 101 C CA . ILE A 1 107 ? 44.236  -0.483  23.017  1.00 39.41  ? 101 ILE A CA 1 
ATOM 102 C CA . ALA A 1 108 ? 44.568  -0.841  26.820  1.00 42.41  ? 102 ALA A CA 1 
ATOM 103 C CA . LYS A 1 109 ? 44.837  2.992   26.993  1.00 44.59  ? 103 LYS A CA 1 
ATOM 104 C CA . THR A 1 110 ? 41.666  3.427   24.869  1.00 42.63  ? 104 THR A CA 1 
ATOM 105 C CA . LYS A 1 111 ? 39.580  0.991   26.971  1.00 42.77  ? 105 LYS A CA 1 
ATOM 106 C CA . MET A 1 112 ? 41.184  2.040   30.350  1.00 41.26  ? 106 MET A CA 1 
ATOM 107 C CA . PRO A 1 113 ? 38.214  4.116   31.771  1.00 29.51  ? 107 PRO A CA 1 
ATOM 108 C CA . ASP A 1 114 ? 35.926  1.027   31.545  1.00 36.41  ? 108 ASP A CA 1 
ATOM 109 C CA . LEU A 1 115 ? 38.529  -1.482  32.863  1.00 33.57  ? 109 LEU A CA 1 
ATOM 110 C CA . ASN A 1 116 ? 38.655  -2.625  36.488  1.00 33.28  ? 110 ASN A CA 1 
ATOM 111 C CA . ALA A 1 117 ? 42.445  -3.115  35.864  1.00 41.18  ? 111 ALA A CA 1 
ATOM 112 C CA . ASN A 1 118 ? 44.465  -1.160  38.455  1.00 42.41  ? 112 ASN A CA 1 
ATOM 113 C CA . SER A 1 119 ? 47.860  -1.506  36.715  1.00 43.86  ? 113 SER A CA 1 
ATOM 114 C CA . LEU A 1 120 ? 48.786  -0.857  33.067  1.00 44.83  ? 114 LEU A CA 1 
ATOM 115 C CA . GLU A 1 121 ? 50.365  -4.346  32.995  1.00 47.46  ? 115 GLU A CA 1 
ATOM 116 C CA . ALA A 1 122 ? 47.015  -5.828  34.087  1.00 38.97  ? 116 ALA A CA 1 
ATOM 117 C CA . ALA A 1 123 ? 45.136  -3.692  31.521  1.00 36.26  ? 117 ALA A CA 1 
ATOM 118 C CA . MET A 1 124 ? 47.374  -5.011  28.703  1.00 34.84  ? 118 MET A CA 1 
ATOM 119 C CA . LYS A 1 125 ? 46.939  -8.598  29.998  1.00 28.15  ? 119 LYS A CA 1 
ATOM 120 C CA . ILE A 1 126 ? 43.103  -8.260  29.693  1.00 29.89  ? 120 ILE A CA 1 
ATOM 121 C CA . ILE A 1 127 ? 43.462  -7.183  26.031  1.00 27.70  ? 121 ILE A CA 1 
ATOM 122 C CA . GLU A 1 128 ? 45.979  -10.035 25.460  1.00 28.43  ? 122 GLU A CA 1 
ATOM 123 C CA . GLY A 1 129 ? 43.280  -12.401 26.803  1.00 21.91  ? 123 GLY A CA 1 
ATOM 124 C CA . THR A 1 130 ? 40.956  -11.099 24.056  1.00 25.94  ? 124 THR A CA 1 
ATOM 125 C CA . ALA A 1 131 ? 43.764  -11.233 21.415  1.00 26.64  ? 125 ALA A CA 1 
ATOM 126 C CA . LYS A 1 132 ? 44.440  -14.917 22.231  1.00 27.21  ? 126 LYS A CA 1 
ATOM 127 C CA . SER A 1 133 ? 40.744  -15.915 22.004  1.00 33.04  ? 127 SER A CA 1 
ATOM 128 C CA . MET A 1 134 ? 40.405  -14.284 18.517  1.00 25.82  ? 128 MET A CA 1 
ATOM 129 C CA . GLY A 1 135 ? 43.652  -15.786 17.094  1.00 22.84  ? 129 GLY A CA 1 
ATOM 130 C CA . ILE A 1 136 ? 45.736  -12.570 16.985  1.00 29.45  ? 130 ILE A CA 1 
ATOM 131 C CA . GLU A 1 137 ? 49.351  -12.994 18.201  1.00 39.24  ? 131 GLU A CA 1 
ATOM 132 C CA . VAL A 1 138 ? 51.473  -10.463 20.129  1.00 52.55  ? 132 VAL A CA 1 
ATOM 133 C CA . VAL A 1 139 ? 54.947  -9.489  18.800  1.00 58.40  ? 133 VAL A CA 1 
ATOM 134 C CA . MET B 2 1   ? -17.800 36.311  -2.006  1.00 0.00   ? 1   MET B CA 1 
ATOM 135 C CA . ALA B 2 2   ? -21.193 38.021  -1.356  1.00 0.00   ? 2   ALA B CA 1 
ATOM 136 C CA . VAL B 2 3   ? -22.423 37.231  -4.926  1.00 0.00   ? 3   VAL B CA 1 
ATOM 137 C CA . LYS B 2 4   ? -25.236 34.920  -6.228  1.00 0.00   ? 4   LYS B CA 1 
ATOM 138 C CA . VAL B 2 5   ? -22.487 32.724  -7.856  1.00 0.00   ? 5   VAL B CA 1 
ATOM 139 C CA . GLU B 2 6   ? -21.193 31.658  -4.393  1.00 0.00   ? 6   GLU B CA 1 
ATOM 140 C CA . TYR B 2 7   ? -24.641 32.017  -2.703  1.00 0.00   ? 7   TYR B CA 1 
ATOM 141 C CA . ASP B 2 8   ? -26.195 29.262  -4.914  1.00 0.00   ? 8   ASP B CA 1 
ATOM 142 C CA . LEU B 2 9   ? -23.074 26.992  -4.581  1.00 0.00   ? 9   LEU B CA 1 
ATOM 143 C CA . LYS B 2 10  ? -22.537 27.208  -0.753  1.00 0.00   ? 10  LYS B CA 1 
ATOM 144 C CA . ARG B 2 11  ? -26.075 25.683  -0.696  1.00 0.00   ? 11  ARG B CA 1 
ATOM 145 C CA . LEU B 2 12  ? -24.944 22.463  -2.548  1.00 0.00   ? 12  LEU B CA 1 
ATOM 146 C CA . ARG B 2 13  ? -23.983 19.494  -0.283  1.00 0.00   ? 13  ARG B CA 1 
ATOM 147 C CA . ASN B 2 14  ? -22.940 16.446  -2.378  1.00 0.00   ? 14  ASN B CA 1 
ATOM 148 C CA . ILE B 2 15  ? -22.329 13.673  0.225   1.00 0.00   ? 15  ILE B CA 1 
ATOM 149 C CA . GLY B 2 16  ? -20.384 10.354  0.004   1.00 0.00   ? 16  GLY B CA 1 
ATOM 150 C CA . ILE B 2 17  ? -20.650 8.045   3.048   1.00 0.00   ? 17  ILE B CA 1 
ATOM 151 C CA . ALA B 2 18  ? -17.792 5.816   4.397   1.00 0.00   ? 18  ALA B CA 1 
ATOM 152 C CA . ALA B 2 19  ? -18.030 2.842   6.842   1.00 0.00   ? 19  ALA B CA 1 
ATOM 153 C CA . HIS B 2 20  ? -16.770 -0.795  6.316   1.00 0.00   ? 20  HIS B CA 1 
ATOM 154 C CA . ILE B 2 21  ? -18.762 -4.026  5.510   1.00 0.00   ? 21  ILE B CA 1 
ATOM 155 C CA . ASP B 2 22  ? -22.286 -4.338  7.050   1.00 0.00   ? 22  ASP B CA 1 
ATOM 156 C CA . ALA B 2 23  ? -21.467 -1.137  9.017   1.00 0.00   ? 23  ALA B CA 1 
ATOM 157 C CA . GLY B 2 24  ? -24.127 1.472   7.953   1.00 0.00   ? 24  GLY B CA 1 
ATOM 158 C CA . LYS B 2 25  ? -22.975 3.016   4.597   1.00 0.00   ? 25  LYS B CA 1 
ATOM 159 C CA . THR B 2 26  ? -25.643 1.826   2.071   1.00 0.00   ? 26  THR B CA 1 
ATOM 160 C CA . THR B 2 27  ? -28.682 2.383   4.390   1.00 0.00   ? 27  THR B CA 1 
ATOM 161 C CA . THR B 2 28  ? -27.745 6.045   5.162   1.00 0.00   ? 28  THR B CA 1 
ATOM 162 C CA . THR B 2 29  ? -26.795 6.578   1.437   1.00 0.00   ? 29  THR B CA 1 
ATOM 163 C CA . GLU B 2 30  ? -30.536 6.109   0.587   1.00 0.00   ? 30  GLU B CA 1 
ATOM 164 C CA . ARG B 2 31  ? -32.521 7.677   3.447   1.00 0.00   ? 31  ARG B CA 1 
ATOM 165 C CA . ILE B 2 32  ? -31.677 11.424  2.971   1.00 0.00   ? 32  ILE B CA 1 
ATOM 166 C CA . LEU B 2 33  ? -33.379 11.206  -0.501  1.00 0.00   ? 33  LEU B CA 1 
ATOM 167 C CA . TYR B 2 34  ? -36.485 9.909   1.381   1.00 0.00   ? 34  TYR B CA 1 
ATOM 168 C CA . TYR B 2 35  ? -36.550 12.779  3.939   1.00 0.00   ? 35  TYR B CA 1 
ATOM 169 C CA . THR B 2 36  ? -37.100 15.643  1.385   1.00 0.00   ? 36  THR B CA 1 
ATOM 170 C CA . GLY B 2 37  ? -36.701 14.372  -2.243  1.00 0.00   ? 37  GLY B CA 1 
ATOM 171 C CA . ARG B 2 38  ? -39.102 11.391  -2.521  1.00 0.00   ? 38  ARG B CA 1 
ATOM 172 C CA . ILE B 2 39  ? -37.421 7.966   -1.801  1.00 0.00   ? 39  ILE B CA 1 
ATOM 173 C CA . HIS B 2 40  ? -34.926 5.582   -3.525  1.00 0.00   ? 40  HIS B CA 1 
ATOM 174 C CA . LYS B 2 41  ? -34.126 1.821   -3.668  1.00 0.00   ? 41  LYS B CA 1 
ATOM 175 C CA . ILE B 2 42  ? -31.608 0.752   -0.960  1.00 0.00   ? 42  ILE B CA 1 
ATOM 176 C CA . GLY B 2 43  ? -28.805 -1.550  -2.227  1.00 0.00   ? 43  GLY B CA 1 
ATOM 177 C CA . GLU B 2 44  ? -26.010 -2.166  -4.733  1.00 0.00   ? 44  GLU B CA 1 
ATOM 178 C CA . VAL B 2 45  ? -26.136 -5.770  -3.566  1.00 0.00   ? 45  VAL B CA 1 
ATOM 179 C CA . HIS B 2 46  ? -28.229 -7.999  -3.158  1.00 0.00   ? 46  HIS B CA 1 
ATOM 180 C CA . GLU B 2 47  ? -31.082 -7.888  -5.758  1.00 0.00   ? 47  GLU B CA 1 
ATOM 181 C CA . GLY B 2 48  ? -29.274 -8.620  -9.069  1.00 0.00   ? 48  GLY B CA 1 
ATOM 182 C CA . ALA B 2 49  ? -29.205 -11.622 -8.906  1.00 0.00   ? 49  ALA B CA 1 
ATOM 183 C CA . ALA B 2 50  ? -25.809 -12.254 -10.666 1.00 0.00   ? 50  ALA B CA 1 
ATOM 184 C CA . THR B 2 51  ? -23.887 -10.113 -8.152  1.00 0.00   ? 51  THR B CA 1 
ATOM 185 C CA . MET B 2 52  ? -24.099 -13.533 -6.367  1.00 0.00   ? 52  MET B CA 1 
ATOM 186 C CA . ASP B 2 53  ? -21.500 -14.982 -8.789  1.00 0.00   ? 53  ASP B CA 1 
ATOM 187 C CA . PHE B 2 54  ? -18.529 -14.507 -6.370  1.00 0.00   ? 54  PHE B CA 1 
ATOM 188 C CA . MET B 2 55  ? -20.549 -13.112 -3.338  1.00 0.00   ? 55  MET B CA 1 
ATOM 189 C CA . GLU B 2 56  ? -18.588 -14.881 -0.524  1.00 0.00   ? 56  GLU B CA 1 
ATOM 190 C CA . GLN B 2 57  ? -14.975 -14.880 -1.822  1.00 0.00   ? 57  GLN B CA 1 
ATOM 191 C CA . GLU B 2 58  ? -15.733 -11.243 -2.923  1.00 0.00   ? 58  GLU B CA 1 
ATOM 192 C CA . ARG B 2 59  ? -16.695 -10.293 0.707   1.00 0.00   ? 59  ARG B CA 1 
ATOM 193 C CA . GLU B 2 60  ? -12.848 -10.232 1.278   1.00 0.00   ? 60  GLU B CA 1 
ATOM 194 C CA . ARG B 2 61  ? -11.905 -8.562  -2.108  1.00 0.00   ? 61  ARG B CA 1 
ATOM 195 C CA . GLY B 2 62  ? -14.687 -6.212  -3.441  1.00 0.00   ? 62  GLY B CA 1 
ATOM 196 C CA . ILE B 2 63  ? -18.437 -5.971  -2.425  1.00 0.00   ? 63  ILE B CA 1 
ATOM 197 C CA . THR B 2 64  ? -21.312 -3.347  -2.454  1.00 0.00   ? 64  THR B CA 1 
ATOM 198 C CA . ILE B 2 65  ? -20.488 -0.736  -5.176  1.00 0.00   ? 65  ILE B CA 1 
ATOM 199 C CA . THR B 2 66  ? -22.643 0.648   -8.089  1.00 0.00   ? 66  THR B CA 1 
ATOM 200 C CA . ALA B 2 67  ? -24.722 3.829   -7.212  1.00 0.00   ? 67  ALA B CA 1 
ATOM 201 C CA . ALA B 2 68  ? -25.384 6.402   -10.013 1.00 0.00   ? 68  ALA B CA 1 
ATOM 202 C CA . VAL B 2 69  ? -27.332 9.647   -9.147  1.00 0.00   ? 69  VAL B CA 1 
ATOM 203 C CA . THR B 2 70  ? -30.578 10.765  -7.394  1.00 0.00   ? 70  THR B CA 1 
ATOM 204 C CA . THR B 2 71  ? -31.244 14.489  -6.607  1.00 0.00   ? 71  THR B CA 1 
ATOM 205 C CA . CYS B 2 72  ? -33.200 16.436  -3.904  1.00 0.00   ? 72  CYS B CA 1 
ATOM 206 C CA . PHE B 2 73  ? -33.466 19.889  -2.163  1.00 0.00   ? 73  PHE B CA 1 
ATOM 207 C CA . TRP B 2 74  ? -33.339 20.981  1.547   1.00 0.00   ? 74  TRP B CA 1 
ATOM 208 C CA . LYS B 2 75  ? -34.328 24.683  1.982   1.00 0.00   ? 75  LYS B CA 1 
ATOM 209 C CA . ASP B 2 76  ? -32.503 25.456  -1.332  1.00 0.00   ? 76  ASP B CA 1 
ATOM 210 C CA . HIS B 2 77  ? -29.520 23.184  -0.298  1.00 0.00   ? 77  HIS B CA 1 
ATOM 211 C CA . ARG B 2 78  ? -29.361 20.783  -3.287  1.00 0.00   ? 78  ARG B CA 1 
ATOM 212 C CA . ILE B 2 79  ? -28.206 17.304  -2.129  1.00 0.00   ? 79  ILE B CA 1 
ATOM 213 C CA . ASN B 2 80  ? -26.951 14.362  -4.257  1.00 0.00   ? 80  ASN B CA 1 
ATOM 214 C CA . ILE B 2 81  ? -25.671 10.995  -2.894  1.00 0.00   ? 81  ILE B CA 1 
ATOM 215 C CA . ILE B 2 82  ? -23.195 8.618   -4.624  1.00 0.00   ? 82  ILE B CA 1 
ATOM 216 C CA . ASP B 2 83  ? -20.910 5.492   -4.336  1.00 0.00   ? 83  ASP B CA 1 
ATOM 217 C CA . THR B 2 84  ? -18.247 4.409   -1.750  1.00 0.00   ? 84  THR B CA 1 
ATOM 218 C CA . PRO B 2 85  ? -16.170 1.116   -1.451  1.00 0.00   ? 85  PRO B CA 1 
ATOM 219 C CA . GLY B 2 86  ? -15.554 -0.926  1.747   1.00 0.00   ? 86  GLY B CA 1 
ATOM 220 C CA . HIS B 2 87  ? -12.593 -3.363  1.395   1.00 0.00   ? 87  HIS B CA 1 
ATOM 221 C CA . VAL B 2 88  ? -8.895  -2.397  0.954   1.00 0.00   ? 88  VAL B CA 1 
ATOM 222 C CA . ASP B 2 89  ? -6.736  -5.459  -0.080  1.00 0.00   ? 89  ASP B CA 1 
ATOM 223 C CA . PHE B 2 90  ? -7.086  -4.635  -3.835  1.00 0.00   ? 90  PHE B CA 1 
ATOM 224 C CA . THR B 2 91  ? -5.786  -1.041  -3.858  1.00 0.00   ? 91  THR B CA 1 
ATOM 225 C CA . ILE B 2 92  ? -7.350  0.527   -7.010  1.00 0.00   ? 92  ILE B CA 1 
ATOM 226 C CA . GLU B 2 93  ? -11.183 0.326   -6.560  1.00 0.00   ? 93  GLU B CA 1 
ATOM 227 C CA . VAL B 2 94  ? -10.895 1.738   -2.991  1.00 0.00   ? 94  VAL B CA 1 
ATOM 228 C CA . GLU B 2 95  ? -10.101 5.470   -3.537  1.00 0.00   ? 95  GLU B CA 1 
ATOM 229 C CA . ARG B 2 96  ? -12.058 6.099   -6.837  1.00 0.00   ? 96  ARG B CA 1 
ATOM 230 C CA . SER B 2 97  ? -15.564 6.997   -5.493  1.00 0.00   ? 97  SER B CA 1 
ATOM 231 C CA . MET B 2 98  ? -14.092 8.903   -2.439  1.00 0.00   ? 98  MET B CA 1 
ATOM 232 C CA . ARG B 2 99  ? -13.716 11.983  -4.784  1.00 0.00   ? 99  ARG B CA 1 
ATOM 233 C CA . VAL B 2 100 ? -17.221 12.445  -6.363  1.00 0.00   ? 100 VAL B CA 1 
ATOM 234 C CA . LEU B 2 101 ? -18.348 14.004  -2.975  1.00 0.00   ? 101 LEU B CA 1 
ATOM 235 C CA . ASP B 2 102 ? -17.932 17.273  -1.005  1.00 0.00   ? 102 ASP B CA 1 
ATOM 236 C CA . GLY B 2 103 ? -18.995 16.160  2.521   1.00 0.00   ? 103 GLY B CA 1 
ATOM 237 C CA . ALA B 2 104 ? -17.255 13.039  3.940   1.00 0.00   ? 104 ALA B CA 1 
ATOM 238 C CA . ILE B 2 105 ? -19.805 11.628  6.461   1.00 0.00   ? 105 ILE B CA 1 
ATOM 239 C CA . VAL B 2 106 ? -18.018 8.698   8.197   1.00 0.00   ? 106 VAL B CA 1 
ATOM 240 C CA . VAL B 2 107 ? -20.857 6.465   9.491   1.00 0.00   ? 107 VAL B CA 1 
ATOM 241 C CA . PHE B 2 108 ? -19.759 4.180   12.390  1.00 0.00   ? 108 PHE B CA 1 
ATOM 242 C CA . ASP B 2 109 ? -21.606 1.108   13.765  1.00 0.00   ? 109 ASP B CA 1 
ATOM 243 C CA . SER B 2 110 ? -22.498 2.066   17.393  1.00 0.00   ? 110 SER B CA 1 
ATOM 244 C CA . SER B 2 111 ? -22.250 -1.603  18.628  1.00 0.00   ? 111 SER B CA 1 
ATOM 245 C CA . GLN B 2 112 ? -18.626 -1.968  17.266  1.00 0.00   ? 112 GLN B CA 1 
ATOM 246 C CA . GLY B 2 113 ? -16.958 1.500   17.446  1.00 0.00   ? 113 GLY B CA 1 
ATOM 247 C CA . VAL B 2 114 ? -14.314 1.131   14.669  1.00 0.00   ? 114 VAL B CA 1 
ATOM 248 C CA . GLU B 2 115 ? -13.943 -2.132  12.633  1.00 0.00   ? 115 GLU B CA 1 
ATOM 249 C CA . PRO B 2 116 ? -10.743 -3.332  10.771  1.00 0.00   ? 116 PRO B CA 1 
ATOM 250 C CA . GLN B 2 117 ? -11.402 -1.618  7.373   1.00 0.00   ? 117 GLN B CA 1 
ATOM 251 C CA . SER B 2 118 ? -13.035 1.364   9.210   1.00 0.00   ? 118 SER B CA 1 
ATOM 252 C CA . GLU B 2 119 ? -9.390  1.885   10.324  1.00 0.00   ? 119 GLU B CA 1 
ATOM 253 C CA . THR B 2 120 ? -7.735  1.292   6.916   1.00 0.00   ? 120 THR B CA 1 
ATOM 254 C CA . VAL B 2 121 ? -10.268 3.463   4.947   1.00 0.00   ? 121 VAL B CA 1 
ATOM 255 C CA . TRP B 2 122 ? -9.634  6.337   7.465   1.00 0.00   ? 122 TRP B CA 1 
ATOM 256 C CA . ARG B 2 123 ? -5.820  5.823   7.095   1.00 0.00   ? 123 ARG B CA 1 
ATOM 257 C CA . GLN B 2 124 ? -6.281  5.938   3.270   1.00 0.00   ? 124 GLN B CA 1 
ATOM 258 C CA . ALA B 2 125 ? -8.533  9.069   3.648   1.00 0.00   ? 125 ALA B CA 1 
ATOM 259 C CA . GLU B 2 126 ? -5.430  10.935  5.028   1.00 0.00   ? 126 GLU B CA 1 
ATOM 260 C CA . LYS B 2 127 ? -4.126  10.771  1.383   1.00 0.00   ? 127 LYS B CA 1 
ATOM 261 C CA . TYR B 2 128 ? -7.147  12.986  0.414   1.00 0.00   ? 128 TYR B CA 1 
ATOM 262 C CA . LYS B 2 129 ? -7.508  15.084  3.662   1.00 0.00   ? 129 LYS B CA 1 
ATOM 263 C CA . VAL B 2 130 ? -11.352 15.249  3.603   1.00 0.00   ? 130 VAL B CA 1 
ATOM 264 C CA . PRO B 2 131 ? -13.162 17.017  6.555   1.00 0.00   ? 131 PRO B CA 1 
ATOM 265 C CA . ARG B 2 132 ? -14.590 13.959  8.412   1.00 0.00   ? 132 ARG B CA 1 
ATOM 266 C CA . ILE B 2 133 ? -17.559 14.030  10.830  1.00 0.00   ? 133 ILE B CA 1 
ATOM 267 C CA . ALA B 2 134 ? -18.418 10.864  12.827  1.00 0.00   ? 134 ALA B CA 1 
ATOM 268 C CA . PHE B 2 135 ? -22.078 9.701   12.867  1.00 0.00   ? 135 PHE B CA 1 
ATOM 269 C CA . ALA B 2 136 ? -22.704 6.902   15.434  1.00 0.00   ? 136 ALA B CA 1 
ATOM 270 C CA . ASN B 2 137 ? -25.451 5.106   13.445  1.00 0.00   ? 137 ASN B CA 1 
ATOM 271 C CA . LYS B 2 138 ? -27.756 2.207   14.453  1.00 0.00   ? 138 LYS B CA 1 
ATOM 272 C CA . MET B 2 139 ? -28.564 3.557   17.977  1.00 0.00   ? 139 MET B CA 1 
ATOM 273 C CA . ASP B 2 140 ? -31.544 1.084   17.907  1.00 0.00   ? 140 ASP B CA 1 
ATOM 274 C CA . LYS B 2 141 ? -29.238 -2.005  17.492  1.00 0.00   ? 141 LYS B CA 1 
ATOM 275 C CA . THR B 2 142 ? -28.455 -4.572  20.252  1.00 0.00   ? 142 THR B CA 1 
ATOM 276 C CA . GLY B 2 143 ? -25.400 -3.348  22.246  1.00 0.00   ? 143 GLY B CA 1 
ATOM 277 C CA . ALA B 2 144 ? -25.505 0.144   20.584  1.00 0.00   ? 144 ALA B CA 1 
ATOM 278 C CA . ASP B 2 145 ? -23.380 2.636   22.599  1.00 0.00   ? 145 ASP B CA 1 
ATOM 279 C CA . LEU B 2 146 ? -22.036 6.208   22.141  1.00 0.00   ? 146 LEU B CA 1 
ATOM 280 C CA . TRP B 2 147 ? -19.230 5.650   24.728  1.00 0.00   ? 147 TRP B CA 1 
ATOM 281 C CA . LEU B 2 148 ? -17.898 2.652   22.709  1.00 0.00   ? 148 LEU B CA 1 
ATOM 282 C CA . VAL B 2 149 ? -17.503 5.008   19.678  1.00 0.00   ? 149 VAL B CA 1 
ATOM 283 C CA . ILE B 2 150 ? -15.683 7.608   21.905  1.00 0.00   ? 150 ILE B CA 1 
ATOM 284 C CA . ARG B 2 151 ? -13.261 4.960   23.362  1.00 0.00   ? 151 ARG B CA 1 
ATOM 285 C CA . THR B 2 152 ? -12.557 2.871   20.193  1.00 0.00   ? 152 THR B CA 1 
ATOM 286 C CA . MET B 2 153 ? -12.063 6.027   18.009  1.00 0.00   ? 153 MET B CA 1 
ATOM 287 C CA . GLN B 2 154 ? -9.070  7.130   20.208  1.00 0.00   ? 154 GLN B CA 1 
ATOM 288 C CA . GLU B 2 155 ? -7.862  3.491   20.710  1.00 0.00   ? 155 GLU B CA 1 
ATOM 289 C CA . ARG B 2 156 ? -7.726  2.112   17.113  1.00 0.00   ? 156 ARG B CA 1 
ATOM 290 C CA . LEU B 2 157 ? -7.490  5.235   14.846  1.00 0.00   ? 157 LEU B CA 1 
ATOM 291 C CA . GLY B 2 158 ? -5.590  7.479   17.320  1.00 0.00   ? 158 GLY B CA 1 
ATOM 292 C CA . ALA B 2 159 ? -7.995  10.493  17.303  1.00 0.00   ? 159 ALA B CA 1 
ATOM 293 C CA . ARG B 2 160 ? -9.347  12.643  20.216  1.00 0.00   ? 160 ARG B CA 1 
ATOM 294 C CA . PRO B 2 161 ? -13.151 12.193  19.824  1.00 0.00   ? 161 PRO B CA 1 
ATOM 295 C CA . VAL B 2 162 ? -15.807 14.225  21.719  1.00 0.00   ? 162 VAL B CA 1 
ATOM 296 C CA . VAL B 2 163 ? -19.608 14.491  22.085  1.00 0.00   ? 163 VAL B CA 1 
ATOM 297 C CA . MET B 2 164 ? -21.882 16.765  19.990  1.00 0.00   ? 164 MET B CA 1 
ATOM 298 C CA . GLN B 2 165 ? -25.088 14.707  20.700  1.00 0.00   ? 165 GLN B CA 1 
ATOM 299 C CA . LEU B 2 166 ? -26.656 12.291  23.282  1.00 0.00   ? 166 LEU B CA 1 
ATOM 300 C CA . PRO B 2 167 ? -29.176 9.482   22.410  1.00 0.00   ? 167 PRO B CA 1 
ATOM 301 C CA . ILE B 2 168 ? -32.472 9.808   24.389  1.00 0.00   ? 168 ILE B CA 1 
ATOM 302 C CA . GLY B 2 169 ? -33.228 6.168   25.406  1.00 0.00   ? 169 GLY B CA 1 
ATOM 303 C CA . ARG B 2 170 ? -31.416 2.812   24.922  1.00 0.00   ? 170 ARG B CA 1 
ATOM 304 C CA . GLU B 2 171 ? -32.028 0.739   21.781  1.00 0.00   ? 171 GLU B CA 1 
ATOM 305 C CA . ASP B 2 172 ? -35.762 -0.263  21.786  1.00 0.00   ? 172 ASP B CA 1 
ATOM 306 C CA . THR B 2 173 ? -36.515 3.089   23.604  1.00 0.00   ? 173 THR B CA 1 
ATOM 307 C CA . PHE B 2 174 ? -34.216 5.256   21.339  1.00 0.00   ? 174 PHE B CA 1 
ATOM 308 C CA . SER B 2 175 ? -36.522 8.191   20.413  1.00 0.00   ? 175 SER B CA 1 
ATOM 309 C CA . GLY B 2 176 ? -34.617 11.526  20.606  1.00 0.00   ? 176 GLY B CA 1 
ATOM 310 C CA . ILE B 2 177 ? -31.337 13.486  20.250  1.00 0.00   ? 177 ILE B CA 1 
ATOM 311 C CA . ILE B 2 178 ? -29.686 16.231  22.427  1.00 0.00   ? 178 ILE B CA 1 
ATOM 312 C CA . ASP B 2 179 ? -27.653 19.220  21.083  1.00 0.00   ? 179 ASP B CA 1 
ATOM 313 C CA . VAL B 2 180 ? -24.579 19.333  23.409  1.00 0.00   ? 180 VAL B CA 1 
ATOM 314 C CA . LEU B 2 181 ? -23.615 22.963  22.565  1.00 0.00   ? 181 LEU B CA 1 
ATOM 315 C CA . ARG B 2 182 ? -26.768 25.163  22.389  1.00 0.00   ? 182 ARG B CA 1 
ATOM 316 C CA . MET B 2 183 ? -28.870 22.933  24.761  1.00 0.00   ? 183 MET B CA 1 
ATOM 317 C CA . LYS B 2 184 ? -31.780 21.967  22.475  1.00 0.00   ? 184 LYS B CA 1 
ATOM 318 C CA . ALA B 2 185 ? -33.446 18.530  22.571  1.00 0.00   ? 185 ALA B CA 1 
ATOM 319 C CA . TYR B 2 186 ? -35.485 16.588  19.961  1.00 0.00   ? 186 TYR B CA 1 
ATOM 320 C CA . THR B 2 187 ? -37.924 13.608  20.080  1.00 0.00   ? 187 THR B CA 1 
ATOM 321 C CA . TYR B 2 188 ? -39.478 11.375  17.363  1.00 0.00   ? 188 TYR B CA 1 
ATOM 322 C CA . GLY B 2 189 ? -43.125 10.161  17.330  1.00 0.00   ? 189 GLY B CA 1 
ATOM 323 C CA . ASN B 2 190 ? -42.578 7.138   14.988  1.00 0.00   ? 190 ASN B CA 1 
ATOM 324 C CA . ASP B 2 191 ? -39.897 4.862   13.426  1.00 0.00   ? 191 ASP B CA 1 
ATOM 325 C CA . LEU B 2 192 ? -41.164 5.496   9.811   1.00 0.00   ? 192 LEU B CA 1 
ATOM 326 C CA . GLY B 2 193 ? -39.699 9.058   9.492   1.00 0.00   ? 193 GLY B CA 1 
ATOM 327 C CA . THR B 2 194 ? -42.759 11.382  9.473   1.00 0.00   ? 194 THR B CA 1 
ATOM 328 C CA . ASP B 2 195 ? -42.385 13.141  12.903  1.00 0.00   ? 195 ASP B CA 1 
ATOM 329 C CA . ILE B 2 196 ? -39.852 15.281  14.845  1.00 0.00   ? 196 ILE B CA 1 
ATOM 330 C CA . ARG B 2 197 ? -40.648 17.595  17.825  1.00 0.00   ? 197 ARG B CA 1 
ATOM 331 C CA . GLU B 2 198 ? -38.487 20.198  19.669  1.00 0.00   ? 198 GLU B CA 1 
ATOM 332 C CA . ILE B 2 199 ? -38.467 19.733  23.496  1.00 0.00   ? 199 ILE B CA 1 
ATOM 333 C CA . PRO B 2 200 ? -36.461 20.742  26.635  1.00 0.00   ? 200 PRO B CA 1 
ATOM 334 C CA . ILE B 2 201 ? -33.677 18.387  27.876  1.00 0.00   ? 201 ILE B CA 1 
ATOM 335 C CA . PRO B 2 202 ? -34.974 15.478  30.094  1.00 0.00   ? 202 PRO B CA 1 
ATOM 336 C CA . GLU B 2 203 ? -33.385 14.936  33.561  1.00 0.00   ? 203 GLU B CA 1 
ATOM 337 C CA . GLU B 2 204 ? -31.531 11.695  32.577  1.00 0.00   ? 204 GLU B CA 1 
ATOM 338 C CA . TYR B 2 205 ? -29.509 13.384  29.748  1.00 0.00   ? 205 TYR B CA 1 
ATOM 339 C CA . LEU B 2 206 ? -29.192 16.772  31.594  1.00 0.00   ? 206 LEU B CA 1 
ATOM 340 C CA . ASP B 2 207 ? -25.867 16.617  33.537  1.00 0.00   ? 207 ASP B CA 1 
ATOM 341 C CA . ASN B 2 208 ? -24.432 14.136  30.947  1.00 0.00   ? 208 ASN B CA 1 
ATOM 342 C CA . ALA B 2 209 ? -24.365 17.007  28.364  1.00 0.00   ? 209 ALA B CA 1 
ATOM 343 C CA . ARG B 2 210 ? -22.350 19.335  30.674  1.00 0.00   ? 210 ARG B CA 1 
ATOM 344 C CA . GLU B 2 211 ? -19.862 16.760  32.146  1.00 0.00   ? 211 GLU B CA 1 
ATOM 345 C CA . TYR B 2 212 ? -17.925 16.138  28.850  1.00 0.00   ? 212 TYR B CA 1 
ATOM 346 C CA . HIS B 2 213 ? -17.513 19.943  28.396  1.00 0.00   ? 213 HIS B CA 1 
ATOM 347 C CA . GLU B 2 214 ? -15.158 19.600  31.450  1.00 0.00   ? 214 GLU B CA 1 
ATOM 348 C CA . LYS B 2 215 ? -13.922 15.957  31.013  1.00 0.00   ? 215 LYS B CA 1 
ATOM 349 C CA . LEU B 2 216 ? -11.822 16.929  27.960  1.00 0.00   ? 216 LEU B CA 1 
ATOM 350 C CA . VAL B 2 217 ? -9.917  19.937  29.573  1.00 0.00   ? 217 VAL B CA 1 
ATOM 351 C CA . GLU B 2 218 ? -6.679  17.929  30.084  1.00 0.00   ? 218 GLU B CA 1 
ATOM 352 C CA . VAL B 2 219 ? -6.354  16.502  26.506  1.00 0.00   ? 219 VAL B CA 1 
ATOM 353 C CA . ALA B 2 220 ? -7.254  19.767  24.683  1.00 0.00   ? 220 ALA B CA 1 
ATOM 354 C CA . ALA B 2 221 ? -4.437  21.874  26.301  1.00 0.00   ? 221 ALA B CA 1 
ATOM 355 C CA . ASP B 2 222 ? -2.032  20.102  23.846  1.00 0.00   ? 222 ASP B CA 1 
ATOM 356 C CA . PHE B 2 223 ? -3.581  22.098  20.919  1.00 0.00   ? 223 PHE B CA 1 
ATOM 357 C CA . ASP B 2 224 ? -2.502  25.493  22.446  1.00 28.39  ? 224 ASP B CA 1 
ATOM 358 C CA . GLU B 2 225 ? 1.249   26.267  22.215  1.00 28.39  ? 225 GLU B CA 1 
ATOM 359 C CA . ASN B 2 226 ? 1.055   29.412  24.464  1.00 28.39  ? 226 ASN B CA 1 
ATOM 360 C CA . ILE B 2 227 ? -0.328  27.265  27.368  1.00 28.39  ? 227 ILE B CA 1 
ATOM 361 C CA . MET B 2 228 ? 2.568   24.743  26.950  1.00 28.39  ? 228 MET B CA 1 
ATOM 362 C CA . LEU B 2 229 ? 5.097   27.668  26.915  1.00 28.39  ? 229 LEU B CA 1 
ATOM 363 C CA . LYS B 2 230 ? 3.424   29.067  30.109  1.00 28.39  ? 230 LYS B CA 1 
ATOM 364 C CA . TYR B 2 231 ? 3.395   25.584  31.779  1.00 28.39  ? 231 TYR B CA 1 
ATOM 365 C CA . LEU B 2 232 ? 7.139   24.895  31.138  1.00 28.39  ? 232 LEU B CA 1 
ATOM 366 C CA . GLU B 2 233 ? 8.090   28.532  32.039  1.00 28.39  ? 233 GLU B CA 1 
ATOM 367 C CA . GLY B 2 234 ? 6.089   28.170  35.343  1.00 28.39  ? 234 GLY B CA 1 
ATOM 368 C CA . GLU B 2 235 ? 3.327   30.764  34.562  1.00 28.39  ? 235 GLU B CA 1 
ATOM 369 C CA . GLU B 2 236 ? -0.414  30.222  35.275  1.00 28.39  ? 236 GLU B CA 1 
ATOM 370 C CA . PRO B 2 237 ? -2.817  30.380  32.223  1.00 28.39  ? 237 PRO B CA 1 
ATOM 371 C CA . THR B 2 238 ? -6.101  32.389  32.301  1.00 28.39  ? 238 THR B CA 1 
ATOM 372 C CA . GLU B 2 239 ? -9.668  30.979  32.471  1.00 28.39  ? 239 GLU B CA 1 
ATOM 373 C CA . GLU B 2 240 ? -10.121 32.269  28.858  1.00 28.39  ? 240 GLU B CA 1 
ATOM 374 C CA . GLU B 2 241 ? -6.962  30.417  27.654  1.00 28.39  ? 241 GLU B CA 1 
ATOM 375 C CA . LEU B 2 242 ? -8.083  27.232  29.498  1.00 28.39  ? 242 LEU B CA 1 
ATOM 376 C CA . VAL B 2 243 ? -11.844 27.215  28.510  1.00 28.39  ? 243 VAL B CA 1 
ATOM 377 C CA . ALA B 2 244 ? -10.849 28.032  24.841  1.00 28.39  ? 244 ALA B CA 1 
ATOM 378 C CA . ALA B 2 245 ? -7.965  25.457  24.723  1.00 28.39  ? 245 ALA B CA 1 
ATOM 379 C CA . ILE B 2 246 ? -10.491 23.073  26.404  1.00 28.39  ? 246 ILE B CA 1 
ATOM 380 C CA . ARG B 2 247 ? -13.121 23.691  23.669  1.00 28.39  ? 247 ARG B CA 1 
ATOM 381 C CA . LYS B 2 248 ? -10.395 23.092  20.974  1.00 28.39  ? 248 LYS B CA 1 
ATOM 382 C CA . GLY B 2 249 ? -9.969  19.383  21.992  1.00 28.39  ? 249 GLY B CA 1 
ATOM 383 C CA . THR B 2 250 ? -13.587 18.925  20.699  1.00 28.39  ? 250 THR B CA 1 
ATOM 384 C CA . ILE B 2 251 ? -13.118 20.638  17.208  1.00 28.39  ? 251 ILE B CA 1 
ATOM 385 C CA . ASP B 2 252 ? -11.358 20.057  13.763  1.00 0.00   ? 252 ASP B CA 1 
ATOM 386 C CA . LEU B 2 253 ? -9.324  17.405  11.726  1.00 0.00   ? 253 LEU B CA 1 
ATOM 387 C CA . LYS B 2 254 ? -6.840  16.909  14.639  1.00 0.00   ? 254 LYS B CA 1 
ATOM 388 C CA . ILE B 2 255 ? -9.784  15.158  16.468  1.00 0.00   ? 255 ILE B CA 1 
ATOM 389 C CA . THR B 2 256 ? -13.246 13.790  15.403  1.00 0.00   ? 256 THR B CA 1 
ATOM 390 C CA . PRO B 2 257 ? -16.713 15.402  16.195  1.00 0.00   ? 257 PRO B CA 1 
ATOM 391 C CA . VAL B 2 258 ? -19.265 12.677  17.202  1.00 0.00   ? 258 VAL B CA 1 
ATOM 392 C CA . PHE B 2 259 ? -22.928 13.024  16.091  1.00 0.00   ? 259 PHE B CA 1 
ATOM 393 C CA . LEU B 2 260 ? -25.486 10.116  16.113  1.00 0.00   ? 260 LEU B CA 1 
ATOM 394 C CA . GLY B 2 261 ? -28.808 8.702   14.815  1.00 0.00   ? 261 GLY B CA 1 
ATOM 395 C CA . SER B 2 262 ? -30.547 5.710   13.147  1.00 0.00   ? 262 SER B CA 1 
ATOM 396 C CA . ALA B 2 263 ? -30.864 5.452   9.327   1.00 0.00   ? 263 ALA B CA 1 
ATOM 397 C CA . LEU B 2 264 ? -33.186 2.379   9.469   1.00 0.00   ? 264 LEU B CA 1 
ATOM 398 C CA . LYS B 2 265 ? -35.543 3.791   12.191  1.00 0.00   ? 265 LYS B CA 1 
ATOM 399 C CA . ASN B 2 266 ? -35.431 7.300   10.528  1.00 0.00   ? 266 ASN B CA 1 
ATOM 400 C CA . LYS B 2 267 ? -34.215 9.298   13.600  1.00 0.00   ? 267 LYS B CA 1 
ATOM 401 C CA . GLY B 2 268 ? -31.564 12.072  13.191  1.00 0.00   ? 268 GLY B CA 1 
ATOM 402 C CA . VAL B 2 269 ? -31.668 12.399  9.352   1.00 0.00   ? 269 VAL B CA 1 
ATOM 403 C CA . GLN B 2 270 ? -33.186 15.930  8.973   1.00 0.00   ? 270 GLN B CA 1 
ATOM 404 C CA . LEU B 2 271 ? -30.978 17.248  11.857  1.00 0.00   ? 271 LEU B CA 1 
ATOM 405 C CA . LEU B 2 272 ? -27.866 16.022  9.943   1.00 0.00   ? 272 LEU B CA 1 
ATOM 406 C CA . LEU B 2 273 ? -28.963 18.210  6.940   1.00 0.00   ? 273 LEU B CA 1 
ATOM 407 C CA . ASP B 2 274 ? -28.890 21.331  9.208   1.00 0.00   ? 274 ASP B CA 1 
ATOM 408 C CA . ALA B 2 275 ? -25.640 20.059  10.865  1.00 0.00   ? 275 ALA B CA 1 
ATOM 409 C CA . VAL B 2 276 ? -23.733 20.036  7.498   1.00 0.00   ? 276 VAL B CA 1 
ATOM 410 C CA . VAL B 2 277 ? -24.489 23.817  7.196   1.00 0.00   ? 277 VAL B CA 1 
ATOM 411 C CA . ASP B 2 278 ? -22.801 24.418  10.612  1.00 0.00   ? 278 ASP B CA 1 
ATOM 412 C CA . TYR B 2 279 ? -19.923 21.886  10.385  1.00 0.00   ? 279 TYR B CA 1 
ATOM 413 C CA . LEU B 2 280 ? -19.222 20.252  6.947   1.00 0.00   ? 280 LEU B CA 1 
ATOM 414 C CA . PRO B 2 281 ? -17.943 22.284  3.907   1.00 0.00   ? 281 PRO B CA 1 
ATOM 415 C CA . SER B 2 282 ? -19.362 23.156  0.447   1.00 0.00   ? 282 SER B CA 1 
ATOM 416 C CA . PRO B 2 283 ? -17.477 22.870  -2.944  1.00 0.00   ? 283 PRO B CA 1 
ATOM 417 C CA . LEU B 2 284 ? -15.991 26.363  -2.206  1.00 0.00   ? 284 LEU B CA 1 
ATOM 418 C CA . ASP B 2 285 ? -15.005 25.642  1.472   1.00 0.00   ? 285 ASP B CA 1 
ATOM 419 C CA . ILE B 2 286 ? -13.212 22.215  1.045   1.00 0.00   ? 286 ILE B CA 1 
ATOM 420 C CA . PRO B 2 287 ? -9.415  21.657  0.812   1.00 0.00   ? 287 PRO B CA 1 
ATOM 421 C CA . PRO B 2 288 ? -9.976  20.654  -2.867  1.00 0.00   ? 288 PRO B CA 1 
ATOM 422 C CA . ILE B 2 289 ? -9.503  17.529  -5.058  1.00 0.00   ? 289 ILE B CA 1 
ATOM 423 C CA . LYS B 2 290 ? -5.985  16.764  -6.428  1.00 0.00   ? 290 LYS B CA 1 
ATOM 424 C CA . GLY B 2 291 ? -5.968  16.662  -10.277 1.00 0.00   ? 291 GLY B CA 1 
ATOM 425 C CA . THR B 2 292 ? -2.497  15.784  -11.719 1.00 0.00   ? 292 THR B CA 1 
ATOM 426 C CA . THR B 2 293 ? -1.049  17.676  -14.745 1.00 0.00   ? 293 THR B CA 1 
ATOM 427 C CA . PRO B 2 294 ? 0.674   16.518  -18.047 1.00 0.00   ? 294 PRO B CA 1 
ATOM 428 C CA . GLU B 2 295 ? 4.218   16.532  -16.500 1.00 0.00   ? 295 GLU B CA 1 
ATOM 429 C CA . GLY B 2 296 ? 2.868   15.565  -13.006 1.00 0.00   ? 296 GLY B CA 1 
ATOM 430 C CA . GLU B 2 297 ? 2.815   18.616  -10.660 1.00 0.00   ? 297 GLU B CA 1 
ATOM 431 C CA . VAL B 2 298 ? -0.532  17.992  -8.804  1.00 0.00   ? 298 VAL B CA 1 
ATOM 432 C CA . VAL B 2 299 ? -2.959  20.947  -8.285  1.00 0.00   ? 299 VAL B CA 1 
ATOM 433 C CA . GLU B 2 300 ? -6.016  21.426  -6.003  1.00 0.00   ? 300 GLU B CA 1 
ATOM 434 C CA . ILE B 2 301 ? -8.746  22.591  -8.466  1.00 0.00   ? 301 ILE B CA 1 
ATOM 435 C CA . HIS B 2 302 ? -11.384 25.093  -7.151  1.00 0.00   ? 302 HIS B CA 1 
ATOM 436 C CA . PRO B 2 303 ? -15.029 25.422  -8.420  1.00 0.00   ? 303 PRO B CA 1 
ATOM 437 C CA . ASP B 2 304 ? -15.862 28.493  -10.584 1.00 0.00   ? 304 ASP B CA 1 
ATOM 438 C CA . PRO B 2 305 ? -19.250 28.467  -12.479 1.00 0.00   ? 305 PRO B CA 1 
ATOM 439 C CA . ASN B 2 306 ? -18.106 31.531  -14.524 1.00 0.00   ? 306 ASN B CA 1 
ATOM 440 C CA . GLY B 2 307 ? -14.711 30.024  -15.524 1.00 0.00   ? 307 GLY B CA 1 
ATOM 441 C CA . PRO B 2 308 ? -12.839 26.734  -16.299 1.00 0.00   ? 308 PRO B CA 1 
ATOM 442 C CA . LEU B 2 309 ? -14.899 23.595  -17.135 1.00 0.00   ? 309 LEU B CA 1 
ATOM 443 C CA . ALA B 2 310 ? -14.013 20.477  -15.049 1.00 0.00   ? 310 ALA B CA 1 
ATOM 444 C CA . ALA B 2 311 ? -16.005 17.233  -14.464 1.00 0.00   ? 311 ALA B CA 1 
ATOM 445 C CA . LEU B 2 312 ? -15.696 13.420  -14.031 1.00 0.00   ? 312 LEU B CA 1 
ATOM 446 C CA . ALA B 2 313 ? -17.618 10.510  -15.621 1.00 0.00   ? 313 ALA B CA 1 
ATOM 447 C CA . PHE B 2 314 ? -17.236 8.703   -12.280 1.00 0.00   ? 314 PHE B CA 1 
ATOM 448 C CA . LYS B 2 315 ? -19.044 5.314   -12.640 1.00 0.00   ? 315 LYS B CA 1 
ATOM 449 C CA . ILE B 2 316 ? -20.807 4.047   -15.803 1.00 0.00   ? 316 ILE B CA 1 
ATOM 450 C CA . MET B 2 317 ? -23.575 1.412   -16.079 1.00 0.00   ? 317 MET B CA 1 
ATOM 451 C CA . ALA B 2 318 ? -24.209 0.205   -19.694 1.00 0.00   ? 318 ALA B CA 1 
ATOM 452 C CA . ASP B 2 319 ? -27.736 1.783   -19.853 1.00 0.00   ? 319 ASP B CA 1 
ATOM 453 C CA . PRO B 2 320 ? -30.059 0.165   -22.513 1.00 0.00   ? 320 PRO B CA 1 
ATOM 454 C CA . TYR B 2 321 ? -32.739 2.876   -21.737 1.00 0.00   ? 321 TYR B CA 1 
ATOM 455 C CA . VAL B 2 322 ? -31.564 6.017   -23.628 1.00 0.00   ? 322 VAL B CA 1 
ATOM 456 C CA . GLY B 2 323 ? -28.278 4.586   -25.040 1.00 0.00   ? 323 GLY B CA 1 
ATOM 457 C CA . ARG B 2 324 ? -25.307 4.587   -22.595 1.00 0.00   ? 324 ARG B CA 1 
ATOM 458 C CA . LEU B 2 325 ? -25.836 7.452   -20.099 1.00 0.00   ? 325 LEU B CA 1 
ATOM 459 C CA . THR B 2 326 ? -22.461 8.864   -18.978 1.00 0.00   ? 326 THR B CA 1 
ATOM 460 C CA . PHE B 2 327 ? -23.135 9.609   -15.252 1.00 0.00   ? 327 PHE B CA 1 
ATOM 461 C CA . ILE B 2 328 ? -21.063 12.761  -14.424 1.00 0.00   ? 328 ILE B CA 1 
ATOM 462 C CA . ARG B 2 329 ? -20.098 15.035  -11.490 1.00 0.00   ? 329 ARG B CA 1 
ATOM 463 C CA . VAL B 2 330 ? -19.246 18.666  -12.443 1.00 0.00   ? 330 VAL B CA 1 
ATOM 464 C CA . TYR B 2 331 ? -16.352 20.107  -10.352 1.00 0.00   ? 331 TYR B CA 1 
ATOM 465 C CA . SER B 2 332 ? -15.904 23.528  -12.119 1.00 0.00   ? 332 SER B CA 1 
ATOM 466 C CA . GLY B 2 333 ? -17.547 25.718  -14.830 1.00 0.00   ? 333 GLY B CA 1 
ATOM 467 C CA . THR B 2 334 ? -20.917 25.419  -16.641 1.00 0.00   ? 334 THR B CA 1 
ATOM 468 C CA . LEU B 2 335 ? -21.600 22.174  -18.595 1.00 0.00   ? 335 LEU B CA 1 
ATOM 469 C CA . THR B 2 336 ? -24.140 23.174  -21.336 1.00 0.00   ? 336 THR B CA 1 
ATOM 470 C CA . SER B 2 337 ? -26.266 21.005  -23.694 1.00 0.00   ? 337 SER B CA 1 
ATOM 471 C CA . GLY B 2 338 ? -24.516 21.402  -27.101 1.00 0.00   ? 338 GLY B CA 1 
ATOM 472 C CA . SER B 2 339 ? -20.756 21.720  -26.336 1.00 0.00   ? 339 SER B CA 1 
ATOM 473 C CA . TYR B 2 340 ? -17.403 19.833  -26.508 1.00 0.00   ? 340 TYR B CA 1 
ATOM 474 C CA . VAL B 2 341 ? -15.957 18.097  -23.401 1.00 0.00   ? 341 VAL B CA 1 
ATOM 475 C CA . TYR B 2 342 ? -12.390 16.664  -23.344 1.00 0.00   ? 342 TYR B CA 1 
ATOM 476 C CA . ASN B 2 343 ? -11.893 13.220  -21.717 1.00 0.00   ? 343 ASN B CA 1 
ATOM 477 C CA . THR B 2 344 ? -8.316  13.631  -20.341 1.00 0.00   ? 344 THR B CA 1 
ATOM 478 C CA . THR B 2 345 ? -8.084  10.019  -18.972 1.00 0.00   ? 345 THR B CA 1 
ATOM 479 C CA . LYS B 2 346 ? -8.313  8.304   -22.414 1.00 0.00   ? 346 LYS B CA 1 
ATOM 480 C CA . GLY B 2 347 ? -7.417  11.548  -24.316 1.00 0.00   ? 347 GLY B CA 1 
ATOM 481 C CA . ARG B 2 348 ? -10.546 12.028  -26.487 1.00 0.00   ? 348 ARG B CA 1 
ATOM 482 C CA . LYS B 2 349 ? -12.820 14.946  -27.588 1.00 0.00   ? 349 LYS B CA 1 
ATOM 483 C CA . GLU B 2 350 ? -16.558 14.102  -27.162 1.00 0.00   ? 350 GLU B CA 1 
ATOM 484 C CA . ARG B 2 351 ? -19.745 16.027  -28.169 1.00 0.00   ? 351 ARG B CA 1 
ATOM 485 C CA . VAL B 2 352 ? -22.536 16.738  -25.608 1.00 0.00   ? 352 VAL B CA 1 
ATOM 486 C CA . ALA B 2 353 ? -25.880 15.981  -27.362 1.00 0.00   ? 353 ALA B CA 1 
ATOM 487 C CA . ARG B 2 354 ? -28.310 16.087  -24.358 1.00 0.00   ? 354 ARG B CA 1 
ATOM 488 C CA . LEU B 2 355 ? -27.947 16.708  -20.588 1.00 0.00   ? 355 LEU B CA 1 
ATOM 489 C CA . LEU B 2 356 ? -30.196 14.761  -18.160 1.00 0.00   ? 356 LEU B CA 1 
ATOM 490 C CA . ARG B 2 357 ? -30.523 14.507  -14.361 1.00 0.00   ? 357 ARG B CA 1 
ATOM 491 C CA . MET B 2 358 ? -31.457 11.236  -12.608 1.00 0.00   ? 358 MET B CA 1 
ATOM 492 C CA . HIS B 2 359 ? -34.376 10.829  -10.164 1.00 0.00   ? 359 HIS B CA 1 
ATOM 493 C CA . ALA B 2 360 ? -35.825 7.909   -8.145  1.00 0.00   ? 360 ALA B CA 1 
ATOM 494 C CA . ASN B 2 361 ? -38.525 7.022   -10.748 1.00 0.00   ? 361 ASN B CA 1 
ATOM 495 C CA . HIS B 2 362 ? -37.635 9.147   -13.876 1.00 0.00   ? 362 HIS B CA 1 
ATOM 496 C CA . ARG B 2 363 ? -35.042 10.814  -16.182 1.00 0.00   ? 363 ARG B CA 1 
ATOM 497 C CA . GLU B 2 364 ? -35.367 14.664  -16.242 1.00 0.00   ? 364 GLU B CA 1 
ATOM 498 C CA . GLU B 2 365 ? -33.976 16.587  -19.287 1.00 0.00   ? 365 GLU B CA 1 
ATOM 499 C CA . VAL B 2 366 ? -32.087 19.810  -18.311 1.00 0.00   ? 366 VAL B CA 1 
ATOM 500 C CA . GLU B 2 367 ? -30.362 22.835  -19.951 1.00 0.00   ? 367 GLU B CA 1 
ATOM 501 C CA . GLU B 2 368 ? -27.123 23.387  -17.922 1.00 0.00   ? 368 GLU B CA 1 
ATOM 502 C CA . LEU B 2 369 ? -25.174 21.920  -14.937 1.00 0.00   ? 369 LEU B CA 1 
ATOM 503 C CA . LYS B 2 370 ? -23.094 24.281  -12.684 1.00 0.00   ? 370 LYS B CA 1 
ATOM 504 C CA . ALA B 2 371 ? -19.809 23.718  -10.721 1.00 0.00   ? 371 ALA B CA 1 
ATOM 505 C CA . GLY B 2 372 ? -21.129 21.019  -8.314  1.00 0.00   ? 372 GLY B CA 1 
ATOM 506 C CA . ASP B 2 373 ? -24.244 19.363  -9.878  1.00 0.00   ? 373 ASP B CA 1 
ATOM 507 C CA . LEU B 2 374 ? -24.493 15.659  -10.951 1.00 0.00   ? 374 LEU B CA 1 
ATOM 508 C CA . GLY B 2 375 ? -26.211 14.403  -14.151 1.00 0.00   ? 375 GLY B CA 1 
ATOM 509 C CA . ALA B 2 376 ? -26.322 11.895  -17.050 1.00 0.00   ? 376 ALA B CA 1 
ATOM 510 C CA . VAL B 2 377 ? -24.940 12.862  -20.509 1.00 0.00   ? 377 VAL B CA 1 
ATOM 511 C CA . VAL B 2 378 ? -25.954 11.665  -24.030 1.00 0.00   ? 378 VAL B CA 1 
ATOM 512 C CA . GLY B 2 379 ? -23.588 11.868  -27.073 1.00 0.00   ? 379 GLY B CA 1 
ATOM 513 C CA . LEU B 2 380 ? -20.367 10.506  -25.429 1.00 0.00   ? 380 LEU B CA 1 
ATOM 514 C CA . LYS B 2 381 ? -19.285 7.506   -27.590 1.00 0.00   ? 381 LYS B CA 1 
ATOM 515 C CA . GLU B 2 382 ? -16.073 6.343   -25.842 1.00 0.00   ? 382 GLU B CA 1 
ATOM 516 C CA . THR B 2 383 ? -16.174 7.760   -22.230 1.00 0.00   ? 383 THR B CA 1 
ATOM 517 C CA . ILE B 2 384 ? -16.397 5.048   -19.481 1.00 0.00   ? 384 ILE B CA 1 
ATOM 518 C CA . THR B 2 385 ? -15.718 4.673   -15.680 1.00 0.00   ? 385 THR B CA 1 
ATOM 519 C CA . GLY B 2 386 ? -13.336 7.252   -14.098 1.00 0.00   ? 386 GLY B CA 1 
ATOM 520 C CA . ASP B 2 387 ? -12.932 9.479   -17.215 1.00 0.00   ? 387 ASP B CA 1 
ATOM 521 C CA . THR B 2 388 ? -12.004 13.135  -16.458 1.00 0.00   ? 388 THR B CA 1 
ATOM 522 C CA . LEU B 2 389 ? -14.265 15.365  -18.649 1.00 0.00   ? 389 LEU B CA 1 
ATOM 523 C CA . VAL B 2 390 ? -12.761 18.915  -18.752 1.00 0.00   ? 390 VAL B CA 1 
ATOM 524 C CA . GLY B 2 391 ? -13.327 21.661  -21.407 1.00 0.00   ? 391 GLY B CA 1 
ATOM 525 C CA . GLU B 2 392 ? -11.624 21.908  -24.847 1.00 0.00   ? 392 GLU B CA 1 
ATOM 526 C CA . ASP B 2 393 ? -9.965  25.197  -23.691 1.00 0.00   ? 393 ASP B CA 1 
ATOM 527 C CA . ALA B 2 394 ? -9.753  24.505  -19.915 1.00 0.00   ? 394 ALA B CA 1 
ATOM 528 C CA . PRO B 2 395 ? -7.003  23.082  -17.557 1.00 0.00   ? 395 PRO B CA 1 
ATOM 529 C CA . ARG B 2 396 ? -6.077  19.602  -18.909 1.00 0.00   ? 396 ARG B CA 1 
ATOM 530 C CA . VAL B 2 397 ? -5.964  17.566  -15.641 1.00 0.00   ? 397 VAL B CA 1 
ATOM 531 C CA . ILE B 2 398 ? -6.375  13.788  -15.055 1.00 0.00   ? 398 ILE B CA 1 
ATOM 532 C CA . LEU B 2 399 ? -7.405  12.484  -11.574 1.00 0.00   ? 399 LEU B CA 1 
ATOM 533 C CA . GLU B 2 400 ? -6.213  8.954   -10.593 1.00 0.00   ? 400 GLU B CA 1 
ATOM 534 C CA . SER B 2 401 ? -2.656  7.495   -10.327 1.00 0.00   ? 401 SER B CA 1 
ATOM 535 C CA . ILE B 2 402 ? -1.806  4.047   -8.804  1.00 0.00   ? 402 ILE B CA 1 
ATOM 536 C CA . GLU B 2 403 ? 0.977   1.452   -8.178  1.00 0.00   ? 403 GLU B CA 1 
ATOM 537 C CA . VAL B 2 404 ? 2.095   -2.068  -9.312  1.00 0.00   ? 404 VAL B CA 1 
ATOM 538 C CA . PRO B 2 405 ? 3.785   -4.893  -7.237  1.00 0.00   ? 405 PRO B CA 1 
ATOM 539 C CA . GLU B 2 406 ? 6.954   -6.057  -9.167  1.00 0.00   ? 406 GLU B CA 1 
ATOM 540 C CA . PRO B 2 407 ? 9.399   -7.675  -10.008 1.00 0.00   ? 407 PRO B CA 1 
ATOM 541 C CA . VAL B 2 408 ? 7.349   -9.100  -12.937 1.00 0.00   ? 408 VAL B CA 1 
ATOM 542 C CA . ILE B 2 409 ? 9.229   -7.749  -16.059 1.00 0.00   ? 409 ILE B CA 1 
ATOM 543 C CA . ASP B 2 410 ? 8.721   -10.818 -18.357 1.00 0.00   ? 410 ASP B CA 1 
ATOM 544 C CA . VAL B 2 411 ? 5.390   -11.119 -16.359 1.00 0.00   ? 411 VAL B CA 1 
ATOM 545 C CA . ALA B 2 412 ? 6.727   -14.336 -14.739 1.00 0.00   ? 412 ALA B CA 1 
ATOM 546 C CA . ILE B 2 413 ? 3.736   -16.732 -14.368 1.00 0.00   ? 413 ILE B CA 1 
ATOM 547 C CA . GLU B 2 414 ? 3.086   -17.704 -18.068 1.00 0.00   ? 414 GLU B CA 1 
ATOM 548 C CA . PRO B 2 415 ? 1.569   -21.261 -18.490 1.00 0.00   ? 415 PRO B CA 1 
ATOM 549 C CA . LYS B 2 416 ? -1.058  -22.100 -21.246 1.00 0.00   ? 416 LYS B CA 1 
ATOM 550 C CA . THR B 2 417 ? -3.776  -19.647 -22.455 1.00 0.00   ? 417 THR B CA 1 
ATOM 551 C CA . LYS B 2 418 ? -6.391  -19.941 -25.300 1.00 0.00   ? 418 LYS B CA 1 
ATOM 552 C CA . ALA B 2 419 ? -10.046 -18.645 -25.462 1.00 0.00   ? 419 ALA B CA 1 
ATOM 553 C CA . ASP B 2 420 ? -12.729 -18.220 -28.300 1.00 0.00   ? 420 ASP B CA 1 
ATOM 554 C CA . GLN B 2 421 ? -16.405 -17.199 -28.930 1.00 0.00   ? 421 GLN B CA 1 
ATOM 555 C CA . GLU B 2 422 ? -16.565 -13.381 -29.643 1.00 0.00   ? 422 GLU B CA 1 
ATOM 556 C CA . LYS B 2 423 ? -13.689 -13.868 -30.854 1.00 0.00   ? 423 LYS B CA 1 
ATOM 557 C CA . LEU B 2 424 ? -10.773 -11.469 -31.669 1.00 0.00   ? 424 LEU B CA 1 
ATOM 558 C CA . SER B 2 425 ? -12.667 -8.747  -31.621 1.00 0.00   ? 425 SER B CA 1 
ATOM 559 C CA . GLN B 2 426 ? -14.745 -8.501  -29.302 1.00 0.00   ? 426 GLN B CA 1 
ATOM 560 C CA . ALA B 2 427 ? -12.151 -9.167  -26.501 1.00 0.00   ? 427 ALA B CA 1 
ATOM 561 C CA . LEU B 2 428 ? -8.860  -7.424  -27.569 1.00 0.00   ? 428 LEU B CA 1 
ATOM 562 C CA . ALA B 2 429 ? -10.576 -4.552  -29.487 1.00 0.00   ? 429 ALA B CA 1 
ATOM 563 C CA . ARG B 2 430 ? -11.165 -3.173  -25.945 1.00 0.00   ? 430 ARG B CA 1 
ATOM 564 C CA . LEU B 2 431 ? -8.423  -5.039  -23.990 1.00 0.00   ? 431 LEU B CA 1 
ATOM 565 C CA . ALA B 2 432 ? -5.359  -3.921  -25.983 1.00 0.00   ? 432 ALA B CA 1 
ATOM 566 C CA . GLU B 2 433 ? -5.688  -0.202  -25.080 1.00 0.00   ? 433 GLU B CA 1 
ATOM 567 C CA . GLU B 2 434 ? -7.031  0.147   -21.490 1.00 0.00   ? 434 GLU B CA 1 
ATOM 568 C CA . ASP B 2 435 ? -4.719  -1.331  -18.770 1.00 0.00   ? 435 ASP B CA 1 
ATOM 569 C CA . PRO B 2 436 ? -1.769  -3.094  -20.585 1.00 0.00   ? 436 PRO B CA 1 
ATOM 570 C CA . THR B 2 437 ? -0.846  -5.339  -17.581 1.00 0.00   ? 437 THR B CA 1 
ATOM 571 C CA . PHE B 2 438 ? -0.150  -8.585  -19.583 1.00 0.00   ? 438 PHE B CA 1 
ATOM 572 C CA . ARG B 2 439 ? 1.378   -10.198 -22.721 1.00 0.00   ? 439 ARG B CA 1 
ATOM 573 C CA . VAL B 2 440 ? -1.389  -10.153 -25.382 1.00 0.00   ? 440 VAL B CA 1 
ATOM 574 C CA . SER B 2 441 ? -2.246  -11.464 -28.911 1.00 0.00   ? 441 SER B CA 1 
ATOM 575 C CA . THR B 2 442 ? -5.354  -12.403 -30.995 1.00 0.00   ? 442 THR B CA 1 
ATOM 576 C CA . HIS B 2 443 ? -4.210  -15.527 -32.988 1.00 0.00   ? 443 HIS B CA 1 
ATOM 577 C CA . PRO B 2 444 ? -6.893  -16.727 -35.519 1.00 0.00   ? 444 PRO B CA 1 
ATOM 578 C CA . GLU B 2 445 ? -7.693  -20.433 -34.758 1.00 0.00   ? 445 GLU B CA 1 
ATOM 579 C CA . THR B 2 446 ? -10.550 -22.459 -33.139 1.00 0.00   ? 446 THR B CA 1 
ATOM 580 C CA . GLY B 2 447 ? -8.984  -21.115 -29.845 1.00 0.00   ? 447 GLY B CA 1 
ATOM 581 C CA . GLN B 2 448 ? -8.913  -17.295 -30.284 1.00 0.00   ? 448 GLN B CA 1 
ATOM 582 C CA . THR B 2 449 ? -7.396  -14.694 -27.845 1.00 0.00   ? 449 THR B CA 1 
ATOM 583 C CA . ILE B 2 450 ? -4.392  -15.210 -25.508 1.00 0.00   ? 450 ILE B CA 1 
ATOM 584 C CA . ILE B 2 451 ? -3.570  -13.329 -22.256 1.00 0.00   ? 451 ILE B CA 1 
ATOM 585 C CA . SER B 2 452 ? -0.690  -14.113 -19.851 1.00 0.00   ? 452 SER B CA 1 
ATOM 586 C CA . GLY B 2 453 ? 1.145   -13.280 -16.654 1.00 0.00   ? 453 GLY B CA 1 
ATOM 587 C CA . MET B 2 454 ? 1.997   -10.810 -13.857 1.00 0.00   ? 454 MET B CA 1 
ATOM 588 C CA . GLY B 2 455 ? 1.142   -10.971 -10.105 1.00 0.00   ? 455 GLY B CA 1 
ATOM 589 C CA . GLU B 2 456 ? -0.459  -12.851 -7.162  1.00 0.00   ? 456 GLU B CA 1 
ATOM 590 C CA . LEU B 2 457 ? -3.741  -14.314 -8.560  1.00 0.00   ? 457 LEU B CA 1 
ATOM 591 C CA . HIS B 2 458 ? -3.604  -11.753 -11.432 1.00 0.00   ? 458 HIS B CA 1 
ATOM 592 C CA . LEU B 2 459 ? -4.902  -14.122 -14.188 1.00 0.00   ? 459 LEU B CA 1 
ATOM 593 C CA . GLU B 2 460 ? -8.133  -14.265 -12.058 1.00 0.00   ? 460 GLU B CA 1 
ATOM 594 C CA . ILE B 2 461 ? -8.221  -10.434 -12.706 1.00 0.00   ? 461 ILE B CA 1 
ATOM 595 C CA . ILE B 2 462 ? -7.414  -10.332 -16.488 1.00 0.00   ? 462 ILE B CA 1 
ATOM 596 C CA . VAL B 2 463 ? -9.609  -13.382 -17.365 1.00 0.00   ? 463 VAL B CA 1 
ATOM 597 C CA . ASP B 2 464 ? -12.519 -11.960 -15.246 1.00 0.00   ? 464 ASP B CA 1 
ATOM 598 C CA . ARG B 2 465 ? -12.614 -8.834  -17.466 1.00 0.00   ? 465 ARG B CA 1 
ATOM 599 C CA . LEU B 2 466 ? -12.637 -11.026 -20.638 1.00 0.00   ? 466 LEU B CA 1 
ATOM 600 C CA . LYS B 2 467 ? -15.242 -13.389 -19.023 1.00 0.00   ? 467 LYS B CA 1 
ATOM 601 C CA . ARG B 2 468 ? -17.453 -10.868 -17.080 1.00 0.00   ? 468 ARG B CA 1 
ATOM 602 C CA . GLU B 2 469 ? -17.142 -7.384  -18.730 1.00 0.00   ? 469 GLU B CA 1 
ATOM 603 C CA . PHE B 2 470 ? -17.072 -9.294  -22.077 1.00 0.00   ? 470 PHE B CA 1 
ATOM 604 C CA . LYS B 2 471 ? -17.254 -13.118 -22.519 1.00 0.00   ? 471 LYS B CA 1 
ATOM 605 C CA . VAL B 2 472 ? -14.377 -15.219 -23.912 1.00 0.00   ? 472 VAL B CA 1 
ATOM 606 C CA . ASP B 2 473 ? -13.379 -18.256 -21.761 1.00 0.00   ? 473 ASP B CA 1 
ATOM 607 C CA . ALA B 2 474 ? -9.544  -17.946 -21.611 1.00 0.00   ? 474 ALA B CA 1 
ATOM 608 C CA . ASN B 2 475 ? -8.191  -21.312 -20.308 1.00 0.00   ? 475 ASN B CA 1 
ATOM 609 C CA . VAL B 2 476 ? -6.069  -22.336 -18.390 1.00 0.00   ? 476 VAL B CA 1 
ATOM 610 C CA . GLY B 2 477 ? -6.331  -18.967 -16.547 1.00 0.00   ? 477 GLY B CA 1 
ATOM 611 C CA . LYS B 2 478 ? -4.335  -19.639 -13.329 1.00 0.00   ? 478 LYS B CA 1 
ATOM 612 C CA . PRO B 2 479 ? -1.094  -18.278 -11.718 1.00 0.00   ? 479 PRO B CA 1 
ATOM 613 C CA . GLN B 2 480 ? 0.577   -21.481 -12.813 1.00 0.00   ? 480 GLN B CA 1 
ATOM 614 C CA . VAL B 2 481 ? 4.149   -21.195 -13.161 1.00 0.00   ? 481 VAL B CA 1 
ATOM 615 C CA . ALA B 2 482 ? 7.341   -20.097 -14.982 1.00 0.00   ? 482 ALA B CA 1 
ATOM 616 C CA . TYR B 2 483 ? 9.413   -20.903 -11.753 1.00 32.02  ? 483 TYR B CA 1 
ATOM 617 C CA . ARG B 2 484 ? 12.960  -21.189 -13.273 1.00 32.02  ? 484 ARG B CA 1 
ATOM 618 C CA . GLU B 2 485 ? 15.891  -23.839 -14.159 1.00 32.02  ? 485 GLU B CA 1 
ATOM 619 C CA . THR B 2 486 ? 19.601  -24.527 -15.216 1.00 32.02  ? 486 THR B CA 1 
ATOM 620 C CA . ILE B 2 487 ? 22.944  -26.497 -14.338 1.00 32.02  ? 487 ILE B CA 1 
ATOM 621 C CA . THR B 2 488 ? 25.717  -26.687 -11.600 1.00 32.02  ? 488 THR B CA 1 
ATOM 622 C CA . LYS B 2 489 ? 28.407  -28.899 -13.178 1.00 32.02  ? 489 LYS B CA 1 
ATOM 623 C CA . PRO B 2 490 ? 30.358  -27.827 -16.348 1.00 32.02  ? 490 PRO B CA 1 
ATOM 624 C CA . VAL B 2 491 ? 29.167  -30.300 -19.047 1.00 32.02  ? 491 VAL B CA 1 
ATOM 625 C CA . ASP B 2 492 ? 30.510  -31.170 -22.499 1.00 32.02  ? 492 ASP B CA 1 
ATOM 626 C CA . VAL B 2 493 ? 27.475  -32.620 -24.393 1.00 32.02  ? 493 VAL B CA 1 
ATOM 627 C CA . GLU B 2 494 ? 26.582  -33.223 -28.066 1.00 32.02  ? 494 GLU B CA 1 
ATOM 628 C CA . GLY B 2 495 ? 23.357  -33.331 -30.130 1.00 32.02  ? 495 GLY B CA 1 
ATOM 629 C CA . LYS B 2 496 ? 23.085  -35.278 -33.433 1.00 32.02  ? 496 LYS B CA 1 
ATOM 630 C CA . PHE B 2 497 ? 20.072  -35.191 -35.798 1.00 32.02  ? 497 PHE B CA 1 
ATOM 631 C CA . ILE B 2 498 ? 20.768  -38.087 -38.224 1.00 32.02  ? 498 ILE B CA 1 
ATOM 632 C CA . ARG B 2 499 ? 17.056  -39.041 -38.623 1.00 32.02  ? 499 ARG B CA 1 
ATOM 633 C CA . GLN B 2 500 ? 17.522  -38.976 -42.408 1.00 32.02  ? 500 GLN B CA 1 
ATOM 634 C CA . THR B 2 501 ? 13.914  -38.384 -43.663 1.00 32.02  ? 501 THR B CA 1 
ATOM 635 C CA . GLY B 2 502 ? 11.326  -35.552 -44.162 1.00 32.02  ? 502 GLY B CA 1 
ATOM 636 C CA . GLY B 2 503 ? 11.927  -35.858 -47.961 1.00 32.02  ? 503 GLY B CA 1 
ATOM 637 C CA . ARG B 2 504 ? 15.720  -36.423 -48.249 1.00 32.02  ? 504 ARG B CA 1 
ATOM 638 C CA . GLY B 2 505 ? 18.588  -37.164 -45.800 1.00 32.02  ? 505 GLY B CA 1 
ATOM 639 C CA . GLN B 2 506 ? 19.163  -34.810 -42.806 1.00 32.02  ? 506 GLN B CA 1 
ATOM 640 C CA . TYR B 2 507 ? 22.547  -34.402 -41.019 1.00 32.02  ? 507 TYR B CA 1 
ATOM 641 C CA . GLY B 2 508 ? 23.356  -31.916 -38.210 1.00 32.02  ? 508 GLY B CA 1 
ATOM 642 C CA . HIS B 2 509 ? 25.931  -32.531 -35.426 1.00 32.02  ? 509 HIS B CA 1 
ATOM 643 C CA . VAL B 2 510 ? 26.989  -29.923 -32.800 1.00 32.02  ? 510 VAL B CA 1 
ATOM 644 C CA . LYS B 2 511 ? 29.245  -30.094 -29.703 1.00 32.02  ? 511 LYS B CA 1 
ATOM 645 C CA . ILE B 2 512 ? 28.703  -27.407 -27.011 1.00 32.02  ? 512 ILE B CA 1 
ATOM 646 C CA . LYS B 2 513 ? 30.748  -26.908 -23.790 1.00 32.02  ? 513 LYS B CA 1 
ATOM 647 C CA . VAL B 2 514 ? 28.159  -25.680 -21.229 1.00 32.02  ? 514 VAL B CA 1 
ATOM 648 C CA . GLU B 2 515 ? 29.000  -24.171 -17.788 1.00 32.02  ? 515 GLU B CA 1 
ATOM 649 C CA . PRO B 2 516 ? 27.210  -22.432 -14.840 1.00 32.02  ? 516 PRO B CA 1 
ATOM 650 C CA . LEU B 2 517 ? 27.375  -18.601 -14.794 1.00 32.02  ? 517 LEU B CA 1 
ATOM 651 C CA . PRO B 2 518 ? 27.173  -16.430 -11.593 1.00 32.02  ? 518 PRO B CA 1 
ATOM 652 C CA . ARG B 2 519 ? 23.629  -15.500 -10.493 1.00 32.02  ? 519 ARG B CA 1 
ATOM 653 C CA . GLY B 2 520 ? 22.101  -12.801 -12.749 1.00 32.02  ? 520 GLY B CA 1 
ATOM 654 C CA . SER B 2 521 ? 24.999  -12.857 -15.282 1.00 32.02  ? 521 SER B CA 1 
ATOM 655 C CA . GLY B 2 522 ? 22.288  -13.796 -17.839 1.00 32.02  ? 522 GLY B CA 1 
ATOM 656 C CA . PHE B 2 523 ? 22.842  -15.760 -21.081 1.00 32.02  ? 523 PHE B CA 1 
ATOM 657 C CA . GLU B 2 524 ? 26.110  -15.965 -23.067 1.00 32.02  ? 524 GLU B CA 1 
ATOM 658 C CA . PHE B 2 525 ? 26.803  -17.653 -26.447 1.00 32.02  ? 525 PHE B CA 1 
ATOM 659 C CA . VAL B 2 526 ? 30.376  -18.253 -27.734 1.00 32.02  ? 526 VAL B CA 1 
ATOM 660 C CA . ASN B 2 527 ? 31.515  -19.585 -31.145 1.00 32.02  ? 527 ASN B CA 1 
ATOM 661 C CA . ALA B 2 528 ? 34.857  -21.507 -31.053 1.00 32.02  ? 528 ALA B CA 1 
ATOM 662 C CA . ILE B 2 529 ? 34.453  -23.335 -34.436 1.00 32.02  ? 529 ILE B CA 1 
ATOM 663 C CA . VAL B 2 530 ? 37.537  -22.691 -36.671 1.00 32.02  ? 530 VAL B CA 1 
ATOM 664 C CA . GLY B 2 531 ? 38.303  -25.062 -39.622 1.00 32.02  ? 531 GLY B CA 1 
ATOM 665 C CA . GLY B 2 532 ? 34.741  -24.942 -41.107 1.00 32.02  ? 532 GLY B CA 1 
ATOM 666 C CA . VAL B 2 533 ? 33.741  -28.118 -39.160 1.00 32.02  ? 533 VAL B CA 1 
ATOM 667 C CA . ILE B 2 534 ? 30.184  -26.645 -39.215 1.00 32.02  ? 534 ILE B CA 1 
ATOM 668 C CA . PRO B 2 535 ? 29.525  -24.576 -42.441 1.00 32.02  ? 535 PRO B CA 1 
ATOM 669 C CA . LYS B 2 536 ? 29.211  -20.803 -41.712 1.00 32.02  ? 536 LYS B CA 1 
ATOM 670 C CA . GLU B 2 537 ? 25.574  -20.686 -42.995 1.00 32.02  ? 537 GLU B CA 1 
ATOM 671 C CA . TYR B 2 538 ? 24.324  -23.034 -40.161 1.00 32.02  ? 538 TYR B CA 1 
ATOM 672 C CA . ILE B 2 539 ? 25.606  -21.274 -36.947 1.00 32.02  ? 539 ILE B CA 1 
ATOM 673 C CA . PRO B 2 540 ? 22.479  -18.956 -37.050 1.00 32.02  ? 540 PRO B CA 1 
ATOM 674 C CA . ALA B 2 541 ? 20.325  -22.158 -37.109 1.00 32.02  ? 541 ALA B CA 1 
ATOM 675 C CA . VAL B 2 542 ? 22.333  -23.777 -34.227 1.00 32.02  ? 542 VAL B CA 1 
ATOM 676 C CA . GLN B 2 543 ? 21.900  -20.560 -32.122 1.00 32.02  ? 543 GLN B CA 1 
ATOM 677 C CA . LYS B 2 544 ? 18.143  -20.576 -32.995 1.00 32.02  ? 544 LYS B CA 1 
ATOM 678 C CA . GLY B 2 545 ? 17.875  -24.277 -31.934 1.00 32.02  ? 545 GLY B CA 1 
ATOM 679 C CA . ILE B 2 546 ? 19.748  -23.545 -28.666 1.00 32.02  ? 546 ILE B CA 1 
ATOM 680 C CA . GLU B 2 547 ? 17.720  -20.433 -27.644 1.00 32.02  ? 547 GLU B CA 1 
ATOM 681 C CA . GLU B 2 548 ? 14.249  -22.056 -28.205 1.00 32.02  ? 548 GLU B CA 1 
ATOM 682 C CA . ALA B 2 549 ? 15.162  -25.307 -26.334 1.00 32.02  ? 549 ALA B CA 1 
ATOM 683 C CA . MET B 2 550 ? 16.524  -23.211 -23.465 1.00 32.02  ? 550 MET B CA 1 
ATOM 684 C CA . GLN B 2 551 ? 12.979  -21.758 -23.427 1.00 32.02  ? 551 GLN B CA 1 
ATOM 685 C CA . SER B 2 552 ? 11.509  -24.999 -21.893 1.00 32.02  ? 552 SER B CA 1 
ATOM 686 C CA . GLY B 2 553 ? 13.967  -27.004 -19.698 1.00 32.02  ? 553 GLY B CA 1 
ATOM 687 C CA . PRO B 2 554 ? 14.003  -30.742 -18.705 1.00 32.02  ? 554 PRO B CA 1 
ATOM 688 C CA . LEU B 2 555 ? 12.974  -30.616 -14.968 1.00 32.02  ? 555 LEU B CA 1 
ATOM 689 C CA . ILE B 2 556 ? 9.503   -28.959 -14.925 1.00 32.02  ? 556 ILE B CA 1 
ATOM 690 C CA . GLY B 2 557 ? 9.423   -27.698 -18.614 1.00 32.02  ? 557 GLY B CA 1 
ATOM 691 C CA . PHE B 2 558 ? 10.709  -24.167 -17.782 1.00 32.02  ? 558 PHE B CA 1 
ATOM 692 C CA . PRO B 2 559 ? 13.134  -21.673 -19.538 1.00 32.02  ? 559 PRO B CA 1 
ATOM 693 C CA . VAL B 2 560 ? 17.004  -21.402 -18.907 1.00 32.02  ? 560 VAL B CA 1 
ATOM 694 C CA . VAL B 2 561 ? 19.576  -18.593 -17.881 1.00 32.02  ? 561 VAL B CA 1 
ATOM 695 C CA . ASP B 2 562 ? 22.988  -18.380 -16.082 1.00 32.02  ? 562 ASP B CA 1 
ATOM 696 C CA . ILE B 2 563 ? 24.720  -20.583 -18.664 1.00 32.02  ? 563 ILE B CA 1 
ATOM 697 C CA . LYS B 2 564 ? 27.563  -20.014 -21.095 1.00 32.02  ? 564 LYS B CA 1 
ATOM 698 C CA . VAL B 2 565 ? 27.170  -22.177 -24.210 1.00 32.02  ? 565 VAL B CA 1 
ATOM 699 C CA . THR B 2 566 ? 30.412  -22.614 -26.190 1.00 32.02  ? 566 THR B CA 1 
ATOM 700 C CA . LEU B 2 567 ? 30.041  -24.166 -29.672 1.00 32.02  ? 567 LEU B CA 1 
ATOM 701 C CA . TYR B 2 568 ? 33.555  -25.639 -30.309 1.00 32.02  ? 568 TYR B CA 1 
ATOM 702 C CA . ASP B 2 569 ? 33.223  -28.656 -32.674 1.00 32.02  ? 569 ASP B CA 1 
ATOM 703 C CA . GLY B 2 570 ? 30.782  -30.836 -34.682 1.00 32.02  ? 570 GLY B CA 1 
ATOM 704 C CA . SER B 2 571 ? 30.399  -32.219 -38.240 1.00 32.02  ? 571 SER B CA 1 
ATOM 705 C CA . TYR B 2 572 ? 28.230  -31.994 -41.404 1.00 32.02  ? 572 TYR B CA 1 
ATOM 706 C CA . HIS B 2 573 ? 27.324  -33.972 -44.579 1.00 32.02  ? 573 HIS B CA 1 
ATOM 707 C CA . GLU B 2 574 ? 27.836  -32.525 -48.116 1.00 32.02  ? 574 GLU B CA 1 
ATOM 708 C CA . VAL B 2 575 ? 24.232  -32.993 -49.423 1.00 32.02  ? 575 VAL B CA 1 
ATOM 709 C CA . ASP B 2 576 ? 22.097  -34.027 -46.370 1.00 32.02  ? 576 ASP B CA 1 
ATOM 710 C CA . SER B 2 577 ? 23.021  -30.940 -44.247 1.00 32.02  ? 577 SER B CA 1 
ATOM 711 C CA . SER B 2 578 ? 20.232  -28.450 -43.581 1.00 32.02  ? 578 SER B CA 1 
ATOM 712 C CA . GLU B 2 579 ? 19.449  -25.453 -41.343 1.00 32.02  ? 579 GLU B CA 1 
ATOM 713 C CA . MET B 2 580 ? 16.698  -27.726 -39.842 1.00 32.02  ? 580 MET B CA 1 
ATOM 714 C CA . ALA B 2 581 ? 19.066  -30.642 -39.009 1.00 32.02  ? 581 ALA B CA 1 
ATOM 715 C CA . PHE B 2 582 ? 21.499  -28.242 -37.237 1.00 32.02  ? 582 PHE B CA 1 
ATOM 716 C CA . LYS B 2 583 ? 18.553  -26.455 -35.486 1.00 32.02  ? 583 LYS B CA 1 
ATOM 717 C CA . ILE B 2 584 ? 17.347  -29.814 -34.012 1.00 32.02  ? 584 ILE B CA 1 
ATOM 718 C CA . ALA B 2 585 ? 20.961  -30.871 -33.144 1.00 32.02  ? 585 ALA B CA 1 
ATOM 719 C CA . GLY B 2 586 ? 21.375  -27.519 -31.267 1.00 32.02  ? 586 GLY B CA 1 
ATOM 720 C CA . SER B 2 587 ? 17.966  -28.099 -29.563 1.00 32.02  ? 587 SER B CA 1 
ATOM 721 C CA . MET B 2 588 ? 18.911  -31.638 -28.350 1.00 32.02  ? 588 MET B CA 1 
ATOM 722 C CA . ALA B 2 589 ? 22.436  -30.587 -27.207 1.00 32.02  ? 589 ALA B CA 1 
ATOM 723 C CA . ILE B 2 590 ? 21.164  -27.786 -24.879 1.00 32.02  ? 590 ILE B CA 1 
ATOM 724 C CA . LYS B 2 591 ? 18.536  -30.177 -23.336 1.00 32.02  ? 591 LYS B CA 1 
ATOM 725 C CA . GLU B 2 592 ? 21.062  -32.930 -22.391 1.00 32.02  ? 592 GLU B CA 1 
ATOM 726 C CA . ALA B 2 593 ? 23.274  -30.110 -20.958 1.00 32.02  ? 593 ALA B CA 1 
ATOM 727 C CA . VAL B 2 594 ? 20.420  -29.237 -18.521 1.00 32.02  ? 594 VAL B CA 1 
ATOM 728 C CA . GLN B 2 595 ? 20.287  -32.945 -17.345 1.00 32.02  ? 595 GLN B CA 1 
ATOM 729 C CA . LYS B 2 596 ? 23.886  -34.309 -17.169 1.00 32.02  ? 596 LYS B CA 1 
ATOM 730 C CA . GLY B 2 597 ? 25.134  -31.032 -15.552 1.00 32.02  ? 597 GLY B CA 1 
ATOM 731 C CA . ASP B 2 598 ? 23.292  -31.585 -12.201 1.00 32.02  ? 598 ASP B CA 1 
ATOM 732 C CA . PRO B 2 599 ? 20.263  -29.179 -12.691 1.00 32.02  ? 599 PRO B CA 1 
ATOM 733 C CA . VAL B 2 600 ? 17.775  -27.198 -10.409 1.00 32.02  ? 600 VAL B CA 1 
ATOM 734 C CA . ILE B 2 601 ? 14.307  -25.693 -10.067 1.00 32.02  ? 601 ILE B CA 1 
ATOM 735 C CA . LEU B 2 602 ? 14.156  -22.263 -8.370  1.00 32.02  ? 602 LEU B CA 1 
ATOM 736 C CA . GLU B 2 603 ? 12.774  -19.545 -6.099  1.00 32.02  ? 603 GLU B CA 1 
ATOM 737 C CA . PRO B 2 604 ? 11.586  -17.209 -4.270  1.00 48.99  ? 604 PRO B CA 1 
ATOM 738 C CA . ILE B 2 605 ? 15.102  -16.453 -2.873  1.00 0.00   ? 605 ILE B CA 1 
ATOM 739 C CA . MET B 2 606 ? 16.483  -14.152 -1.421  1.00 48.99  ? 606 MET B CA 1 
ATOM 740 C CA . ARG B 2 607 ? 17.403  -10.474 0.012   1.00 48.99  ? 607 ARG B CA 1 
ATOM 741 C CA . VAL B 2 608 ? 16.413  -8.809  3.574   1.00 48.99  ? 608 VAL B CA 1 
ATOM 742 C CA . GLU B 2 609 ? 15.277  -5.582  5.518   1.00 48.99  ? 609 GLU B CA 1 
ATOM 743 C CA . VAL B 2 610 ? 14.481  -5.629  9.394   1.00 48.99  ? 610 VAL B CA 1 
ATOM 744 C CA . THR B 2 611 ? 13.041  -2.972  11.875  1.00 48.99  ? 611 THR B CA 1 
ATOM 745 C CA . THR B 2 612 ? 13.727  -2.519  15.672  1.00 48.99  ? 612 THR B CA 1 
ATOM 746 C CA . PRO B 2 613 ? 13.282  0.592   18.006  1.00 48.99  ? 613 PRO B CA 1 
ATOM 747 C CA . GLU B 2 614 ? 17.005  1.279   18.811  1.00 48.99  ? 614 GLU B CA 1 
ATOM 748 C CA . GLU B 2 615 ? 16.983  -2.088  20.738  1.00 48.99  ? 615 GLU B CA 1 
ATOM 749 C CA . TYR B 2 616 ? 18.916  -3.679  17.786  1.00 48.99  ? 616 TYR B CA 1 
ATOM 750 C CA . MET B 2 617 ? 22.651  -4.589  17.981  1.00 48.99  ? 617 MET B CA 1 
ATOM 751 C CA . GLY B 2 618 ? 21.622  -7.818  19.810  1.00 48.99  ? 618 GLY B CA 1 
ATOM 752 C CA . ASP B 2 619 ? 19.284  -8.475  16.821  1.00 48.99  ? 619 ASP B CA 1 
ATOM 753 C CA . VAL B 2 620 ? 22.302  -7.675  14.526  1.00 48.99  ? 620 VAL B CA 1 
ATOM 754 C CA . ILE B 2 621 ? 24.514  -10.277 16.380  1.00 48.99  ? 621 ILE B CA 1 
ATOM 755 C CA . GLY B 2 622 ? 21.788  -12.945 15.873  1.00 48.99  ? 622 GLY B CA 1 
ATOM 756 C CA . ASP B 2 623 ? 21.532  -11.981 12.144  1.00 48.99  ? 623 ASP B CA 1 
ATOM 757 C CA . LEU B 2 624 ? 25.182  -11.401 11.036  1.00 48.99  ? 624 LEU B CA 1 
ATOM 758 C CA . ASN B 2 625 ? 25.891  -14.934 12.490  1.00 48.99  ? 625 ASN B CA 1 
ATOM 759 C CA . ALA B 2 626 ? 23.478  -16.408 9.862   1.00 48.99  ? 626 ALA B CA 1 
ATOM 760 C CA . ARG B 2 627 ? 25.384  -14.751 6.970   1.00 48.99  ? 627 ARG B CA 1 
ATOM 761 C CA . ARG B 2 628 ? 26.871  -11.260 6.249   1.00 48.99  ? 628 ARG B CA 1 
ATOM 762 C CA . GLY B 2 629 ? 24.010  -8.821  7.030   1.00 48.99  ? 629 GLY B CA 1 
ATOM 763 C CA . GLN B 2 630 ? 26.533  -5.925  7.028   1.00 48.99  ? 630 GLN B CA 1 
ATOM 764 C CA . ILE B 2 631 ? 25.373  -4.104  3.798   1.00 48.99  ? 631 ILE B CA 1 
ATOM 765 C CA . LEU B 2 632 ? 24.747  -0.724  5.557   1.00 48.99  ? 632 LEU B CA 1 
ATOM 766 C CA . GLY B 2 633 ? 22.202  -2.114  8.079   1.00 48.99  ? 633 GLY B CA 1 
ATOM 767 C CA . MET B 2 634 ? 21.390  1.224   9.854   1.00 48.99  ? 634 MET B CA 1 
ATOM 768 C CA . GLU B 2 635 ? 19.068  4.103   8.706   1.00 48.99  ? 635 GLU B CA 1 
ATOM 769 C CA . PRO B 2 636 ? 16.190  5.760   10.786  1.00 48.99  ? 636 PRO B CA 1 
ATOM 770 C CA . ARG B 2 637 ? 12.350  5.493   10.375  1.00 48.99  ? 637 ARG B CA 1 
ATOM 771 C CA . GLY B 2 638 ? 10.819  7.796   13.034  1.00 48.99  ? 638 GLY B CA 1 
ATOM 772 C CA . ASN B 2 639 ? 11.622  6.413   16.529  1.00 48.99  ? 639 ASN B CA 1 
ATOM 773 C CA . ALA B 2 640 ? 12.530  3.084   14.735  1.00 48.99  ? 640 ALA B CA 1 
ATOM 774 C CA . GLN B 2 641 ? 15.758  1.781   13.078  1.00 48.99  ? 641 GLN B CA 1 
ATOM 775 C CA . VAL B 2 642 ? 15.955  -0.283  9.812   1.00 48.99  ? 642 VAL B CA 1 
ATOM 776 C CA . ILE B 2 643 ? 18.575  -3.008  8.984   1.00 48.99  ? 643 ILE B CA 1 
ATOM 777 C CA . ARG B 2 644 ? 19.228  -3.445  5.200   1.00 48.99  ? 644 ARG B CA 1 
ATOM 778 C CA . ALA B 2 645 ? 20.891  -6.893  4.755   1.00 48.99  ? 645 ALA B CA 1 
ATOM 779 C CA . PHE B 2 646 ? 21.781  -9.943  2.577   1.00 48.99  ? 646 PHE B CA 1 
ATOM 780 C CA . VAL B 2 647 ? 20.793  -13.200 4.409   1.00 48.99  ? 647 VAL B CA 1 
ATOM 781 C CA . PRO B 2 648 ? 20.350  -16.583 2.552   1.00 48.99  ? 648 PRO B CA 1 
ATOM 782 C CA . LEU B 2 649 ? 16.719  -17.901 2.937   1.00 48.99  ? 649 LEU B CA 1 
ATOM 783 C CA . ALA B 2 650 ? 17.874  -21.243 4.424   1.00 48.99  ? 650 ALA B CA 1 
ATOM 784 C CA . GLU B 2 651 ? 18.901  -19.245 7.546   1.00 48.99  ? 651 GLU B CA 1 
ATOM 785 C CA . MET B 2 652 ? 15.756  -16.976 7.418   1.00 48.99  ? 652 MET B CA 1 
ATOM 786 C CA . PHE B 2 653 ? 13.278  -19.936 7.771   1.00 48.99  ? 653 PHE B CA 1 
ATOM 787 C CA . GLY B 2 654 ? 11.194  -18.895 10.835  1.00 48.99  ? 654 GLY B CA 1 
ATOM 788 C CA . TYR B 2 655 ? 12.844  -15.430 11.241  1.00 48.99  ? 655 TYR B CA 1 
ATOM 789 C CA . ALA B 2 656 ? 9.351   -14.102 12.245  1.00 48.99  ? 656 ALA B CA 1 
ATOM 790 C CA . THR B 2 657 ? 9.071   -15.894 15.655  1.00 48.99  ? 657 THR B CA 1 
ATOM 791 C CA . ASP B 2 658 ? 12.897  -15.657 16.117  1.00 48.99  ? 658 ASP B CA 1 
ATOM 792 C CA . LEU B 2 659 ? 12.980  -11.847 15.502  1.00 48.99  ? 659 LEU B CA 1 
ATOM 793 C CA . ARG B 2 660 ? 10.162  -11.186 18.066  1.00 48.99  ? 660 ARG B CA 1 
ATOM 794 C CA . SER B 2 661 ? 12.149  -13.440 20.491  1.00 48.99  ? 661 SER B CA 1 
ATOM 795 C CA . LYS B 2 662 ? 15.025  -10.937 19.709  1.00 48.99  ? 662 LYS B CA 1 
ATOM 796 C CA . THR B 2 663 ? 12.792  -7.762  20.001  1.00 48.99  ? 663 THR B CA 1 
ATOM 797 C CA . GLN B 2 664 ? 9.826   -8.465  22.383  1.00 48.99  ? 664 GLN B CA 1 
ATOM 798 C CA . GLY B 2 665 ? 7.778   -5.811  20.503  1.00 48.99  ? 665 GLY B CA 1 
ATOM 799 C CA . ARG B 2 666 ? 7.958   -5.211  16.742  1.00 48.99  ? 666 ARG B CA 1 
ATOM 800 C CA . GLY B 2 667 ? 9.853   -7.872  14.766  1.00 48.99  ? 667 GLY B CA 1 
ATOM 801 C CA . SER B 2 668 ? 8.780   -6.463  11.352  1.00 48.99  ? 668 SER B CA 1 
ATOM 802 C CA . PHE B 2 669 ? 10.766  -7.295  8.134   1.00 48.99  ? 669 PHE B CA 1 
ATOM 803 C CA . VAL B 2 670 ? 10.442  -7.694  4.264   1.00 48.99  ? 670 VAL B CA 1 
ATOM 804 C CA . MET B 2 671 ? 12.332  -9.675  1.439   1.00 32.02  ? 671 MET B CA 1 
ATOM 805 C CA . PHE B 2 672 ? 12.465  -10.302 -2.465  1.00 32.02  ? 672 PHE B CA 1 
ATOM 806 C CA . PHE B 2 673 ? 14.278  -11.977 -5.668  1.00 32.02  ? 673 PHE B CA 1 
ATOM 807 C CA . ASP B 2 674 ? 13.937  -14.015 -8.851  1.00 0.00   ? 674 ASP B CA 1 
ATOM 808 C CA . HIS B 2 675 ? 15.685  -15.081 -11.931 1.00 0.00   ? 675 HIS B CA 1 
ATOM 809 C CA . TYR B 2 676 ? 17.230  -18.481 -12.920 1.00 0.00   ? 676 TYR B CA 1 
ATOM 810 C CA . GLN B 2 677 ? 19.724  -20.264 -10.597 1.00 0.00   ? 677 GLN B CA 1 
ATOM 811 C CA . GLU B 2 678 ? 21.990  -23.317 -10.099 1.00 0.00   ? 678 GLU B CA 1 
ATOM 812 C CA . VAL B 2 679 ? 21.235  -26.213 -7.652  1.00 0.00   ? 679 VAL B CA 1 
ATOM 813 C CA . PRO B 2 680 ? 22.424  -26.870 -4.090  1.00 0.00   ? 680 PRO B CA 1 
ATOM 814 C CA . LYS B 2 681 ? 21.941  -30.668 -4.271  1.00 0.00   ? 681 LYS B CA 1 
ATOM 815 C CA . GLN B 2 682 ? 19.438  -32.873 -2.338  1.00 0.00   ? 682 GLN B CA 1 
ATOM 816 C CA . VAL B 2 683 ? 15.873  -31.956 -3.412  1.00 0.00   ? 683 VAL B CA 1 
ATOM 817 C CA . GLN B 2 684 ? 16.801  -32.470 -7.121  1.00 0.00   ? 684 GLN B CA 1 
ATOM 818 C CA . GLU B 2 685 ? 16.701  -36.271 -6.552  1.00 0.00   ? 685 GLU B CA 1 
ATOM 819 C CA . LYS B 2 686 ? 12.934  -36.212 -5.757  1.00 0.00   ? 686 LYS B CA 1 
ATOM 820 C CA . LEU B 2 687 ? 11.493  -33.510 -8.070  1.00 0.00   ? 687 LEU B CA 1 
ATOM 821 C CA . ILE B 2 688 ? 12.460  -35.677 -11.091 1.00 0.00   ? 688 ILE B CA 1 
ATOM 822 C CA . LYS B 2 689 ? 10.685  -38.640 -9.426  1.00 0.00   ? 689 LYS B CA 1 
ATOM 823 C CA . GLY B 2 690 ? 7.477   -36.652 -8.771  1.00 0.00   ? 690 GLY B CA 1 
ATOM 824 C CA . GLN B 2 691 ? 6.466   -34.801 -5.569  1.00 0.00   ? 691 GLN B CA 1 
# 
